data_2Z0J
#
_entry.id   2Z0J
#
_cell.length_a   89.860
_cell.length_b   65.004
_cell.length_c   176.266
_cell.angle_alpha   90.00
_cell.angle_beta   97.83
_cell.angle_gamma   90.00
#
_symmetry.space_group_name_H-M   'P 1 21 1'
#
loop_
_entity.id
_entity.type
_entity.pdbx_description
1 polymer 'Putative uncharacterized protein TTHA1438'
2 non-polymer 'CALCIUM ION'
3 non-polymer '2-(N-MORPHOLINO)-ETHANESULFONIC ACID'
4 water water
#
_entity_poly.entity_id   1
_entity_poly.type   'polypeptide(L)'
_entity_poly.pdbx_seq_one_letter_code
;MRLRVDVIPGEHLAYPDVVLVVDVIRATTTAAAFLEAGAEALYWTPSLESALAFKDEDVVLAGETGGLKPPRFDLGNSPR
EALSAQVAGRVVVMSTTNGTKAAHAAARTAKHVLLASLYNAHAAARLARELATEEVAILCAGKEGRAGLDDLYTAGVLAE
YLGFLGEVEPEDGARVALAVKRAYPDPLEALSLSAAALALKQVGLEADVPFCAQVAKSAAVPVLRGRVGEALIFKRA
;
_entity_poly.pdbx_strand_id   A,B,C,D,E,F,G,H
#
# COMPACT_ATOMS: atom_id res chain seq x y z
N MET A 1 -13.90 36.53 -1.24
CA MET A 1 -14.77 35.31 -1.14
C MET A 1 -14.83 34.64 -2.50
N ARG A 2 -14.69 33.32 -2.50
CA ARG A 2 -14.77 32.59 -3.77
C ARG A 2 -16.24 32.53 -4.13
N LEU A 3 -16.48 32.61 -5.43
CA LEU A 3 -17.84 32.53 -5.98
C LEU A 3 -17.74 31.37 -6.99
N ARG A 4 -18.58 30.37 -6.77
CA ARG A 4 -18.58 29.17 -7.63
C ARG A 4 -19.94 28.87 -8.15
N VAL A 5 -20.03 28.44 -9.40
CA VAL A 5 -21.32 27.96 -9.90
C VAL A 5 -21.03 26.60 -10.50
N ASP A 6 -21.83 25.61 -10.10
CA ASP A 6 -21.78 24.27 -10.70
C ASP A 6 -22.98 24.24 -11.64
N VAL A 7 -22.73 24.12 -12.93
CA VAL A 7 -23.82 24.23 -13.90
C VAL A 7 -24.77 23.07 -13.92
N ILE A 8 -24.34 21.95 -13.31
CA ILE A 8 -25.18 20.77 -13.16
C ILE A 8 -24.64 20.04 -11.91
N PRO A 9 -25.47 19.26 -11.22
CA PRO A 9 -24.98 18.53 -10.03
C PRO A 9 -24.10 17.36 -10.53
N GLY A 10 -23.41 16.78 -9.57
CA GLY A 10 -22.55 15.60 -9.80
C GLY A 10 -22.45 14.92 -8.48
N GLU A 11 -22.60 13.58 -8.50
CA GLU A 11 -22.58 12.86 -7.24
C GLU A 11 -21.33 13.08 -6.39
N HIS A 12 -20.18 13.21 -7.03
CA HIS A 12 -18.92 13.39 -6.32
C HIS A 12 -18.53 14.79 -5.97
N LEU A 13 -19.33 15.76 -6.42
CA LEU A 13 -18.99 17.14 -6.13
C LEU A 13 -19.24 17.48 -4.66
N ALA A 14 -18.30 18.24 -4.10
CA ALA A 14 -18.32 18.65 -2.71
C ALA A 14 -18.36 20.18 -2.58
N TYR A 15 -18.89 20.68 -1.46
CA TYR A 15 -19.05 22.12 -1.27
C TYR A 15 -18.48 22.46 0.06
N PRO A 16 -17.47 23.33 0.12
CA PRO A 16 -16.88 23.65 1.43
C PRO A 16 -17.63 24.62 2.32
N ASP A 17 -18.56 25.38 1.76
CA ASP A 17 -19.18 26.41 2.61
C ASP A 17 -20.67 26.57 2.27
N VAL A 18 -21.07 27.71 1.69
CA VAL A 18 -22.51 27.94 1.41
C VAL A 18 -22.90 27.47 0.02
N VAL A 19 -24.08 26.85 -0.09
CA VAL A 19 -24.62 26.51 -1.39
C VAL A 19 -25.99 27.08 -1.56
N LEU A 20 -26.19 27.84 -2.66
CA LEU A 20 -27.50 28.33 -3.06
C LEU A 20 -27.96 27.30 -4.13
N VAL A 21 -29.00 26.51 -3.85
CA VAL A 21 -29.46 25.52 -4.85
C VAL A 21 -30.56 26.21 -5.68
N VAL A 22 -30.46 26.04 -6.99
CA VAL A 22 -31.39 26.72 -7.91
C VAL A 22 -32.12 25.76 -8.83
N ASP A 23 -33.45 25.79 -8.80
CA ASP A 23 -34.29 25.05 -9.80
C ASP A 23 -35.42 26.04 -10.00
N VAL A 24 -35.15 27.03 -10.86
CA VAL A 24 -36.03 28.20 -10.93
C VAL A 24 -37.40 27.88 -11.53
N ILE A 25 -37.41 26.99 -12.52
CA ILE A 25 -38.68 26.51 -13.08
C ILE A 25 -38.66 25.00 -12.69
N ARG A 26 -39.25 24.59 -11.57
CA ARG A 26 -39.97 25.44 -10.65
C ARG A 26 -39.63 25.16 -9.18
N ALA A 27 -39.00 24.03 -8.88
CA ALA A 27 -38.91 23.67 -7.46
C ALA A 27 -38.44 24.68 -6.46
N THR A 28 -37.33 25.40 -6.70
CA THR A 28 -36.96 26.34 -5.64
C THR A 28 -37.83 27.56 -5.62
N THR A 29 -38.44 27.97 -6.75
CA THR A 29 -39.43 29.08 -6.68
C THR A 29 -40.63 28.62 -5.83
N THR A 30 -41.13 27.40 -6.09
CA THR A 30 -42.27 26.84 -5.37
C THR A 30 -41.92 26.75 -3.87
N ALA A 31 -40.69 26.36 -3.55
CA ALA A 31 -40.29 26.32 -2.13
C ALA A 31 -40.45 27.67 -1.45
N ALA A 32 -39.91 28.70 -2.07
CA ALA A 32 -40.05 30.02 -1.50
C ALA A 32 -41.51 30.46 -1.41
N ALA A 33 -42.33 30.13 -2.42
CA ALA A 33 -43.75 30.53 -2.39
C ALA A 33 -44.46 29.87 -1.21
N PHE A 34 -44.15 28.60 -0.94
CA PHE A 34 -44.77 27.96 0.24
C PHE A 34 -44.41 28.67 1.51
N LEU A 35 -43.13 29.08 1.66
CA LEU A 35 -42.77 29.81 2.90
C LEU A 35 -43.38 31.19 2.88
N GLU A 36 -43.49 31.83 1.72
CA GLU A 36 -44.15 33.14 1.68
C GLU A 36 -45.62 33.01 2.14
N ALA A 37 -46.24 31.87 1.86
CA ALA A 37 -47.62 31.56 2.23
C ALA A 37 -47.74 31.15 3.71
N GLY A 38 -46.63 31.09 4.41
CA GLY A 38 -46.69 30.81 5.83
C GLY A 38 -46.43 29.39 6.29
N ALA A 39 -46.02 28.50 5.38
CA ALA A 39 -45.71 27.14 5.80
C ALA A 39 -44.70 27.15 6.94
N GLU A 40 -44.85 26.24 7.88
CA GLU A 40 -43.92 26.17 9.01
C GLU A 40 -42.56 25.58 8.59
N ALA A 41 -42.60 24.60 7.68
CA ALA A 41 -41.37 23.96 7.24
C ALA A 41 -41.61 23.31 5.92
N LEU A 42 -40.54 23.10 5.19
CA LEU A 42 -40.62 22.32 3.94
C LEU A 42 -39.75 21.09 4.18
N TYR A 43 -40.28 19.91 3.91
CA TYR A 43 -39.48 18.66 4.05
C TYR A 43 -39.22 18.24 2.60
N TRP A 44 -37.97 18.24 2.18
CA TRP A 44 -37.64 17.89 0.77
C TRP A 44 -37.08 16.51 0.75
N THR A 45 -37.74 15.61 0.01
CA THR A 45 -37.23 14.23 -0.06
C THR A 45 -36.72 13.98 -1.49
N PRO A 46 -36.02 12.88 -1.68
CA PRO A 46 -35.45 12.55 -2.99
C PRO A 46 -36.24 11.60 -3.83
N SER A 47 -37.47 11.35 -3.47
CA SER A 47 -38.35 10.49 -4.25
C SER A 47 -39.80 10.64 -3.91
N LEU A 48 -40.69 10.27 -4.85
CA LEU A 48 -42.11 10.31 -4.58
C LEU A 48 -42.48 9.37 -3.42
N GLU A 49 -41.90 8.17 -3.45
CA GLU A 49 -42.21 7.19 -2.43
C GLU A 49 -41.84 7.69 -1.04
N SER A 50 -40.67 8.27 -0.90
CA SER A 50 -40.26 8.74 0.43
C SER A 50 -41.11 9.91 0.87
N ALA A 51 -41.54 10.78 -0.04
CA ALA A 51 -42.44 11.87 0.34
C ALA A 51 -43.78 11.36 0.83
N LEU A 52 -44.31 10.33 0.16
CA LEU A 52 -45.58 9.78 0.60
C LEU A 52 -45.54 9.20 2.01
N ALA A 53 -44.35 8.75 2.43
CA ALA A 53 -44.24 8.18 3.80
C ALA A 53 -44.54 9.20 4.87
N PHE A 54 -44.42 10.49 4.53
CA PHE A 54 -44.67 11.54 5.50
C PHE A 54 -46.12 12.01 5.59
N LYS A 55 -47.02 11.37 4.84
CA LYS A 55 -48.45 11.70 4.91
C LYS A 55 -48.93 11.66 6.37
N ASP A 56 -49.67 12.67 6.78
CA ASP A 56 -50.17 12.71 8.15
C ASP A 56 -51.20 13.82 8.22
N GLU A 57 -51.96 13.81 9.31
CA GLU A 57 -52.97 14.82 9.46
C GLU A 57 -52.32 16.19 9.37
N ASP A 58 -52.92 17.05 8.59
CA ASP A 58 -52.43 18.42 8.41
C ASP A 58 -51.06 18.59 7.73
N VAL A 59 -50.52 17.54 7.12
CA VAL A 59 -49.26 17.66 6.36
C VAL A 59 -49.70 17.80 4.89
N VAL A 60 -49.11 18.73 4.11
CA VAL A 60 -49.49 18.92 2.71
C VAL A 60 -48.40 18.32 1.82
N LEU A 61 -48.79 17.46 0.88
CA LEU A 61 -47.82 16.80 0.01
C LEU A 61 -47.87 17.46 -1.35
N ALA A 62 -46.72 17.92 -1.81
CA ALA A 62 -46.62 18.60 -3.10
C ALA A 62 -45.50 18.01 -3.92
N GLY A 63 -45.66 18.01 -5.23
CA GLY A 63 -44.55 17.48 -6.02
C GLY A 63 -44.97 17.21 -7.41
N GLU A 64 -44.05 16.61 -8.13
CA GLU A 64 -44.32 16.27 -9.52
C GLU A 64 -43.43 15.23 -10.08
N THR A 65 -43.94 14.54 -11.12
CA THR A 65 -43.10 13.73 -11.98
C THR A 65 -43.62 14.18 -13.37
N GLY A 66 -42.68 14.43 -14.29
CA GLY A 66 -43.03 14.97 -15.62
C GLY A 66 -43.73 16.33 -15.52
N GLY A 67 -43.48 17.03 -14.41
CA GLY A 67 -44.12 18.31 -14.17
C GLY A 67 -45.54 18.27 -13.64
N LEU A 68 -46.12 17.08 -13.64
CA LEU A 68 -47.51 16.92 -13.24
C LEU A 68 -47.67 16.41 -11.82
N LYS A 69 -48.69 16.92 -11.14
CA LYS A 69 -48.98 16.40 -9.79
C LYS A 69 -49.21 14.88 -9.80
N PRO A 70 -48.56 14.13 -8.91
CA PRO A 70 -48.79 12.66 -8.87
C PRO A 70 -50.22 12.47 -8.27
N PRO A 71 -50.89 11.35 -8.63
CA PRO A 71 -52.25 11.13 -8.11
C PRO A 71 -52.53 11.26 -6.62
N ARG A 72 -51.60 10.75 -5.81
CA ARG A 72 -51.75 10.75 -4.36
C ARG A 72 -51.32 12.02 -3.64
N PHE A 73 -50.86 13.02 -4.38
CA PHE A 73 -50.41 14.27 -3.75
C PHE A 73 -51.51 15.31 -3.67
N ASP A 74 -51.38 16.22 -2.73
CA ASP A 74 -52.35 17.30 -2.56
C ASP A 74 -52.16 18.43 -3.64
N LEU A 75 -50.91 18.74 -3.95
CA LEU A 75 -50.56 19.80 -4.91
C LEU A 75 -49.48 19.34 -5.81
N GLY A 76 -49.39 20.03 -6.96
CA GLY A 76 -48.31 19.82 -7.91
C GLY A 76 -47.15 20.76 -7.55
N ASN A 77 -46.39 21.21 -8.57
CA ASN A 77 -45.22 22.03 -8.35
C ASN A 77 -45.40 23.43 -8.86
N SER A 78 -46.64 23.91 -8.92
CA SER A 78 -46.85 25.29 -9.31
C SER A 78 -46.58 26.25 -8.17
N PRO A 79 -45.76 27.29 -8.40
CA PRO A 79 -45.51 28.24 -7.33
C PRO A 79 -46.71 29.16 -7.12
N ARG A 80 -47.53 29.32 -8.15
CA ARG A 80 -48.75 30.13 -7.99
C ARG A 80 -49.70 29.41 -7.07
N GLU A 81 -49.86 28.12 -7.28
CA GLU A 81 -50.75 27.34 -6.39
C GLU A 81 -50.14 27.23 -5.01
N ALA A 82 -48.81 27.19 -4.89
CA ALA A 82 -48.22 27.14 -3.58
C ALA A 82 -48.50 28.41 -2.78
N LEU A 83 -48.39 29.55 -3.46
CA LEU A 83 -48.57 30.83 -2.80
C LEU A 83 -49.99 31.00 -2.28
N SER A 84 -50.96 30.41 -2.98
CA SER A 84 -52.36 30.57 -2.55
C SER A 84 -52.87 29.34 -1.76
N ALA A 85 -52.00 28.39 -1.45
CA ALA A 85 -52.39 27.18 -0.71
C ALA A 85 -52.65 27.41 0.78
N GLN A 86 -53.43 26.48 1.33
CA GLN A 86 -53.77 26.53 2.77
C GLN A 86 -52.66 25.80 3.50
N VAL A 87 -51.58 26.51 3.78
CA VAL A 87 -50.41 25.91 4.38
C VAL A 87 -49.88 26.65 5.58
N ALA A 88 -50.51 27.77 5.94
CA ALA A 88 -50.00 28.48 7.10
C ALA A 88 -49.86 27.60 8.35
N GLY A 89 -48.67 27.62 8.91
CA GLY A 89 -48.38 26.81 10.08
C GLY A 89 -48.25 25.30 9.88
N ARG A 90 -48.27 24.84 8.62
CA ARG A 90 -48.20 23.41 8.34
C ARG A 90 -46.87 23.05 7.73
N VAL A 91 -46.58 21.75 7.77
CA VAL A 91 -45.39 21.19 7.13
C VAL A 91 -45.79 20.83 5.68
N VAL A 92 -45.00 21.28 4.71
CA VAL A 92 -45.23 20.94 3.30
C VAL A 92 -44.11 19.98 2.91
N VAL A 93 -44.45 18.77 2.45
CA VAL A 93 -43.45 17.79 2.04
C VAL A 93 -43.38 17.87 0.53
N MET A 94 -42.18 17.99 -0.04
CA MET A 94 -42.04 18.01 -1.51
C MET A 94 -41.03 17.04 -2.06
N SER A 95 -41.38 16.48 -3.24
CA SER A 95 -40.44 15.65 -4.03
C SER A 95 -40.61 16.13 -5.46
N THR A 96 -39.49 16.52 -6.11
CA THR A 96 -39.57 16.96 -7.51
C THR A 96 -38.48 16.27 -8.33
N THR A 97 -38.55 16.40 -9.64
CA THR A 97 -37.59 15.77 -10.51
C THR A 97 -36.12 16.23 -10.37
N ASN A 98 -35.90 17.53 -10.33
CA ASN A 98 -34.50 17.95 -10.32
C ASN A 98 -34.07 18.60 -9.04
N GLY A 99 -34.85 19.57 -8.61
CA GLY A 99 -34.45 20.33 -7.45
C GLY A 99 -34.27 19.61 -6.14
N THR A 100 -35.22 18.76 -5.76
CA THR A 100 -35.09 18.19 -4.42
C THR A 100 -33.90 17.26 -4.37
N LYS A 101 -33.57 16.57 -5.47
CA LYS A 101 -32.39 15.72 -5.47
C LYS A 101 -31.09 16.53 -5.44
N ALA A 102 -31.11 17.68 -6.12
CA ALA A 102 -29.92 18.55 -6.11
C ALA A 102 -29.62 19.04 -4.68
N ALA A 103 -30.69 19.35 -3.94
CA ALA A 103 -30.49 19.80 -2.55
C ALA A 103 -29.86 18.70 -1.72
N HIS A 104 -30.33 17.46 -1.91
CA HIS A 104 -29.72 16.34 -1.20
C HIS A 104 -28.24 16.18 -1.58
N ALA A 105 -27.92 16.39 -2.85
CA ALA A 105 -26.52 16.26 -3.26
C ALA A 105 -25.66 17.34 -2.56
N ALA A 106 -26.14 18.58 -2.50
CA ALA A 106 -25.37 19.62 -1.89
C ALA A 106 -25.24 19.38 -0.37
N ALA A 107 -26.32 18.93 0.27
CA ALA A 107 -26.33 18.74 1.72
C ALA A 107 -25.42 17.66 2.21
N ARG A 108 -24.89 16.85 1.32
CA ARG A 108 -23.96 15.82 1.78
C ARG A 108 -22.71 16.46 2.37
N THR A 109 -22.27 17.58 1.83
CA THR A 109 -21.04 18.22 2.28
C THR A 109 -21.13 19.72 2.67
N ALA A 110 -22.14 20.45 2.20
CA ALA A 110 -22.16 21.89 2.46
C ALA A 110 -22.33 22.26 3.92
N LYS A 111 -21.74 23.38 4.29
CA LYS A 111 -21.96 23.95 5.63
C LYS A 111 -23.40 24.56 5.71
N HIS A 112 -23.88 25.22 4.64
CA HIS A 112 -25.20 25.84 4.63
C HIS A 112 -25.81 25.55 3.30
N VAL A 113 -27.11 25.28 3.28
CA VAL A 113 -27.84 25.06 2.01
C VAL A 113 -29.07 25.97 2.02
N LEU A 114 -29.20 26.81 0.99
CA LEU A 114 -30.30 27.76 0.85
C LEU A 114 -30.97 27.48 -0.47
N LEU A 115 -32.31 27.67 -0.56
CA LEU A 115 -33.00 27.41 -1.83
C LEU A 115 -33.29 28.77 -2.45
N ALA A 116 -32.71 28.96 -3.63
CA ALA A 116 -32.73 30.25 -4.26
C ALA A 116 -33.44 30.25 -5.61
N SER A 117 -34.00 31.43 -5.94
CA SER A 117 -34.75 31.56 -7.21
C SER A 117 -34.72 33.05 -7.60
N LEU A 118 -35.23 33.39 -8.77
CA LEU A 118 -35.35 34.80 -9.11
C LEU A 118 -36.30 35.47 -8.10
N TYR A 119 -37.38 34.76 -7.78
CA TYR A 119 -38.44 35.24 -6.88
C TYR A 119 -37.90 35.73 -5.54
N ASN A 120 -36.93 35.04 -4.95
CA ASN A 120 -36.34 35.51 -3.67
C ASN A 120 -34.86 35.85 -3.83
N ALA A 121 -34.45 36.27 -5.03
CA ALA A 121 -33.02 36.42 -5.26
C ALA A 121 -32.20 37.31 -4.37
N HIS A 122 -32.74 38.50 -4.11
CA HIS A 122 -31.90 39.39 -3.31
C HIS A 122 -31.80 38.93 -1.89
N ALA A 123 -32.91 38.45 -1.32
CA ALA A 123 -32.84 37.97 0.08
C ALA A 123 -31.92 36.74 0.16
N ALA A 124 -31.97 35.89 -0.86
CA ALA A 124 -31.16 34.68 -0.82
C ALA A 124 -29.68 35.02 -0.96
N ALA A 125 -29.35 35.92 -1.91
CA ALA A 125 -27.96 36.32 -2.04
C ALA A 125 -27.44 37.01 -0.79
N ARG A 126 -28.25 37.89 -0.20
CA ARG A 126 -27.81 38.56 1.03
C ARG A 126 -27.56 37.58 2.15
N LEU A 127 -28.45 36.59 2.34
CA LEU A 127 -28.23 35.59 3.39
C LEU A 127 -26.99 34.72 3.11
N ALA A 128 -26.77 34.38 1.83
CA ALA A 128 -25.58 33.57 1.50
C ALA A 128 -24.32 34.35 1.86
N ARG A 129 -24.28 35.63 1.49
CA ARG A 129 -23.06 36.39 1.84
C ARG A 129 -22.90 36.53 3.34
N GLU A 130 -24.01 36.71 4.05
CA GLU A 130 -23.90 36.85 5.51
C GLU A 130 -23.36 35.56 6.14
N LEU A 131 -23.77 34.40 5.66
CA LEU A 131 -23.35 33.16 6.29
C LEU A 131 -22.02 32.66 5.82
N ALA A 132 -21.58 33.07 4.63
CA ALA A 132 -20.34 32.56 4.09
C ALA A 132 -19.07 33.12 4.73
N THR A 133 -18.05 32.28 4.76
CA THR A 133 -16.76 32.70 5.31
C THR A 133 -15.65 32.53 4.26
N GLU A 134 -15.79 31.53 3.38
CA GLU A 134 -14.82 31.29 2.32
C GLU A 134 -15.38 31.14 0.94
N GLU A 135 -16.65 30.70 0.82
CA GLU A 135 -17.20 30.50 -0.50
C GLU A 135 -18.70 30.48 -0.58
N VAL A 136 -19.21 31.11 -1.62
CA VAL A 136 -20.63 30.93 -1.96
C VAL A 136 -20.62 30.18 -3.28
N ALA A 137 -21.22 28.99 -3.27
CA ALA A 137 -21.40 28.18 -4.48
C ALA A 137 -22.89 28.21 -4.81
N ILE A 138 -23.17 28.15 -6.11
CA ILE A 138 -24.55 28.10 -6.59
C ILE A 138 -24.63 26.82 -7.37
N LEU A 139 -25.54 25.94 -6.95
CA LEU A 139 -25.74 24.65 -7.65
C LEU A 139 -26.98 24.71 -8.50
N CYS A 140 -26.80 24.66 -9.81
CA CYS A 140 -27.95 24.70 -10.77
C CYS A 140 -28.42 23.27 -10.96
N ALA A 141 -29.70 22.99 -10.74
CA ALA A 141 -30.18 21.60 -10.90
C ALA A 141 -30.18 21.12 -12.34
N GLY A 142 -30.46 21.99 -13.31
CA GLY A 142 -30.47 21.48 -14.68
C GLY A 142 -31.51 20.36 -14.82
N LYS A 143 -31.30 19.50 -15.78
CA LYS A 143 -32.19 18.36 -15.98
C LYS A 143 -31.38 17.17 -16.54
N GLU A 144 -31.36 16.09 -15.77
CA GLU A 144 -30.70 14.86 -16.19
C GLU A 144 -29.35 14.99 -16.88
N GLY A 145 -28.47 15.70 -16.20
CA GLY A 145 -27.11 15.84 -16.67
C GLY A 145 -26.85 16.91 -17.69
N ARG A 146 -27.86 17.73 -18.01
CA ARG A 146 -27.67 18.82 -18.96
C ARG A 146 -28.07 20.14 -18.31
N ALA A 147 -27.31 21.18 -18.61
CA ALA A 147 -27.56 22.48 -17.97
C ALA A 147 -28.79 23.20 -18.50
N GLY A 148 -29.44 23.94 -17.61
CA GLY A 148 -30.62 24.71 -17.98
C GLY A 148 -30.29 26.19 -18.09
N LEU A 149 -30.73 26.79 -19.18
CA LEU A 149 -30.50 28.24 -19.43
C LEU A 149 -31.16 29.07 -18.32
N ASP A 150 -32.30 28.61 -17.87
CA ASP A 150 -33.03 29.33 -16.81
C ASP A 150 -32.30 29.28 -15.47
N ASP A 151 -31.81 28.09 -15.09
CA ASP A 151 -31.06 28.02 -13.82
C ASP A 151 -29.77 28.82 -13.91
N LEU A 152 -29.06 28.74 -15.04
CA LEU A 152 -27.81 29.53 -15.18
C LEU A 152 -28.10 31.05 -15.20
N TYR A 153 -29.18 31.50 -15.84
CA TYR A 153 -29.51 32.94 -15.78
C TYR A 153 -29.73 33.33 -14.29
N THR A 154 -30.44 32.50 -13.55
CA THR A 154 -30.74 32.80 -12.15
C THR A 154 -29.43 32.84 -11.37
N ALA A 155 -28.54 31.86 -11.60
CA ALA A 155 -27.24 31.89 -10.94
C ALA A 155 -26.48 33.20 -11.28
N GLY A 156 -26.63 33.69 -12.51
CA GLY A 156 -25.96 34.93 -12.83
C GLY A 156 -26.56 36.14 -12.11
N VAL A 157 -27.86 36.18 -11.92
CA VAL A 157 -28.49 37.25 -11.14
C VAL A 157 -27.95 37.18 -9.70
N LEU A 158 -27.86 35.95 -9.15
CA LEU A 158 -27.36 35.82 -7.79
C LEU A 158 -25.90 36.22 -7.69
N ALA A 159 -25.10 35.77 -8.69
CA ALA A 159 -23.66 36.10 -8.70
C ALA A 159 -23.45 37.61 -8.76
N GLU A 160 -24.25 38.30 -9.57
CA GLU A 160 -24.14 39.77 -9.70
C GLU A 160 -24.44 40.42 -8.38
N TYR A 161 -25.49 39.96 -7.72
CA TYR A 161 -25.84 40.59 -6.43
C TYR A 161 -24.76 40.34 -5.37
N LEU A 162 -24.20 39.11 -5.36
CA LEU A 162 -23.16 38.79 -4.36
C LEU A 162 -21.99 39.76 -4.58
N GLY A 163 -21.72 40.11 -5.83
CA GLY A 163 -20.64 41.06 -6.12
C GLY A 163 -20.89 42.47 -5.60
N PHE A 164 -22.14 42.85 -5.41
CA PHE A 164 -22.45 44.16 -4.86
C PHE A 164 -22.06 44.19 -3.40
N LEU A 165 -21.96 43.04 -2.78
CA LEU A 165 -21.68 42.97 -1.36
C LEU A 165 -20.25 42.84 -0.94
N GLY A 166 -19.35 42.78 -1.93
CA GLY A 166 -17.94 42.65 -1.58
C GLY A 166 -17.17 41.90 -2.62
N GLU A 167 -15.86 41.74 -2.36
CA GLU A 167 -14.98 41.05 -3.30
C GLU A 167 -15.41 39.64 -3.62
N VAL A 168 -15.42 39.30 -4.90
CA VAL A 168 -15.70 37.91 -5.28
C VAL A 168 -14.62 37.43 -6.23
N GLU A 169 -14.26 36.16 -6.06
CA GLU A 169 -13.29 35.54 -6.94
C GLU A 169 -14.07 34.45 -7.67
N PRO A 170 -14.52 34.75 -8.88
CA PRO A 170 -15.30 33.75 -9.63
C PRO A 170 -14.47 32.67 -10.29
N GLU A 171 -15.02 31.45 -10.34
CA GLU A 171 -14.39 30.41 -11.13
C GLU A 171 -15.15 30.25 -12.46
N ASP A 172 -14.87 29.20 -13.22
CA ASP A 172 -15.42 29.10 -14.58
C ASP A 172 -16.95 29.14 -14.61
N GLY A 173 -17.57 28.34 -13.77
CA GLY A 173 -19.04 28.33 -13.79
C GLY A 173 -19.65 29.66 -13.47
N ALA A 174 -19.06 30.38 -12.53
CA ALA A 174 -19.59 31.70 -12.18
C ALA A 174 -19.44 32.66 -13.36
N ARG A 175 -18.33 32.57 -14.12
CA ARG A 175 -18.20 33.48 -15.29
C ARG A 175 -19.22 33.09 -16.36
N VAL A 176 -19.50 31.78 -16.52
CA VAL A 176 -20.53 31.36 -17.47
C VAL A 176 -21.91 31.93 -17.02
N ALA A 177 -22.23 31.82 -15.72
CA ALA A 177 -23.53 32.31 -15.23
C ALA A 177 -23.66 33.80 -15.46
N LEU A 178 -22.59 34.55 -15.15
CA LEU A 178 -22.66 36.00 -15.36
C LEU A 178 -22.79 36.31 -16.85
N ALA A 179 -22.17 35.52 -17.72
CA ALA A 179 -22.33 35.78 -19.16
C ALA A 179 -23.80 35.57 -19.57
N VAL A 180 -24.44 34.52 -19.06
CA VAL A 180 -25.85 34.29 -19.40
C VAL A 180 -26.70 35.45 -18.90
N LYS A 181 -26.44 35.93 -17.69
CA LYS A 181 -27.22 37.07 -17.18
C LYS A 181 -27.03 38.26 -18.12
N ARG A 182 -25.78 38.56 -18.50
CA ARG A 182 -25.55 39.72 -19.38
C ARG A 182 -26.21 39.60 -20.73
N ALA A 183 -26.40 38.37 -21.18
CA ALA A 183 -27.01 38.13 -22.50
C ALA A 183 -28.52 38.36 -22.54
N TYR A 184 -29.18 38.39 -21.38
CA TYR A 184 -30.64 38.55 -21.31
C TYR A 184 -31.08 39.60 -20.33
N PRO A 185 -31.24 40.85 -20.78
CA PRO A 185 -31.69 41.98 -19.96
C PRO A 185 -33.08 41.71 -19.35
N ASP A 186 -33.91 40.90 -20.03
CA ASP A 186 -35.26 40.59 -19.52
C ASP A 186 -35.24 39.12 -19.00
N PRO A 187 -35.45 38.94 -17.68
CA PRO A 187 -35.45 37.58 -17.12
C PRO A 187 -36.49 36.71 -17.79
N LEU A 188 -37.62 37.28 -18.21
CA LEU A 188 -38.65 36.46 -18.84
C LEU A 188 -38.18 35.89 -20.16
N GLU A 189 -37.25 36.57 -20.86
CA GLU A 189 -36.78 36.00 -22.14
C GLU A 189 -35.89 34.79 -21.89
N ALA A 190 -34.98 34.89 -20.93
CA ALA A 190 -34.12 33.74 -20.63
C ALA A 190 -34.99 32.57 -20.21
N LEU A 191 -35.97 32.83 -19.37
CA LEU A 191 -36.81 31.74 -18.91
C LEU A 191 -37.72 31.18 -19.97
N SER A 192 -38.36 32.05 -20.76
CA SER A 192 -39.29 31.51 -21.74
C SER A 192 -38.64 30.77 -22.90
N LEU A 193 -37.38 31.07 -23.19
CA LEU A 193 -36.62 30.30 -24.23
C LEU A 193 -36.12 28.94 -23.70
N SER A 194 -36.15 28.78 -22.38
CA SER A 194 -35.59 27.58 -21.79
C SER A 194 -36.35 26.29 -22.00
N ALA A 195 -35.63 25.17 -22.03
CA ALA A 195 -36.26 23.88 -22.15
C ALA A 195 -37.30 23.66 -21.05
N ALA A 196 -37.03 24.15 -19.82
CA ALA A 196 -37.98 23.96 -18.74
C ALA A 196 -39.29 24.64 -19.02
N ALA A 197 -39.26 25.85 -19.63
CA ALA A 197 -40.52 26.53 -19.97
C ALA A 197 -41.23 25.81 -21.09
N LEU A 198 -40.49 25.33 -22.08
CA LEU A 198 -41.12 24.62 -23.19
C LEU A 198 -41.73 23.30 -22.71
N ALA A 199 -41.10 22.69 -21.71
CA ALA A 199 -41.65 21.44 -21.18
C ALA A 199 -42.96 21.72 -20.46
N LEU A 200 -43.09 22.86 -19.79
CA LEU A 200 -44.36 23.20 -19.14
C LEU A 200 -45.44 23.42 -20.20
N LYS A 201 -45.10 24.09 -21.30
CA LYS A 201 -46.06 24.33 -22.38
C LYS A 201 -46.56 22.99 -22.93
N GLN A 202 -45.70 21.99 -23.03
CA GLN A 202 -46.17 20.68 -23.54
C GLN A 202 -47.31 20.09 -22.72
N VAL A 203 -47.36 20.42 -21.42
CA VAL A 203 -48.38 19.88 -20.54
C VAL A 203 -49.34 20.87 -19.96
N GLY A 204 -49.39 22.06 -20.55
CA GLY A 204 -50.35 23.07 -20.15
C GLY A 204 -50.12 23.83 -18.86
N LEU A 205 -48.87 23.83 -18.39
CA LEU A 205 -48.56 24.47 -17.11
C LEU A 205 -47.75 25.77 -17.29
N GLU A 206 -47.71 26.28 -18.51
CA GLU A 206 -46.89 27.47 -18.75
C GLU A 206 -47.26 28.76 -18.05
N ALA A 207 -48.43 28.81 -17.40
CA ALA A 207 -48.80 30.01 -16.65
C ALA A 207 -47.84 30.23 -15.48
N ASP A 208 -47.11 29.17 -15.08
CA ASP A 208 -46.16 29.33 -13.99
C ASP A 208 -44.87 30.07 -14.43
N VAL A 209 -44.60 30.18 -15.73
CA VAL A 209 -43.34 30.80 -16.11
C VAL A 209 -43.26 32.28 -15.69
N PRO A 210 -44.31 33.08 -15.93
CA PRO A 210 -44.18 34.48 -15.48
C PRO A 210 -43.92 34.62 -13.99
N PHE A 211 -44.52 33.72 -13.19
CA PHE A 211 -44.33 33.78 -11.76
C PHE A 211 -42.84 33.57 -11.47
N CYS A 212 -42.27 32.59 -12.17
CA CYS A 212 -40.84 32.25 -11.96
C CYS A 212 -39.87 33.30 -12.40
N ALA A 213 -40.36 34.19 -13.30
CA ALA A 213 -39.52 35.28 -13.78
C ALA A 213 -39.55 36.53 -12.92
N GLN A 214 -40.34 36.52 -11.84
CA GLN A 214 -40.36 37.68 -10.91
C GLN A 214 -39.03 37.75 -10.19
N VAL A 215 -38.49 38.96 -10.07
CA VAL A 215 -37.24 39.15 -9.40
C VAL A 215 -37.38 39.85 -8.08
N ALA A 216 -36.95 39.16 -7.04
CA ALA A 216 -36.92 39.71 -5.67
C ALA A 216 -38.26 40.23 -5.18
N LYS A 217 -39.31 39.42 -5.40
CA LYS A 217 -40.66 39.78 -4.91
C LYS A 217 -40.89 39.20 -3.53
N SER A 218 -40.03 38.28 -3.09
CA SER A 218 -40.22 37.65 -1.75
C SER A 218 -38.92 37.67 -0.98
N ALA A 219 -39.04 37.84 0.32
CA ALA A 219 -37.91 37.79 1.24
C ALA A 219 -37.75 36.42 1.85
N ALA A 220 -38.61 35.49 1.47
CA ALA A 220 -38.59 34.16 2.10
C ALA A 220 -37.46 33.30 1.51
N VAL A 221 -36.54 32.92 2.38
CA VAL A 221 -35.42 32.06 1.97
C VAL A 221 -35.43 30.77 2.76
N PRO A 222 -35.74 29.64 2.10
CA PRO A 222 -35.73 28.32 2.74
C PRO A 222 -34.24 28.03 3.09
N VAL A 223 -33.95 27.76 4.37
CA VAL A 223 -32.59 27.46 4.80
C VAL A 223 -32.61 26.09 5.47
N LEU A 224 -31.65 25.24 5.13
CA LEU A 224 -31.61 23.93 5.72
C LEU A 224 -31.25 23.99 7.21
N ARG A 225 -32.09 23.37 8.03
CA ARG A 225 -31.83 23.35 9.47
C ARG A 225 -31.83 21.99 10.10
N GLY A 226 -32.18 20.96 9.34
CA GLY A 226 -32.16 19.63 9.94
C GLY A 226 -32.48 18.56 8.90
N ARG A 227 -32.61 17.33 9.39
CA ARG A 227 -32.91 16.19 8.52
C ARG A 227 -33.65 15.19 9.38
N VAL A 228 -34.68 14.59 8.82
CA VAL A 228 -35.41 13.53 9.55
C VAL A 228 -35.68 12.44 8.51
N GLY A 229 -35.08 11.26 8.70
CA GLY A 229 -35.25 10.20 7.69
C GLY A 229 -34.72 10.69 6.34
N GLU A 230 -35.56 10.55 5.32
CA GLU A 230 -35.24 10.95 3.96
C GLU A 230 -35.56 12.42 3.68
N ALA A 231 -36.04 13.18 4.67
CA ALA A 231 -36.37 14.57 4.45
C ALA A 231 -35.33 15.55 4.94
N LEU A 232 -34.96 16.47 4.07
CA LEU A 232 -34.16 17.63 4.47
C LEU A 232 -35.21 18.60 5.02
N ILE A 233 -34.90 19.19 6.17
CA ILE A 233 -35.83 20.13 6.77
C ILE A 233 -35.44 21.57 6.53
N PHE A 234 -36.26 22.28 5.77
CA PHE A 234 -36.00 23.71 5.47
C PHE A 234 -36.98 24.59 6.22
N LYS A 235 -36.45 25.70 6.79
CA LYS A 235 -37.29 26.64 7.49
C LYS A 235 -37.09 28.01 6.86
N ARG A 236 -37.98 28.94 7.16
CA ARG A 236 -37.81 30.28 6.63
C ARG A 236 -36.69 30.97 7.43
N ALA A 237 -35.70 31.53 6.74
CA ALA A 237 -34.61 32.16 7.41
C ALA A 237 -35.09 33.38 8.14
N MET B 1 -32.15 22.57 -38.73
CA MET B 1 -30.94 21.84 -38.22
C MET B 1 -30.83 22.13 -36.73
N ARG B 2 -31.02 21.13 -35.89
CA ARG B 2 -30.91 21.41 -34.46
C ARG B 2 -29.44 21.69 -34.11
N LEU B 3 -29.25 22.59 -33.14
CA LEU B 3 -27.93 22.98 -32.66
C LEU B 3 -27.94 22.75 -31.14
N ARG B 4 -27.08 21.86 -30.69
CA ARG B 4 -27.07 21.44 -29.28
C ARG B 4 -25.69 21.55 -28.70
N VAL B 5 -25.60 22.02 -27.46
CA VAL B 5 -24.30 22.00 -26.74
C VAL B 5 -24.51 21.29 -25.44
N ASP B 6 -23.70 20.27 -25.17
CA ASP B 6 -23.71 19.62 -23.84
C ASP B 6 -22.52 20.21 -23.13
N VAL B 7 -22.78 20.90 -22.00
CA VAL B 7 -21.70 21.60 -21.29
C VAL B 7 -20.73 20.73 -20.56
N ILE B 8 -21.11 19.48 -20.35
CA ILE B 8 -20.25 18.47 -19.75
C ILE B 8 -20.73 17.11 -20.27
N PRO B 9 -19.85 16.10 -20.30
CA PRO B 9 -20.35 14.80 -20.78
C PRO B 9 -21.21 14.12 -19.70
N GLY B 10 -21.92 13.08 -20.12
CA GLY B 10 -22.74 12.29 -19.21
C GLY B 10 -22.78 10.88 -19.76
N GLU B 11 -22.58 9.88 -18.90
CA GLU B 11 -22.55 8.50 -19.39
C GLU B 11 -23.82 8.11 -20.13
N HIS B 12 -24.95 8.63 -19.65
CA HIS B 12 -26.26 8.35 -20.23
C HIS B 12 -26.69 9.20 -21.44
N LEU B 13 -25.93 10.26 -21.74
CA LEU B 13 -26.33 11.11 -22.84
C LEU B 13 -26.14 10.47 -24.20
N ALA B 14 -27.09 10.74 -25.07
CA ALA B 14 -27.08 10.18 -26.40
C ALA B 14 -27.08 11.25 -27.47
N TYR B 15 -26.43 10.93 -28.58
CA TYR B 15 -26.32 11.85 -29.71
C TYR B 15 -26.87 11.22 -30.96
N PRO B 16 -27.91 11.84 -31.54
CA PRO B 16 -28.48 11.25 -32.76
C PRO B 16 -27.76 11.46 -34.08
N ASP B 17 -26.86 12.44 -34.15
CA ASP B 17 -26.26 12.73 -35.46
C ASP B 17 -24.78 13.10 -35.31
N VAL B 18 -24.44 14.36 -35.50
CA VAL B 18 -23.04 14.78 -35.46
C VAL B 18 -22.63 15.27 -34.08
N VAL B 19 -21.40 14.96 -33.69
CA VAL B 19 -20.91 15.50 -32.40
C VAL B 19 -19.51 16.07 -32.62
N LEU B 20 -19.40 17.36 -32.30
CA LEU B 20 -18.10 18.02 -32.29
C LEU B 20 -17.57 17.94 -30.82
N VAL B 21 -16.52 17.16 -30.56
CA VAL B 21 -15.98 17.05 -29.19
C VAL B 21 -14.95 18.16 -28.98
N VAL B 22 -15.09 18.88 -27.87
CA VAL B 22 -14.20 20.00 -27.57
C VAL B 22 -13.44 19.88 -26.27
N ASP B 23 -12.11 19.94 -26.35
CA ASP B 23 -11.25 20.00 -25.14
C ASP B 23 -10.18 20.97 -25.66
N VAL B 24 -10.51 22.26 -25.62
CA VAL B 24 -9.68 23.25 -26.29
C VAL B 24 -8.33 23.45 -25.62
N ILE B 25 -8.26 23.34 -24.30
CA ILE B 25 -6.96 23.41 -23.63
C ILE B 25 -6.85 22.02 -22.97
N ARG B 26 -6.19 21.05 -23.61
CA ARG B 26 -5.51 21.17 -24.91
C ARG B 26 -5.81 20.05 -25.89
N ALA B 27 -6.34 18.93 -25.42
CA ALA B 27 -6.45 17.75 -26.29
C ALA B 27 -6.97 17.87 -27.71
N THR B 28 -8.09 18.54 -27.91
CA THR B 28 -8.53 18.62 -29.29
C THR B 28 -7.75 19.60 -30.13
N THR B 29 -7.16 20.63 -29.52
CA THR B 29 -6.31 21.55 -30.26
C THR B 29 -5.05 20.75 -30.61
N THR B 30 -4.54 19.98 -29.68
CA THR B 30 -3.35 19.21 -29.99
C THR B 30 -3.62 18.17 -31.10
N ALA B 31 -4.79 17.55 -31.06
CA ALA B 31 -5.13 16.56 -32.09
C ALA B 31 -5.10 17.22 -33.46
N ALA B 32 -5.68 18.41 -33.58
CA ALA B 32 -5.69 19.05 -34.89
C ALA B 32 -4.28 19.43 -35.31
N ALA B 33 -3.46 19.83 -34.35
CA ALA B 33 -2.07 20.24 -34.67
C ALA B 33 -1.27 19.04 -35.19
N PHE B 34 -1.48 17.86 -34.62
CA PHE B 34 -0.77 16.70 -35.14
C PHE B 34 -1.19 16.42 -36.59
N LEU B 35 -2.47 16.55 -36.92
CA LEU B 35 -2.90 16.30 -38.29
C LEU B 35 -2.44 17.43 -39.19
N GLU B 36 -2.37 18.66 -38.67
CA GLU B 36 -1.87 19.75 -39.49
C GLU B 36 -0.38 19.49 -39.82
N ALA B 37 0.34 18.83 -38.90
CA ALA B 37 1.76 18.49 -39.11
C ALA B 37 1.94 17.29 -40.03
N GLY B 38 0.83 16.73 -40.49
CA GLY B 38 0.88 15.61 -41.42
C GLY B 38 0.78 14.20 -40.88
N ALA B 39 0.40 14.02 -39.61
CA ALA B 39 0.27 12.67 -39.07
C ALA B 39 -0.74 11.88 -39.87
N GLU B 40 -0.44 10.62 -40.08
CA GLU B 40 -1.27 9.68 -40.82
C GLU B 40 -2.59 9.40 -40.08
N ALA B 41 -2.48 9.26 -38.77
CA ALA B 41 -3.67 9.03 -37.98
C ALA B 41 -3.37 9.29 -36.53
N LEU B 42 -4.41 9.54 -35.74
CA LEU B 42 -4.27 9.69 -34.30
C LEU B 42 -5.03 8.54 -33.66
N TYR B 43 -4.41 7.85 -32.73
CA TYR B 43 -5.09 6.79 -32.01
C TYR B 43 -5.31 7.33 -30.60
N TRP B 44 -6.56 7.59 -30.25
CA TRP B 44 -6.86 8.10 -28.91
C TRP B 44 -7.18 6.91 -28.02
N THR B 45 -6.39 6.72 -26.96
CA THR B 45 -6.63 5.63 -26.02
C THR B 45 -7.34 6.15 -24.75
N PRO B 46 -8.07 5.25 -24.06
CA PRO B 46 -8.83 5.53 -22.82
C PRO B 46 -8.02 5.55 -21.56
N SER B 47 -6.75 5.17 -21.65
CA SER B 47 -5.89 5.13 -20.48
C SER B 47 -4.41 5.16 -20.84
N LEU B 48 -3.61 5.54 -19.86
CA LEU B 48 -2.18 5.63 -20.02
C LEU B 48 -1.57 4.26 -20.36
N GLU B 49 -2.04 3.22 -19.68
CA GLU B 49 -1.52 1.88 -19.92
C GLU B 49 -1.85 1.41 -21.33
N SER B 50 -3.04 1.74 -21.83
CA SER B 50 -3.44 1.33 -23.18
C SER B 50 -2.56 2.00 -24.23
N ALA B 51 -2.12 3.23 -23.97
CA ALA B 51 -1.25 3.90 -24.93
C ALA B 51 0.14 3.26 -24.79
N LEU B 52 0.54 2.93 -23.58
CA LEU B 52 1.85 2.32 -23.41
C LEU B 52 1.96 0.99 -24.17
N ALA B 53 0.82 0.36 -24.48
CA ALA B 53 0.83 -0.92 -25.20
C ALA B 53 1.37 -0.85 -26.65
N PHE B 54 1.12 0.29 -27.32
CA PHE B 54 1.59 0.52 -28.68
C PHE B 54 3.05 0.96 -28.60
N LYS B 55 3.57 1.13 -27.39
CA LYS B 55 4.93 1.64 -27.20
C LYS B 55 6.01 0.86 -27.94
N ASP B 56 5.63 -0.27 -28.53
CA ASP B 56 6.58 -1.08 -29.27
C ASP B 56 6.34 -0.95 -30.78
N GLU B 57 5.14 -0.56 -31.17
CA GLU B 57 4.89 -0.41 -32.60
C GLU B 57 5.51 0.86 -33.14
N ASP B 58 5.37 1.02 -34.45
CA ASP B 58 5.90 2.16 -35.14
C ASP B 58 4.97 3.36 -34.96
N VAL B 59 4.96 3.92 -33.76
CA VAL B 59 4.13 5.06 -33.45
C VAL B 59 4.89 6.10 -32.64
N VAL B 60 4.30 7.27 -32.50
CA VAL B 60 4.86 8.33 -31.67
C VAL B 60 3.89 8.33 -30.49
N LEU B 61 4.41 8.29 -29.28
CA LEU B 61 3.55 8.27 -28.08
C LEU B 61 3.46 9.71 -27.51
N ALA B 62 2.23 10.27 -27.48
CA ALA B 62 2.05 11.63 -26.98
C ALA B 62 0.98 11.61 -25.90
N GLY B 63 1.07 12.52 -24.94
CA GLY B 63 0.05 12.50 -23.90
C GLY B 63 0.48 13.19 -22.61
N GLU B 64 -0.35 13.03 -21.59
CA GLU B 64 -0.09 13.70 -20.32
C GLU B 64 -0.83 13.13 -19.14
N THR B 65 -0.29 13.37 -17.93
CA THR B 65 -1.06 13.10 -16.70
C THR B 65 -0.78 14.38 -15.91
N GLY B 66 -1.84 15.01 -15.41
CA GLY B 66 -1.64 16.26 -14.70
C GLY B 66 -1.08 17.33 -15.63
N GLY B 67 -1.25 17.14 -16.94
CA GLY B 67 -0.77 18.07 -17.93
C GLY B 67 0.68 17.88 -18.36
N LEU B 68 1.40 17.01 -17.64
CA LEU B 68 2.83 16.83 -17.92
C LEU B 68 3.11 15.54 -18.67
N LYS B 69 4.06 15.59 -19.60
CA LYS B 69 4.41 14.37 -20.32
C LYS B 69 4.83 13.23 -19.38
N PRO B 70 4.36 11.99 -19.62
CA PRO B 70 4.74 10.84 -18.78
C PRO B 70 6.19 10.53 -19.19
N PRO B 71 7.00 10.04 -18.24
CA PRO B 71 8.39 9.73 -18.52
C PRO B 71 8.66 8.90 -19.77
N ARG B 72 7.83 7.88 -20.02
CA ARG B 72 8.07 7.00 -21.18
C ARG B 72 7.50 7.46 -22.52
N PHE B 73 6.84 8.61 -22.53
CA PHE B 73 6.27 9.13 -23.77
C PHE B 73 7.24 9.98 -24.57
N ASP B 74 7.00 10.07 -25.86
CA ASP B 74 7.83 10.86 -26.75
C ASP B 74 7.52 12.35 -26.64
N LEU B 75 6.23 12.67 -26.51
CA LEU B 75 5.76 14.05 -26.44
C LEU B 75 4.68 14.18 -25.38
N GLY B 76 4.49 15.42 -24.94
CA GLY B 76 3.47 15.77 -23.98
C GLY B 76 2.19 16.12 -24.73
N ASN B 77 1.42 17.06 -24.16
CA ASN B 77 0.15 17.42 -24.81
C ASN B 77 0.17 18.85 -25.31
N SER B 78 1.36 19.41 -25.60
CA SER B 78 1.43 20.78 -26.12
C SER B 78 1.08 20.82 -27.59
N PRO B 79 0.14 21.66 -28.01
CA PRO B 79 -0.19 21.71 -29.45
C PRO B 79 0.95 22.35 -30.27
N ARG B 80 1.73 23.21 -29.62
CA ARG B 80 2.89 23.87 -30.26
C ARG B 80 3.92 22.80 -30.58
N GLU B 81 4.20 21.94 -29.60
CA GLU B 81 5.18 20.88 -29.81
C GLU B 81 4.63 19.87 -30.81
N ALA B 82 3.30 19.69 -30.85
CA ALA B 82 2.72 18.75 -31.83
C ALA B 82 2.86 19.27 -33.27
N LEU B 83 2.60 20.56 -33.46
CA LEU B 83 2.67 21.14 -34.78
C LEU B 83 4.08 21.13 -35.37
N SER B 84 5.09 21.14 -34.52
CA SER B 84 6.46 21.14 -35.04
C SER B 84 7.14 19.79 -34.94
N ALA B 85 6.40 18.76 -34.53
CA ALA B 85 7.01 17.47 -34.37
C ALA B 85 7.19 16.75 -35.71
N GLN B 86 8.09 15.75 -35.70
CA GLN B 86 8.35 14.98 -36.91
C GLN B 86 7.37 13.82 -36.93
N VAL B 87 6.18 14.10 -37.44
CA VAL B 87 5.16 13.08 -37.45
C VAL B 87 4.53 12.91 -38.82
N ALA B 88 5.09 13.53 -39.86
CA ALA B 88 4.46 13.39 -41.17
C ALA B 88 4.39 11.91 -41.58
N GLY B 89 3.20 11.46 -41.97
CA GLY B 89 3.01 10.07 -42.35
C GLY B 89 3.03 9.06 -41.22
N ARG B 90 3.20 9.50 -39.98
CA ARG B 90 3.28 8.65 -38.80
C ARG B 90 1.95 8.53 -38.04
N VAL B 91 1.83 7.47 -37.26
CA VAL B 91 0.66 7.27 -36.40
C VAL B 91 1.04 7.82 -35.03
N VAL B 92 0.22 8.72 -34.52
CA VAL B 92 0.49 9.27 -33.19
C VAL B 92 -0.55 8.68 -32.25
N VAL B 93 -0.11 8.13 -31.14
CA VAL B 93 -0.98 7.60 -30.13
C VAL B 93 -1.08 8.67 -29.06
N MET B 94 -2.29 9.09 -28.71
CA MET B 94 -2.46 10.08 -27.66
C MET B 94 -3.21 9.55 -26.47
N SER B 95 -2.70 9.84 -25.27
CA SER B 95 -3.37 9.48 -24.04
C SER B 95 -3.58 10.74 -23.22
N THR B 96 -4.80 11.25 -23.15
CA THR B 96 -5.02 12.47 -22.36
C THR B 96 -6.20 12.15 -21.45
N THR B 97 -6.41 12.97 -20.43
CA THR B 97 -7.47 12.76 -19.47
C THR B 97 -8.91 13.11 -19.94
N ASN B 98 -9.32 14.37 -19.70
CA ASN B 98 -10.68 14.88 -20.02
C ASN B 98 -11.14 14.66 -21.47
N GLY B 99 -10.26 14.89 -22.44
CA GLY B 99 -10.62 14.74 -23.83
C GLY B 99 -11.01 13.34 -24.30
N THR B 100 -10.23 12.33 -23.93
CA THR B 100 -10.56 10.99 -24.40
C THR B 100 -11.88 10.44 -23.79
N LYS B 101 -12.17 10.82 -22.56
CA LYS B 101 -13.42 10.34 -21.98
C LYS B 101 -14.62 10.88 -22.79
N ALA B 102 -14.52 12.14 -23.18
CA ALA B 102 -15.63 12.79 -23.88
C ALA B 102 -15.81 12.14 -25.26
N ALA B 103 -14.70 11.87 -25.95
CA ALA B 103 -14.83 11.27 -27.27
C ALA B 103 -15.39 9.86 -27.23
N HIS B 104 -14.88 9.05 -26.29
CA HIS B 104 -15.38 7.69 -26.16
C HIS B 104 -16.87 7.74 -25.79
N ALA B 105 -17.26 8.71 -24.95
CA ALA B 105 -18.68 8.81 -24.62
C ALA B 105 -19.56 9.14 -25.82
N ALA B 106 -19.17 10.14 -26.62
CA ALA B 106 -19.97 10.52 -27.77
C ALA B 106 -20.02 9.40 -28.81
N ALA B 107 -18.89 8.71 -28.96
CA ALA B 107 -18.73 7.64 -29.96
C ALA B 107 -19.67 6.49 -29.67
N ARG B 108 -20.17 6.44 -28.45
CA ARG B 108 -21.11 5.39 -28.14
C ARG B 108 -22.37 5.42 -28.97
N THR B 109 -22.90 6.59 -29.31
CA THR B 109 -24.17 6.68 -30.07
C THR B 109 -24.21 7.57 -31.32
N ALA B 110 -23.25 8.49 -31.46
CA ALA B 110 -23.25 9.43 -32.56
C ALA B 110 -23.02 8.81 -33.92
N LYS B 111 -23.55 9.46 -34.95
CA LYS B 111 -23.30 8.99 -36.30
C LYS B 111 -21.90 9.48 -36.75
N HIS B 112 -21.48 10.69 -36.32
CA HIS B 112 -20.19 11.26 -36.72
C HIS B 112 -19.56 11.93 -35.52
N VAL B 113 -18.26 11.70 -35.29
CA VAL B 113 -17.56 12.33 -34.18
C VAL B 113 -16.36 13.07 -34.74
N LEU B 114 -16.34 14.38 -34.53
CA LEU B 114 -15.30 15.27 -34.99
C LEU B 114 -14.58 15.88 -33.80
N LEU B 115 -13.27 16.14 -33.89
CA LEU B 115 -12.58 16.79 -32.73
C LEU B 115 -12.42 18.26 -33.11
N ALA B 116 -13.07 19.16 -32.36
CA ALA B 116 -13.08 20.60 -32.65
C ALA B 116 -12.37 21.45 -31.63
N SER B 117 -11.93 22.60 -32.09
CA SER B 117 -11.20 23.55 -31.24
C SER B 117 -11.33 24.93 -31.88
N LEU B 118 -10.82 25.94 -31.22
CA LEU B 118 -10.84 27.28 -31.82
C LEU B 118 -9.90 27.21 -33.05
N TYR B 119 -8.78 26.49 -32.88
CA TYR B 119 -7.74 26.35 -33.93
C TYR B 119 -8.28 25.87 -35.28
N ASN B 120 -9.23 24.94 -35.31
CA ASN B 120 -9.79 24.45 -36.58
C ASN B 120 -11.28 24.71 -36.65
N ALA B 121 -11.76 25.76 -35.96
CA ALA B 121 -13.18 25.96 -35.82
C ALA B 121 -14.02 26.08 -37.07
N HIS B 122 -13.58 26.91 -38.02
CA HIS B 122 -14.41 27.08 -39.20
C HIS B 122 -14.49 25.79 -40.04
N ALA B 123 -13.36 25.12 -40.17
CA ALA B 123 -13.37 23.88 -40.94
C ALA B 123 -14.18 22.79 -40.22
N ALA B 124 -14.04 22.73 -38.91
CA ALA B 124 -14.78 21.72 -38.17
C ALA B 124 -16.31 21.98 -38.27
N ALA B 125 -16.68 23.25 -38.19
CA ALA B 125 -18.11 23.60 -38.28
C ALA B 125 -18.66 23.30 -39.68
N ARG B 126 -17.88 23.60 -40.69
CA ARG B 126 -18.29 23.35 -42.07
C ARG B 126 -18.47 21.88 -42.35
N LEU B 127 -17.56 21.04 -41.85
CA LEU B 127 -17.69 19.60 -42.05
C LEU B 127 -18.89 19.09 -41.26
N ALA B 128 -19.11 19.63 -40.05
CA ALA B 128 -20.24 19.18 -39.25
C ALA B 128 -21.53 19.43 -40.02
N ARG B 129 -21.65 20.64 -40.58
CA ARG B 129 -22.85 20.97 -41.31
C ARG B 129 -23.00 20.10 -42.55
N GLU B 130 -21.91 19.83 -43.22
CA GLU B 130 -21.95 18.98 -44.41
C GLU B 130 -22.40 17.54 -44.12
N LEU B 131 -22.00 17.00 -42.96
CA LEU B 131 -22.34 15.64 -42.57
C LEU B 131 -23.69 15.48 -41.88
N ALA B 132 -24.20 16.55 -41.29
CA ALA B 132 -25.45 16.49 -40.53
C ALA B 132 -26.72 16.37 -41.34
N THR B 133 -27.70 15.67 -40.77
CA THR B 133 -29.02 15.54 -41.39
C THR B 133 -30.11 16.02 -40.43
N GLU B 134 -29.85 15.93 -39.13
CA GLU B 134 -30.83 16.41 -38.18
C GLU B 134 -30.23 17.22 -37.04
N GLU B 135 -28.97 16.97 -36.65
CA GLU B 135 -28.45 17.71 -35.52
C GLU B 135 -26.95 17.83 -35.49
N VAL B 136 -26.46 19.03 -35.14
CA VAL B 136 -25.03 19.16 -34.87
C VAL B 136 -24.99 19.44 -33.33
N ALA B 137 -24.37 18.52 -32.61
CA ALA B 137 -24.18 18.67 -31.17
C ALA B 137 -22.70 18.97 -30.92
N ILE B 138 -22.43 19.75 -29.89
CA ILE B 138 -21.06 20.08 -29.50
C ILE B 138 -20.96 19.59 -28.06
N LEU B 139 -19.97 18.72 -27.80
CA LEU B 139 -19.80 18.14 -26.44
C LEU B 139 -18.55 18.76 -25.81
N CYS B 140 -18.72 19.47 -24.72
CA CYS B 140 -17.60 20.12 -24.07
C CYS B 140 -17.06 19.14 -23.04
N ALA B 141 -15.76 18.86 -23.06
CA ALA B 141 -15.23 17.90 -22.09
C ALA B 141 -15.23 18.39 -20.63
N GLY B 142 -15.01 19.69 -20.44
CA GLY B 142 -14.92 20.24 -19.09
C GLY B 142 -13.90 19.46 -18.28
N LYS B 143 -14.14 19.35 -16.97
CA LYS B 143 -13.23 18.62 -16.08
C LYS B 143 -13.98 18.05 -14.89
N GLU B 144 -13.96 16.72 -14.83
CA GLU B 144 -14.54 16.01 -13.73
C GLU B 144 -15.93 16.48 -13.29
N GLY B 145 -16.79 16.60 -14.29
CA GLY B 145 -18.17 16.96 -13.96
C GLY B 145 -18.49 18.41 -13.81
N ARG B 146 -17.52 19.29 -14.05
CA ARG B 146 -17.76 20.72 -13.96
C ARG B 146 -17.42 21.32 -15.32
N ALA B 147 -18.17 22.34 -15.72
CA ALA B 147 -17.95 22.90 -17.05
C ALA B 147 -16.78 23.81 -17.14
N GLY B 148 -16.15 23.85 -18.31
CA GLY B 148 -15.03 24.75 -18.47
C GLY B 148 -15.44 25.97 -19.29
N LEU B 149 -15.02 27.15 -18.84
CA LEU B 149 -15.28 28.40 -19.52
C LEU B 149 -14.64 28.37 -20.92
N ASP B 150 -13.45 27.78 -21.02
CA ASP B 150 -12.76 27.70 -22.33
C ASP B 150 -13.50 26.78 -23.31
N ASP B 151 -13.92 25.61 -22.84
CA ASP B 151 -14.66 24.72 -23.78
C ASP B 151 -15.99 25.33 -24.18
N LEU B 152 -16.67 25.98 -23.23
CA LEU B 152 -17.95 26.60 -23.58
C LEU B 152 -17.77 27.78 -24.53
N TYR B 153 -16.71 28.54 -24.34
CA TYR B 153 -16.46 29.65 -25.28
C TYR B 153 -16.25 29.06 -26.68
N THR B 154 -15.47 27.97 -26.77
CA THR B 154 -15.21 27.35 -28.05
C THR B 154 -16.51 26.86 -28.66
N ALA B 155 -17.36 26.26 -27.83
CA ALA B 155 -18.66 25.82 -28.34
C ALA B 155 -19.50 27.04 -28.83
N GLY B 156 -19.35 28.19 -28.17
CA GLY B 156 -20.03 29.38 -28.62
C GLY B 156 -19.50 29.86 -29.97
N VAL B 157 -18.18 29.81 -30.16
CA VAL B 157 -17.62 30.19 -31.48
C VAL B 157 -18.15 29.23 -32.54
N LEU B 158 -18.17 27.95 -32.23
CA LEU B 158 -18.68 26.98 -33.22
C LEU B 158 -20.13 27.23 -33.48
N ALA B 159 -20.91 27.48 -32.42
CA ALA B 159 -22.36 27.69 -32.56
C ALA B 159 -22.63 28.91 -33.43
N GLU B 160 -21.89 29.97 -33.17
CA GLU B 160 -22.09 31.20 -33.94
C GLU B 160 -21.76 30.95 -35.40
N TYR B 161 -20.66 30.21 -35.67
CA TYR B 161 -20.27 29.97 -37.06
C TYR B 161 -21.29 29.11 -37.76
N LEU B 162 -21.83 28.11 -37.05
CA LEU B 162 -22.84 27.25 -37.65
C LEU B 162 -24.09 28.06 -38.01
N GLY B 163 -24.38 29.11 -37.22
CA GLY B 163 -25.53 29.96 -37.48
C GLY B 163 -25.26 30.85 -38.66
N PHE B 164 -23.99 31.17 -38.87
CA PHE B 164 -23.58 32.00 -40.00
C PHE B 164 -23.75 31.17 -41.26
N LEU B 165 -23.48 29.87 -41.17
CA LEU B 165 -23.58 28.96 -42.33
C LEU B 165 -24.99 28.58 -42.77
N GLY B 166 -25.96 28.69 -41.86
CA GLY B 166 -27.31 28.30 -42.19
C GLY B 166 -28.21 28.42 -40.96
N GLU B 167 -29.49 28.10 -41.10
CA GLU B 167 -30.39 28.22 -39.98
C GLU B 167 -30.11 27.11 -38.98
N VAL B 168 -30.32 27.43 -37.71
CA VAL B 168 -30.06 26.50 -36.62
C VAL B 168 -31.16 26.69 -35.61
N GLU B 169 -31.48 25.62 -34.90
CA GLU B 169 -32.51 25.62 -33.85
C GLU B 169 -31.74 25.30 -32.58
N PRO B 170 -31.34 26.32 -31.80
CA PRO B 170 -30.56 26.00 -30.59
C PRO B 170 -31.39 25.57 -29.39
N GLU B 171 -30.77 24.73 -28.55
CA GLU B 171 -31.39 24.40 -27.26
C GLU B 171 -30.62 25.14 -26.15
N ASP B 172 -30.84 24.77 -24.89
CA ASP B 172 -30.25 25.56 -23.80
C ASP B 172 -28.76 25.65 -23.82
N GLY B 173 -28.09 24.53 -24.01
CA GLY B 173 -26.66 24.58 -23.94
C GLY B 173 -26.09 25.49 -25.00
N ALA B 174 -26.70 25.45 -26.17
CA ALA B 174 -26.21 26.30 -27.24
C ALA B 174 -26.44 27.79 -26.94
N ARG B 175 -27.58 28.13 -26.31
CA ARG B 175 -27.82 29.53 -25.92
C ARG B 175 -26.80 29.93 -24.83
N VAL B 176 -26.45 29.01 -23.91
CA VAL B 176 -25.45 29.31 -22.92
C VAL B 176 -24.11 29.56 -23.58
N ALA B 177 -23.74 28.65 -24.52
CA ALA B 177 -22.46 28.83 -25.22
C ALA B 177 -22.35 30.16 -26.01
N LEU B 178 -23.45 30.54 -26.64
CA LEU B 178 -23.49 31.82 -27.39
C LEU B 178 -23.37 32.95 -26.41
N ALA B 179 -23.98 32.84 -25.23
CA ALA B 179 -23.86 33.93 -24.23
C ALA B 179 -22.39 34.08 -23.78
N VAL B 180 -21.69 32.95 -23.61
CA VAL B 180 -20.27 32.99 -23.21
C VAL B 180 -19.44 33.67 -24.32
N LYS B 181 -19.69 33.28 -25.56
CA LYS B 181 -19.00 33.95 -26.70
C LYS B 181 -19.30 35.45 -26.70
N ARG B 182 -20.54 35.84 -26.53
CA ARG B 182 -20.89 37.26 -26.54
C ARG B 182 -20.21 38.02 -25.40
N ALA B 183 -20.03 37.39 -24.26
CA ALA B 183 -19.42 38.06 -23.12
C ALA B 183 -17.90 38.28 -23.25
N TYR B 184 -17.26 37.43 -24.08
CA TYR B 184 -15.82 37.51 -24.35
C TYR B 184 -15.50 37.65 -25.88
N PRO B 185 -15.64 38.84 -26.42
CA PRO B 185 -15.32 38.89 -27.86
C PRO B 185 -13.86 38.44 -28.15
N ASP B 186 -12.97 38.49 -27.16
CA ASP B 186 -11.53 38.13 -27.30
C ASP B 186 -11.29 36.70 -26.85
N PRO B 187 -10.93 35.80 -27.79
CA PRO B 187 -10.69 34.40 -27.43
C PRO B 187 -9.59 34.19 -26.42
N LEU B 188 -8.54 35.01 -26.46
CA LEU B 188 -7.45 34.84 -25.51
C LEU B 188 -7.88 35.24 -24.09
N GLU B 189 -8.80 36.20 -23.99
CA GLU B 189 -9.31 36.58 -22.66
C GLU B 189 -10.13 35.41 -22.06
N ALA B 190 -11.08 34.90 -22.83
CA ALA B 190 -11.90 33.79 -22.36
C ALA B 190 -11.03 32.61 -21.92
N LEU B 191 -10.06 32.22 -22.75
CA LEU B 191 -9.22 31.11 -22.38
C LEU B 191 -8.30 31.38 -21.22
N SER B 192 -7.74 32.59 -21.15
CA SER B 192 -6.77 32.86 -20.08
C SER B 192 -7.44 32.96 -18.72
N LEU B 193 -8.73 33.27 -18.70
CA LEU B 193 -9.45 33.36 -17.41
C LEU B 193 -9.86 31.99 -16.91
N SER B 194 -9.74 30.97 -17.75
CA SER B 194 -10.24 29.64 -17.38
C SER B 194 -9.39 28.84 -16.47
N ALA B 195 -10.01 27.90 -15.75
CA ALA B 195 -9.33 27.03 -14.85
C ALA B 195 -8.27 26.20 -15.61
N ALA B 196 -8.55 25.83 -16.85
CA ALA B 196 -7.58 25.01 -17.60
C ALA B 196 -6.29 25.82 -17.87
N ALA B 197 -6.45 27.12 -18.13
CA ALA B 197 -5.26 27.94 -18.37
C ALA B 197 -4.48 28.10 -17.07
N LEU B 198 -5.18 28.29 -15.95
CA LEU B 198 -4.50 28.43 -14.68
C LEU B 198 -3.76 27.12 -14.37
N ALA B 199 -4.37 25.99 -14.66
CA ALA B 199 -3.72 24.68 -14.36
C ALA B 199 -2.41 24.57 -15.12
N LEU B 200 -2.37 25.09 -16.33
CA LEU B 200 -1.12 25.03 -17.12
C LEU B 200 -0.11 26.02 -16.55
N LYS B 201 -0.56 27.19 -16.14
CA LYS B 201 0.40 28.13 -15.58
C LYS B 201 1.04 27.52 -14.31
N GLN B 202 0.29 26.71 -13.56
CA GLN B 202 0.81 26.14 -12.30
C GLN B 202 1.90 25.09 -12.52
N VAL B 203 1.99 24.56 -13.73
CA VAL B 203 3.02 23.58 -14.04
C VAL B 203 3.96 24.07 -15.15
N GLY B 204 3.93 25.38 -15.36
CA GLY B 204 4.82 26.03 -16.31
C GLY B 204 4.58 25.84 -17.78
N LEU B 205 3.34 25.53 -18.16
CA LEU B 205 3.04 25.30 -19.56
C LEU B 205 2.06 26.31 -20.16
N GLU B 206 1.97 27.48 -19.55
CA GLU B 206 1.06 28.52 -20.05
C GLU B 206 1.35 29.03 -21.47
N ALA B 207 2.56 28.77 -21.98
CA ALA B 207 2.84 29.19 -23.35
C ALA B 207 1.89 28.54 -24.34
N ASP B 208 1.28 27.43 -23.95
CA ASP B 208 0.34 26.79 -24.86
C ASP B 208 -1.00 27.51 -25.03
N VAL B 209 -1.37 28.34 -24.06
CA VAL B 209 -2.68 29.00 -24.13
C VAL B 209 -2.87 29.90 -25.37
N PRO B 210 -1.88 30.73 -25.73
CA PRO B 210 -2.14 31.55 -26.93
C PRO B 210 -2.36 30.67 -28.19
N PHE B 211 -1.64 29.54 -28.29
CA PHE B 211 -1.85 28.65 -29.44
C PHE B 211 -3.30 28.17 -29.46
N CYS B 212 -3.79 27.76 -28.30
CA CYS B 212 -5.18 27.28 -28.22
C CYS B 212 -6.18 28.39 -28.49
N ALA B 213 -5.78 29.66 -28.33
CA ALA B 213 -6.70 30.78 -28.55
C ALA B 213 -6.76 31.23 -30.04
N GLN B 214 -5.92 30.61 -30.86
CA GLN B 214 -5.95 30.91 -32.30
C GLN B 214 -7.30 30.49 -32.91
N VAL B 215 -7.87 31.32 -33.77
CA VAL B 215 -9.12 30.98 -34.38
C VAL B 215 -9.09 30.69 -35.87
N ALA B 216 -9.41 29.44 -36.23
CA ALA B 216 -9.50 29.06 -37.64
C ALA B 216 -8.20 29.20 -38.42
N LYS B 217 -7.12 28.76 -37.79
CA LYS B 217 -5.81 28.81 -38.42
C LYS B 217 -5.42 27.48 -39.04
N SER B 218 -6.27 26.46 -38.88
CA SER B 218 -6.02 25.16 -39.49
C SER B 218 -7.31 24.63 -40.05
N ALA B 219 -7.22 23.94 -41.19
CA ALA B 219 -8.40 23.32 -41.77
C ALA B 219 -8.38 21.83 -41.45
N ALA B 220 -7.44 21.39 -40.60
CA ALA B 220 -7.35 19.96 -40.28
C ALA B 220 -8.41 19.58 -39.22
N VAL B 221 -9.32 18.67 -39.60
CA VAL B 221 -10.41 18.21 -38.71
C VAL B 221 -10.31 16.70 -38.43
N PRO B 222 -9.91 16.33 -37.23
CA PRO B 222 -9.82 14.91 -36.93
C PRO B 222 -11.25 14.35 -36.94
N VAL B 223 -11.48 13.25 -37.67
CA VAL B 223 -12.79 12.62 -37.69
C VAL B 223 -12.61 11.18 -37.30
N LEU B 224 -13.53 10.67 -36.47
CA LEU B 224 -13.47 9.28 -36.01
C LEU B 224 -13.79 8.37 -37.21
N ARG B 225 -12.86 7.48 -37.56
CA ARG B 225 -13.06 6.63 -38.76
C ARG B 225 -12.95 5.16 -38.48
N GLY B 226 -12.55 4.81 -37.26
CA GLY B 226 -12.40 3.40 -36.95
C GLY B 226 -11.94 3.16 -35.56
N ARG B 227 -11.66 1.90 -35.21
CA ARG B 227 -11.15 1.57 -33.88
C ARG B 227 -10.26 0.36 -33.97
N VAL B 228 -9.21 0.33 -33.16
CA VAL B 228 -8.34 -0.84 -33.14
C VAL B 228 -8.05 -1.05 -31.66
N GLY B 229 -8.47 -2.21 -31.18
CA GLY B 229 -8.28 -2.52 -29.76
C GLY B 229 -9.01 -1.44 -28.95
N GLU B 230 -8.29 -0.79 -28.03
CA GLU B 230 -8.89 0.22 -27.18
C GLU B 230 -8.80 1.63 -27.77
N ALA B 231 -8.19 1.74 -28.93
CA ALA B 231 -8.02 3.04 -29.52
C ALA B 231 -9.07 3.49 -30.51
N LEU B 232 -9.45 4.77 -30.43
CA LEU B 232 -10.32 5.36 -31.41
C LEU B 232 -9.38 5.88 -32.50
N ILE B 233 -9.72 5.65 -33.77
CA ILE B 233 -8.85 6.08 -34.83
C ILE B 233 -9.39 7.32 -35.50
N PHE B 234 -8.65 8.40 -35.43
CA PHE B 234 -9.05 9.63 -36.07
C PHE B 234 -8.17 9.89 -37.29
N LYS B 235 -8.77 10.36 -38.37
CA LYS B 235 -8.01 10.71 -39.58
C LYS B 235 -8.39 12.11 -39.97
N ARG B 236 -7.51 12.76 -40.74
CA ARG B 236 -7.75 14.13 -41.18
C ARG B 236 -8.81 14.16 -42.28
N ALA B 237 -9.81 15.02 -42.13
CA ALA B 237 -10.87 15.04 -43.15
C ALA B 237 -10.50 15.78 -44.45
N MET C 1 46.23 12.97 14.26
CA MET C 1 46.37 14.00 13.18
C MET C 1 45.19 13.81 12.19
N ARG C 2 44.60 14.90 11.72
CA ARG C 2 43.49 14.76 10.76
C ARG C 2 44.10 14.26 9.44
N LEU C 3 43.34 13.39 8.79
CA LEU C 3 43.69 12.87 7.47
C LEU C 3 42.52 13.22 6.56
N ARG C 4 42.82 13.97 5.50
CA ARG C 4 41.76 14.45 4.60
C ARG C 4 42.09 14.13 3.15
N VAL C 5 41.10 13.76 2.34
CA VAL C 5 41.35 13.62 0.91
C VAL C 5 40.25 14.43 0.23
N ASP C 6 40.66 15.31 -0.67
CA ASP C 6 39.67 16.10 -1.46
C ASP C 6 39.72 15.39 -2.78
N VAL C 7 38.60 14.81 -3.20
CA VAL C 7 38.58 13.99 -4.44
C VAL C 7 38.73 14.75 -5.72
N ILE C 8 38.50 16.05 -5.66
CA ILE C 8 38.69 16.93 -6.80
C ILE C 8 38.98 18.34 -6.17
N PRO C 9 39.65 19.24 -6.90
CA PRO C 9 39.91 20.58 -6.37
C PRO C 9 38.64 21.39 -6.39
N GLY C 10 38.70 22.51 -5.71
CA GLY C 10 37.58 23.46 -5.69
C GLY C 10 38.21 24.80 -5.38
N GLU C 11 37.86 25.82 -6.16
CA GLU C 11 38.38 27.17 -5.97
C GLU C 11 38.28 27.70 -4.52
N HIS C 12 37.20 27.39 -3.80
CA HIS C 12 37.02 27.85 -2.41
C HIS C 12 37.58 26.97 -1.32
N LEU C 13 38.08 25.78 -1.68
CA LEU C 13 38.58 24.87 -0.67
C LEU C 13 39.87 25.39 -0.08
N ALA C 14 39.97 25.29 1.25
CA ALA C 14 41.17 25.74 1.97
C ALA C 14 41.81 24.57 2.72
N TYR C 15 43.11 24.72 2.97
CA TYR C 15 43.93 23.70 3.60
C TYR C 15 44.69 24.34 4.75
N PRO C 16 44.46 23.85 5.97
CA PRO C 16 45.14 24.43 7.13
C PRO C 16 46.61 24.08 7.36
N ASP C 17 47.06 22.97 6.77
CA ASP C 17 48.41 22.47 7.07
C ASP C 17 49.10 21.89 5.82
N VAL C 18 49.34 20.59 5.78
CA VAL C 18 50.07 20.01 4.64
C VAL C 18 49.14 19.51 3.55
N VAL C 19 49.51 19.73 2.27
CA VAL C 19 48.74 19.15 1.18
C VAL C 19 49.67 18.34 0.29
N LEU C 20 49.30 17.08 0.05
CA LEU C 20 50.01 16.24 -0.94
C LEU C 20 49.14 16.37 -2.21
N VAL C 21 49.66 17.00 -3.27
CA VAL C 21 48.89 17.16 -4.54
C VAL C 21 49.15 15.94 -5.36
N VAL C 22 48.10 15.34 -5.91
CA VAL C 22 48.24 14.11 -6.69
C VAL C 22 47.65 14.21 -8.10
N ASP C 23 48.47 13.94 -9.12
CA ASP C 23 47.98 13.86 -10.54
C ASP C 23 48.91 12.73 -11.04
N VAL C 24 48.51 11.49 -10.70
CA VAL C 24 49.40 10.34 -10.93
C VAL C 24 49.66 10.02 -12.39
N ILE C 25 48.65 10.17 -13.23
CA ILE C 25 48.83 10.04 -14.68
C ILE C 25 48.52 11.46 -15.19
N ARG C 26 49.51 12.34 -15.38
CA ARG C 26 50.93 12.08 -15.16
C ARG C 26 51.68 13.17 -14.40
N ALA C 27 51.14 14.39 -14.32
CA ALA C 27 51.90 15.51 -13.81
C ALA C 27 52.73 15.39 -12.55
N THR C 28 52.18 14.85 -11.46
CA THR C 28 53.02 14.74 -10.27
C THR C 28 54.03 13.61 -10.41
N THR C 29 53.74 12.57 -11.16
CA THR C 29 54.78 11.55 -11.39
C THR C 29 55.92 12.17 -12.21
N THR C 30 55.54 12.91 -13.27
CA THR C 30 56.52 13.56 -14.08
C THR C 30 57.39 14.56 -13.26
N ALA C 31 56.74 15.29 -12.34
CA ALA C 31 57.48 16.21 -11.50
C ALA C 31 58.57 15.49 -10.72
N ALA C 32 58.22 14.35 -10.11
CA ALA C 32 59.20 13.59 -9.34
C ALA C 32 60.29 13.06 -10.25
N ALA C 33 59.92 12.64 -11.48
CA ALA C 33 60.94 12.13 -12.38
C ALA C 33 61.95 13.22 -12.77
N PHE C 34 61.49 14.44 -13.03
CA PHE C 34 62.45 15.50 -13.35
C PHE C 34 63.41 15.72 -12.19
N LEU C 35 62.92 15.68 -10.94
CA LEU C 35 63.82 15.86 -9.79
C LEU C 35 64.74 14.67 -9.62
N GLU C 36 64.25 13.46 -9.89
CA GLU C 36 65.09 12.26 -9.83
C GLU C 36 66.24 12.39 -10.85
N ALA C 37 65.98 13.04 -12.01
CA ALA C 37 66.93 13.26 -13.07
C ALA C 37 67.90 14.41 -12.75
N GLY C 38 67.71 15.03 -11.59
CA GLY C 38 68.60 16.10 -11.14
C GLY C 38 68.26 17.53 -11.46
N ALA C 39 67.02 17.78 -11.88
CA ALA C 39 66.63 19.15 -12.16
C ALA C 39 66.81 19.98 -10.87
N GLU C 40 67.21 21.24 -11.02
CA GLU C 40 67.46 22.09 -9.85
C GLU C 40 66.13 22.53 -9.22
N ALA C 41 65.16 22.85 -10.09
CA ALA C 41 63.90 23.30 -9.59
C ALA C 41 62.84 23.02 -10.63
N LEU C 42 61.61 22.94 -10.18
CA LEU C 42 60.45 22.87 -11.07
C LEU C 42 59.63 24.15 -10.82
N TYR C 43 59.32 24.87 -11.88
CA TYR C 43 58.49 26.08 -11.84
C TYR C 43 57.12 25.64 -12.42
N TRP C 44 56.10 25.59 -11.57
CA TRP C 44 54.77 25.16 -12.02
C TRP C 44 53.90 26.37 -12.21
N THR C 45 53.42 26.59 -13.45
CA THR C 45 52.56 27.76 -13.72
C THR C 45 51.17 27.22 -14.02
N PRO C 46 50.19 28.10 -13.98
CA PRO C 46 48.80 27.73 -14.23
C PRO C 46 48.30 27.85 -15.65
N SER C 47 49.19 28.11 -16.60
CA SER C 47 48.75 28.25 -18.01
C SER C 47 49.94 28.06 -18.95
N LEU C 48 49.66 27.68 -20.20
CA LEU C 48 50.70 27.56 -21.18
C LEU C 48 51.37 28.94 -21.39
N GLU C 49 50.56 29.99 -21.48
CA GLU C 49 51.06 31.32 -21.75
C GLU C 49 52.04 31.79 -20.66
N SER C 50 51.69 31.53 -19.41
CA SER C 50 52.57 31.97 -18.33
C SER C 50 53.84 31.09 -18.27
N ALA C 51 53.74 29.82 -18.62
CA ALA C 51 54.93 28.96 -18.68
C ALA C 51 55.87 29.49 -19.73
N LEU C 52 55.32 29.83 -20.91
CA LEU C 52 56.17 30.34 -22.00
C LEU C 52 56.91 31.63 -21.64
N ALA C 53 56.34 32.41 -20.73
CA ALA C 53 57.01 33.64 -20.29
C ALA C 53 58.35 33.37 -19.61
N PHE C 54 58.58 32.15 -19.13
CA PHE C 54 59.83 31.80 -18.44
C PHE C 54 60.91 31.24 -19.33
N LYS C 55 60.64 31.15 -20.61
CA LYS C 55 61.68 30.66 -21.50
C LYS C 55 62.99 31.46 -21.30
N ASP C 56 64.10 30.74 -21.30
CA ASP C 56 65.39 31.42 -21.16
C ASP C 56 66.41 30.37 -21.49
N GLU C 57 67.66 30.80 -21.53
CA GLU C 57 68.77 29.92 -21.83
C GLU C 57 68.89 28.90 -20.73
N ASP C 58 69.05 27.65 -21.14
CA ASP C 58 69.19 26.53 -20.24
C ASP C 58 67.95 26.19 -19.41
N VAL C 59 66.81 26.80 -19.71
CA VAL C 59 65.54 26.50 -19.01
C VAL C 59 64.79 25.54 -19.93
N VAL C 60 64.21 24.50 -19.36
CA VAL C 60 63.50 23.49 -20.13
C VAL C 60 61.99 23.62 -19.92
N LEU C 61 61.23 23.75 -21.00
CA LEU C 61 59.79 23.86 -20.92
C LEU C 61 59.13 22.50 -21.22
N ALA C 62 58.35 22.03 -20.25
CA ALA C 62 57.64 20.76 -20.38
C ALA C 62 56.17 20.94 -20.10
N GLY C 63 55.33 20.13 -20.74
CA GLY C 63 53.93 20.29 -20.43
C GLY C 63 53.03 19.65 -21.44
N GLU C 64 51.75 19.96 -21.37
CA GLU C 64 50.81 19.34 -22.31
C GLU C 64 49.47 20.01 -22.30
N THR C 65 48.77 19.84 -23.42
CA THR C 65 47.36 20.15 -23.55
C THR C 65 46.87 18.91 -24.29
N GLY C 66 45.78 18.33 -23.81
CA GLY C 66 45.27 17.09 -24.38
C GLY C 66 46.24 15.92 -24.26
N GLY C 67 47.16 16.05 -23.30
CA GLY C 67 48.18 15.03 -23.12
C GLY C 67 49.38 15.14 -24.06
N LEU C 68 49.28 16.04 -25.04
CA LEU C 68 50.37 16.16 -26.03
C LEU C 68 51.26 17.36 -25.83
N LYS C 69 52.53 17.20 -26.12
CA LYS C 69 53.45 18.37 -26.03
C LYS C 69 52.98 19.55 -26.88
N PRO C 70 52.89 20.76 -26.33
CA PRO C 70 52.47 21.94 -27.11
C PRO C 70 53.68 22.21 -28.06
N PRO C 71 53.41 22.74 -29.27
CA PRO C 71 54.48 23.00 -30.26
C PRO C 71 55.80 23.73 -29.81
N ARG C 72 55.64 24.75 -28.98
CA ARG C 72 56.77 25.61 -28.54
C ARG C 72 57.47 25.11 -27.28
N PHE C 73 57.00 23.99 -26.74
CA PHE C 73 57.65 23.37 -25.56
C PHE C 73 58.77 22.41 -25.96
N ASP C 74 59.71 22.18 -25.05
CA ASP C 74 60.81 21.23 -25.29
C ASP C 74 60.38 19.79 -25.10
N LEU C 75 59.59 19.55 -24.05
CA LEU C 75 59.14 18.19 -23.70
C LEU C 75 57.66 18.17 -23.43
N GLY C 76 57.07 16.97 -23.52
CA GLY C 76 55.67 16.85 -23.19
C GLY C 76 55.56 16.47 -21.70
N ASN C 77 54.60 15.62 -21.34
CA ASN C 77 54.33 15.28 -19.93
C ASN C 77 54.62 13.81 -19.62
N SER C 78 55.48 13.16 -20.40
CA SER C 78 55.87 11.78 -20.10
C SER C 78 56.89 11.71 -18.94
N PRO C 79 56.62 10.88 -17.91
CA PRO C 79 57.59 10.78 -16.82
C PRO C 79 58.80 10.01 -17.27
N ARG C 80 58.61 9.11 -18.27
CA ARG C 80 59.76 8.34 -18.79
C ARG C 80 60.71 9.30 -19.50
N GLU C 81 60.12 10.18 -20.33
CA GLU C 81 60.99 11.15 -21.01
C GLU C 81 61.58 12.15 -20.02
N ALA C 82 60.88 12.45 -18.94
CA ALA C 82 61.46 13.38 -17.95
C ALA C 82 62.67 12.78 -17.26
N LEU C 83 62.57 11.49 -16.93
CA LEU C 83 63.66 10.82 -16.21
C LEU C 83 64.93 10.74 -17.06
N SER C 84 64.75 10.69 -18.38
CA SER C 84 65.89 10.55 -19.28
C SER C 84 66.36 11.87 -19.88
N ALA C 85 65.69 12.96 -19.51
CA ALA C 85 65.99 14.29 -20.06
C ALA C 85 67.25 14.94 -19.54
N GLN C 86 67.79 15.86 -20.32
CA GLN C 86 69.02 16.55 -19.89
C GLN C 86 68.58 17.75 -19.08
N VAL C 87 68.38 17.51 -17.79
CA VAL C 87 67.91 18.56 -16.89
C VAL C 87 68.74 18.71 -15.65
N ALA C 88 69.85 17.98 -15.56
CA ALA C 88 70.67 18.10 -14.38
C ALA C 88 71.09 19.55 -14.14
N GLY C 89 70.78 20.06 -12.95
CA GLY C 89 71.12 21.41 -12.57
C GLY C 89 70.32 22.52 -13.24
N ARG C 90 69.32 22.15 -14.02
CA ARG C 90 68.49 23.16 -14.70
C ARG C 90 67.12 23.35 -14.11
N VAL C 91 66.51 24.48 -14.48
CA VAL C 91 65.12 24.75 -14.08
C VAL C 91 64.20 24.16 -15.17
N VAL C 92 63.17 23.43 -14.73
CA VAL C 92 62.17 22.86 -15.62
C VAL C 92 60.86 23.58 -15.32
N VAL C 93 60.31 24.26 -16.32
CA VAL C 93 59.03 24.97 -16.17
C VAL C 93 57.94 24.03 -16.73
N MET C 94 56.89 23.83 -15.97
CA MET C 94 55.81 22.96 -16.42
C MET C 94 54.44 23.60 -16.32
N SER C 95 53.61 23.32 -17.34
CA SER C 95 52.20 23.71 -17.31
C SER C 95 51.44 22.47 -17.79
N THR C 96 50.49 22.00 -16.97
CA THR C 96 49.65 20.87 -17.40
C THR C 96 48.16 21.17 -17.20
N THR C 97 47.31 20.32 -17.74
CA THR C 97 45.87 20.51 -17.66
C THR C 97 45.25 20.48 -16.25
N ASN C 98 45.64 19.50 -15.45
CA ASN C 98 44.98 19.37 -14.17
C ASN C 98 45.89 19.62 -12.98
N GLY C 99 47.04 18.95 -12.98
CA GLY C 99 47.95 19.04 -11.87
C GLY C 99 48.51 20.39 -11.51
N THR C 100 49.05 21.12 -12.49
CA THR C 100 49.71 22.36 -12.14
C THR C 100 48.70 23.35 -11.59
N LYS C 101 47.48 23.36 -12.11
CA LYS C 101 46.45 24.23 -11.56
C LYS C 101 46.00 23.77 -10.14
N ALA C 102 45.92 22.44 -9.88
CA ALA C 102 45.54 21.96 -8.54
C ALA C 102 46.59 22.43 -7.50
N ALA C 103 47.86 22.45 -7.91
CA ALA C 103 48.92 22.89 -7.00
C ALA C 103 48.71 24.38 -6.65
N HIS C 104 48.34 25.19 -7.64
CA HIS C 104 48.09 26.59 -7.37
C HIS C 104 46.90 26.75 -6.45
N ALA C 105 45.86 25.92 -6.62
CA ALA C 105 44.69 26.02 -5.73
C ALA C 105 45.10 25.74 -4.28
N ALA C 106 45.82 24.64 -4.08
CA ALA C 106 46.28 24.27 -2.74
C ALA C 106 47.18 25.34 -2.13
N ALA C 107 48.08 25.89 -2.94
CA ALA C 107 49.08 26.87 -2.45
C ALA C 107 48.45 28.17 -1.98
N ARG C 108 47.19 28.43 -2.33
CA ARG C 108 46.56 29.66 -1.87
C ARG C 108 46.50 29.70 -0.34
N THR C 109 46.32 28.55 0.30
CA THR C 109 46.17 28.49 1.76
C THR C 109 47.06 27.54 2.56
N ALA C 110 47.60 26.51 1.90
CA ALA C 110 48.36 25.47 2.60
C ALA C 110 49.61 26.01 3.24
N LYS C 111 50.00 25.37 4.33
CA LYS C 111 51.27 25.68 4.98
C LYS C 111 52.40 24.96 4.17
N HIS C 112 52.13 23.75 3.65
CA HIS C 112 53.17 22.99 2.92
C HIS C 112 52.47 22.34 1.73
N VAL C 113 53.14 22.34 0.57
CA VAL C 113 52.57 21.71 -0.65
C VAL C 113 53.67 20.78 -1.19
N LEU C 114 53.31 19.49 -1.33
CA LEU C 114 54.25 18.47 -1.78
C LEU C 114 53.58 17.83 -2.99
N LEU C 115 54.37 17.41 -3.98
CA LEU C 115 53.79 16.77 -5.20
C LEU C 115 54.02 15.27 -5.03
N ALA C 116 52.92 14.51 -4.95
CA ALA C 116 52.98 13.10 -4.65
C ALA C 116 52.43 12.22 -5.74
N SER C 117 52.95 10.99 -5.78
CA SER C 117 52.53 9.99 -6.80
C SER C 117 52.80 8.62 -6.23
N LEU C 118 52.42 7.57 -6.96
CA LEU C 118 52.76 6.23 -6.51
C LEU C 118 54.29 6.13 -6.59
N TYR C 119 54.88 6.69 -7.64
CA TYR C 119 56.34 6.67 -7.86
C TYR C 119 57.17 7.11 -6.66
N ASN C 120 56.75 8.16 -5.96
CA ASN C 120 57.48 8.61 -4.78
C ASN C 120 56.63 8.52 -3.53
N ALA C 121 55.70 7.56 -3.51
CA ALA C 121 54.73 7.55 -2.41
C ALA C 121 55.23 7.51 -1.01
N HIS C 122 56.21 6.65 -0.77
CA HIS C 122 56.64 6.48 0.63
C HIS C 122 57.39 7.69 1.10
N ALA C 123 58.30 8.19 0.26
CA ALA C 123 59.06 9.40 0.62
C ALA C 123 58.10 10.60 0.80
N ALA C 124 57.07 10.73 -0.06
CA ALA C 124 56.14 11.84 0.07
C ALA C 124 55.32 11.76 1.34
N ALA C 125 54.80 10.59 1.61
CA ALA C 125 54.01 10.40 2.83
C ALA C 125 54.83 10.65 4.05
N ARG C 126 56.08 10.19 4.06
CA ARG C 126 56.92 10.38 5.25
C ARG C 126 57.21 11.87 5.44
N LEU C 127 57.48 12.59 4.35
CA LEU C 127 57.76 14.00 4.49
C LEU C 127 56.50 14.76 4.96
N ALA C 128 55.35 14.36 4.44
CA ALA C 128 54.10 15.03 4.84
C ALA C 128 53.87 14.86 6.36
N ARG C 129 54.06 13.65 6.88
CA ARG C 129 53.86 13.41 8.33
C ARG C 129 54.89 14.19 9.13
N GLU C 130 56.10 14.22 8.62
CA GLU C 130 57.15 14.97 9.35
C GLU C 130 56.81 16.44 9.49
N LEU C 131 56.34 17.05 8.39
CA LEU C 131 56.03 18.46 8.40
C LEU C 131 54.71 18.84 9.04
N ALA C 132 53.77 17.92 9.12
CA ALA C 132 52.46 18.20 9.65
C ALA C 132 52.40 18.34 11.17
N THR C 133 51.45 19.15 11.60
CA THR C 133 51.19 19.37 13.04
C THR C 133 49.70 19.09 13.35
N GLU C 134 48.81 19.42 12.42
CA GLU C 134 47.41 19.19 12.65
C GLU C 134 46.72 18.39 11.54
N GLU C 135 47.22 18.48 10.30
CA GLU C 135 46.52 17.75 9.24
C GLU C 135 47.34 17.48 7.99
N VAL C 136 47.15 16.29 7.38
CA VAL C 136 47.70 16.08 6.07
C VAL C 136 46.45 15.88 5.22
N ALA C 137 46.38 16.72 4.19
CA ALA C 137 45.30 16.61 3.19
C ALA C 137 45.94 16.11 1.89
N ILE C 138 45.18 15.30 1.16
CA ILE C 138 45.67 14.84 -0.16
C ILE C 138 44.68 15.42 -1.16
N LEU C 139 45.17 16.23 -2.12
CA LEU C 139 44.30 16.87 -3.12
C LEU C 139 44.49 16.10 -4.42
N CYS C 140 43.41 15.42 -4.84
CA CYS C 140 43.43 14.69 -6.11
C CYS C 140 43.06 15.65 -7.21
N ALA C 141 43.86 15.73 -8.28
CA ALA C 141 43.55 16.68 -9.35
C ALA C 141 42.34 16.28 -10.18
N GLY C 142 42.12 14.97 -10.32
CA GLY C 142 40.99 14.55 -11.17
C GLY C 142 41.06 15.17 -12.56
N LYS C 143 39.89 15.36 -13.19
CA LYS C 143 39.88 15.96 -14.52
C LYS C 143 38.57 16.73 -14.72
N GLU C 144 38.70 18.04 -14.89
CA GLU C 144 37.55 18.90 -15.16
C GLU C 144 36.32 18.67 -14.32
N GLY C 145 36.56 18.62 -13.01
CA GLY C 145 35.46 18.49 -12.06
C GLY C 145 34.99 17.09 -11.77
N ARG C 146 35.64 16.07 -12.33
CA ARG C 146 35.25 14.66 -12.06
C ARG C 146 36.45 13.91 -11.47
N ALA C 147 36.18 13.07 -10.49
CA ALA C 147 37.25 12.35 -9.82
C ALA C 147 37.89 11.25 -10.68
N GLY C 148 39.19 11.06 -10.48
CA GLY C 148 39.93 10.01 -11.19
C GLY C 148 40.16 8.81 -10.31
N LEU C 149 39.89 7.61 -10.82
CA LEU C 149 40.09 6.36 -10.06
C LEU C 149 41.60 6.22 -9.73
N ASP C 150 42.42 6.60 -10.69
CA ASP C 150 43.92 6.52 -10.49
C ASP C 150 44.38 7.47 -9.39
N ASP C 151 43.87 8.72 -9.38
CA ASP C 151 44.30 9.66 -8.32
C ASP C 151 43.77 9.19 -6.97
N LEU C 152 42.53 8.69 -6.90
CA LEU C 152 41.99 8.23 -5.64
C LEU C 152 42.68 6.99 -5.11
N TYR C 153 43.11 6.07 -6.01
CA TYR C 153 43.83 4.89 -5.59
C TYR C 153 45.16 5.38 -4.96
N THR C 154 45.78 6.30 -5.65
CA THR C 154 47.07 6.85 -5.14
C THR C 154 46.86 7.50 -3.77
N ALA C 155 45.79 8.30 -3.64
CA ALA C 155 45.50 8.90 -2.35
C ALA C 155 45.29 7.83 -1.29
N GLY C 156 44.72 6.67 -1.66
CA GLY C 156 44.54 5.60 -0.71
C GLY C 156 45.87 4.96 -0.24
N VAL C 157 46.78 4.82 -1.16
CA VAL C 157 48.10 4.30 -0.85
C VAL C 157 48.78 5.29 0.09
N LEU C 158 48.65 6.59 -0.17
CA LEU C 158 49.29 7.61 0.72
C LEU C 158 48.59 7.60 2.09
N ALA C 159 47.25 7.54 2.08
CA ALA C 159 46.50 7.53 3.35
C ALA C 159 46.87 6.32 4.20
N GLU C 160 47.02 5.17 3.58
CA GLU C 160 47.42 4.00 4.35
C GLU C 160 48.79 4.19 4.95
N TYR C 161 49.72 4.71 4.17
CA TYR C 161 51.09 4.85 4.66
C TYR C 161 51.12 5.88 5.80
N LEU C 162 50.38 6.97 5.67
CA LEU C 162 50.31 7.97 6.76
C LEU C 162 49.76 7.31 8.05
N GLY C 163 48.85 6.35 7.95
CA GLY C 163 48.39 5.68 9.17
C GLY C 163 49.44 4.76 9.77
N PHE C 164 50.44 4.34 8.99
CA PHE C 164 51.50 3.51 9.55
C PHE C 164 52.36 4.37 10.46
N LEU C 165 52.32 5.68 10.21
CA LEU C 165 53.20 6.61 10.92
C LEU C 165 52.61 7.21 12.17
N GLY C 166 51.35 6.91 12.46
CA GLY C 166 50.81 7.51 13.67
C GLY C 166 49.31 7.61 13.57
N GLU C 167 48.69 8.08 14.66
CA GLU C 167 47.23 8.19 14.69
C GLU C 167 46.69 9.08 13.62
N VAL C 168 45.59 8.64 13.01
CA VAL C 168 44.95 9.49 12.01
C VAL C 168 43.46 9.56 12.28
N GLU C 169 42.86 10.70 11.92
CA GLU C 169 41.44 10.86 12.09
C GLU C 169 40.99 11.16 10.65
N PRO C 170 40.51 10.13 9.93
CA PRO C 170 40.07 10.33 8.55
C PRO C 170 38.72 10.99 8.39
N GLU C 171 38.56 11.82 7.36
CA GLU C 171 37.23 12.32 7.06
C GLU C 171 36.69 11.55 5.83
N ASP C 172 35.59 11.99 5.25
CA ASP C 172 34.94 11.18 4.19
C ASP C 172 35.83 10.86 3.01
N GLY C 173 36.51 11.87 2.50
CA GLY C 173 37.33 11.61 1.31
C GLY C 173 38.39 10.58 1.59
N ALA C 174 39.01 10.68 2.76
CA ALA C 174 40.01 9.68 3.13
C ALA C 174 39.44 8.27 3.24
N ARG C 175 38.24 8.11 3.81
CA ARG C 175 37.66 6.76 3.88
C ARG C 175 37.34 6.29 2.45
N VAL C 176 36.91 7.18 1.58
CA VAL C 176 36.65 6.78 0.18
C VAL C 176 37.99 6.31 -0.45
N ALA C 177 39.08 7.09 -0.26
CA ALA C 177 40.37 6.69 -0.84
C ALA C 177 40.86 5.36 -0.33
N LEU C 178 40.72 5.13 0.98
CA LEU C 178 41.15 3.85 1.55
C LEU C 178 40.29 2.72 0.97
N ALA C 179 39.00 2.97 0.73
CA ALA C 179 38.18 1.89 0.16
C ALA C 179 38.64 1.58 -1.26
N VAL C 180 39.03 2.62 -2.00
CA VAL C 180 39.52 2.42 -3.37
C VAL C 180 40.83 1.61 -3.33
N LYS C 181 41.74 1.96 -2.42
CA LYS C 181 42.99 1.18 -2.33
C LYS C 181 42.71 -0.29 -2.02
N ARG C 182 41.79 -0.53 -1.09
CA ARG C 182 41.46 -1.88 -0.71
C ARG C 182 40.83 -2.72 -1.83
N ALA C 183 40.14 -2.06 -2.76
CA ALA C 183 39.47 -2.74 -3.87
C ALA C 183 40.42 -3.16 -4.99
N TYR C 184 41.61 -2.58 -5.00
CA TYR C 184 42.60 -2.87 -6.05
C TYR C 184 43.96 -3.27 -5.52
N PRO C 185 44.18 -4.56 -5.36
CA PRO C 185 45.44 -5.14 -4.89
C PRO C 185 46.62 -4.80 -5.81
N ASP C 186 46.38 -4.57 -7.09
CA ASP C 186 47.45 -4.31 -8.08
C ASP C 186 47.34 -2.85 -8.56
N PRO C 187 48.36 -2.05 -8.29
CA PRO C 187 48.28 -0.64 -8.75
C PRO C 187 48.13 -0.50 -10.25
N LEU C 188 48.75 -1.39 -11.02
CA LEU C 188 48.59 -1.27 -12.47
C LEU C 188 47.13 -1.50 -12.90
N GLU C 189 46.33 -2.28 -12.17
CA GLU C 189 44.91 -2.47 -12.54
C GLU C 189 44.10 -1.20 -12.27
N ALA C 190 44.26 -0.63 -11.08
CA ALA C 190 43.56 0.57 -10.78
C ALA C 190 43.89 1.63 -11.81
N LEU C 191 45.17 1.76 -12.14
CA LEU C 191 45.55 2.76 -13.10
C LEU C 191 45.12 2.44 -14.53
N SER C 192 45.25 1.16 -14.92
CA SER C 192 44.92 0.84 -16.32
C SER C 192 43.44 0.91 -16.63
N LEU C 193 42.59 0.73 -15.61
CA LEU C 193 41.13 0.85 -15.80
C LEU C 193 40.68 2.31 -15.83
N SER C 194 41.54 3.22 -15.38
CA SER C 194 41.14 4.63 -15.27
C SER C 194 41.01 5.37 -16.56
N ALA C 195 40.14 6.39 -16.58
CA ALA C 195 39.97 7.23 -17.73
C ALA C 195 41.29 7.86 -18.18
N ALA C 196 42.18 8.18 -17.25
CA ALA C 196 43.44 8.83 -17.64
C ALA C 196 44.29 7.86 -18.48
N ALA C 197 44.33 6.59 -18.12
CA ALA C 197 45.09 5.60 -18.90
C ALA C 197 44.46 5.41 -20.27
N LEU C 198 43.13 5.31 -20.31
CA LEU C 198 42.44 5.13 -21.60
C LEU C 198 42.69 6.36 -22.48
N ALA C 199 42.74 7.57 -21.87
CA ALA C 199 42.99 8.78 -22.65
C ALA C 199 44.39 8.78 -23.26
N LEU C 200 45.37 8.22 -22.56
CA LEU C 200 46.71 8.15 -23.13
C LEU C 200 46.72 7.12 -24.27
N LYS C 201 45.98 6.03 -24.12
CA LYS C 201 45.92 5.03 -25.21
C LYS C 201 45.39 5.66 -26.48
N GLN C 202 44.40 6.55 -26.36
CA GLN C 202 43.85 7.23 -27.53
C GLN C 202 44.86 8.04 -28.34
N VAL C 203 45.91 8.53 -27.68
CA VAL C 203 46.92 9.33 -28.37
C VAL C 203 48.29 8.69 -28.40
N GLY C 204 48.31 7.38 -28.14
CA GLY C 204 49.54 6.62 -28.25
C GLY C 204 50.61 6.82 -27.22
N LEU C 205 50.23 7.28 -26.05
CA LEU C 205 51.21 7.53 -24.99
C LEU C 205 51.05 6.55 -23.83
N GLU C 206 50.37 5.44 -24.04
CA GLU C 206 50.13 4.47 -22.97
C GLU C 206 51.36 3.81 -22.30
N ALA C 207 52.52 3.91 -22.94
CA ALA C 207 53.73 3.35 -22.35
C ALA C 207 54.07 4.08 -21.03
N ASP C 208 53.49 5.26 -20.85
CA ASP C 208 53.72 5.96 -19.57
C ASP C 208 52.96 5.32 -18.40
N VAL C 209 51.92 4.54 -18.66
CA VAL C 209 51.13 4.04 -17.53
C VAL C 209 51.92 3.11 -16.60
N PRO C 210 52.69 2.16 -17.14
CA PRO C 210 53.43 1.30 -16.22
C PRO C 210 54.42 2.10 -15.36
N PHE C 211 54.96 3.18 -15.92
CA PHE C 211 55.90 4.00 -15.17
C PHE C 211 55.14 4.61 -14.01
N CYS C 212 53.94 5.09 -14.30
CA CYS C 212 53.14 5.70 -13.21
C CYS C 212 52.62 4.76 -12.14
N ALA C 213 52.60 3.45 -12.46
CA ALA C 213 52.14 2.43 -11.52
C ALA C 213 53.27 1.92 -10.61
N GLN C 214 54.50 2.40 -10.83
CA GLN C 214 55.60 2.01 -9.92
C GLN C 214 55.34 2.59 -8.53
N VAL C 215 55.56 1.79 -7.49
CA VAL C 215 55.34 2.24 -6.13
C VAL C 215 56.63 2.42 -5.35
N ALA C 216 56.88 3.67 -4.94
CA ALA C 216 58.01 4.01 -4.07
C ALA C 216 59.35 3.67 -4.66
N LYS C 217 59.47 4.00 -5.93
CA LYS C 217 60.71 3.77 -6.64
C LYS C 217 61.65 4.95 -6.57
N SER C 218 61.14 6.12 -6.22
CA SER C 218 61.98 7.31 -6.08
C SER C 218 61.80 7.95 -4.71
N ALA C 219 62.88 8.53 -4.19
CA ALA C 219 62.78 9.26 -2.91
C ALA C 219 62.63 10.75 -3.19
N ALA C 220 62.55 11.12 -4.46
CA ALA C 220 62.46 12.54 -4.81
C ALA C 220 61.08 13.15 -4.57
N VAL C 221 60.99 14.11 -3.65
CA VAL C 221 59.71 14.75 -3.35
C VAL C 221 59.74 16.23 -3.67
N PRO C 222 59.00 16.70 -4.69
CA PRO C 222 58.93 18.12 -5.01
C PRO C 222 58.20 18.81 -3.84
N VAL C 223 58.87 19.80 -3.23
CA VAL C 223 58.28 20.51 -2.10
C VAL C 223 58.26 22.01 -2.44
N LEU C 224 57.13 22.69 -2.21
CA LEU C 224 57.01 24.08 -2.54
C LEU C 224 57.91 24.93 -1.61
N ARG C 225 58.73 25.75 -2.24
CA ARG C 225 59.61 26.60 -1.42
C ARG C 225 59.63 28.05 -1.78
N GLY C 226 58.86 28.46 -2.79
CA GLY C 226 58.83 29.86 -3.18
C GLY C 226 57.85 30.08 -4.30
N ARG C 227 57.74 31.34 -4.71
CA ARG C 227 56.86 31.71 -5.82
C ARG C 227 57.49 32.88 -6.52
N VAL C 228 57.50 32.87 -7.84
CA VAL C 228 58.02 34.02 -8.58
C VAL C 228 57.02 34.28 -9.71
N GLY C 229 56.40 35.45 -9.65
CA GLY C 229 55.39 35.73 -10.67
C GLY C 229 54.35 34.62 -10.66
N GLU C 230 54.07 34.06 -11.83
CA GLU C 230 53.07 33.00 -11.96
C GLU C 230 53.60 31.61 -11.66
N ALA C 231 54.87 31.51 -11.27
CA ALA C 231 55.45 30.18 -11.01
C ALA C 231 55.57 29.80 -9.55
N LEU C 232 55.01 28.64 -9.22
CA LEU C 232 55.27 28.06 -7.90
C LEU C 232 56.66 27.38 -8.02
N ILE C 233 57.55 27.59 -7.04
CA ILE C 233 58.88 27.02 -7.16
C ILE C 233 59.01 25.77 -6.29
N PHE C 234 59.20 24.62 -6.93
CA PHE C 234 59.36 23.38 -6.19
C PHE C 234 60.82 22.93 -6.26
N LYS C 235 61.34 22.45 -5.14
CA LYS C 235 62.70 21.94 -5.08
C LYS C 235 62.62 20.53 -4.55
N ARG C 236 63.69 19.77 -4.72
CA ARG C 236 63.71 18.41 -4.22
C ARG C 236 63.89 18.48 -2.70
N ALA C 237 63.03 17.81 -1.94
CA ALA C 237 63.17 17.84 -0.48
C ALA C 237 64.45 17.19 0.01
N MET D 1 25.21 -0.65 -21.68
CA MET D 1 24.60 0.43 -20.86
C MET D 1 25.70 1.08 -20.01
N ARG D 2 26.05 2.32 -20.34
CA ARG D 2 27.08 3.00 -19.55
C ARG D 2 26.56 3.28 -18.14
N LEU D 3 27.47 3.17 -17.19
CA LEU D 3 27.16 3.42 -15.78
C LEU D 3 28.17 4.45 -15.30
N ARG D 4 27.68 5.58 -14.85
CA ARG D 4 28.56 6.68 -14.45
C ARG D 4 28.17 7.21 -13.08
N VAL D 5 29.19 7.56 -12.29
CA VAL D 5 28.92 8.21 -10.99
C VAL D 5 29.76 9.50 -10.97
N ASP D 6 29.11 10.63 -10.69
CA ASP D 6 29.83 11.90 -10.51
C ASP D 6 29.82 12.05 -8.99
N VAL D 7 31.02 12.09 -8.39
CA VAL D 7 31.18 12.15 -6.94
C VAL D 7 30.76 13.45 -6.30
N ILE D 8 30.67 14.51 -7.10
CA ILE D 8 30.22 15.82 -6.60
C ILE D 8 29.64 16.53 -7.86
N PRO D 9 28.71 17.50 -7.70
CA PRO D 9 28.21 18.18 -8.89
C PRO D 9 29.27 19.19 -9.43
N GLY D 10 29.04 19.68 -10.65
CA GLY D 10 29.91 20.66 -11.26
C GLY D 10 29.03 21.46 -12.21
N GLU D 11 29.17 22.77 -12.20
CA GLU D 11 28.30 23.60 -13.05
C GLU D 11 28.33 23.20 -14.51
N HIS D 12 29.50 22.86 -15.00
CA HIS D 12 29.66 22.53 -16.40
C HIS D 12 29.43 21.07 -16.79
N LEU D 13 29.20 20.21 -15.80
CA LEU D 13 29.00 18.80 -16.12
C LEU D 13 27.66 18.62 -16.84
N ALA D 14 27.66 17.73 -17.81
CA ALA D 14 26.46 17.45 -18.62
C ALA D 14 26.13 15.97 -18.52
N TYR D 15 24.85 15.62 -18.67
CA TYR D 15 24.37 14.23 -18.59
C TYR D 15 23.57 13.94 -19.84
N PRO D 16 23.98 12.93 -20.62
CA PRO D 16 23.26 12.60 -21.84
C PRO D 16 21.93 11.89 -21.71
N ASP D 17 21.70 11.24 -20.57
CA ASP D 17 20.49 10.41 -20.44
C ASP D 17 19.87 10.46 -19.06
N VAL D 18 19.93 9.35 -18.33
CA VAL D 18 19.30 9.29 -17.01
C VAL D 18 20.24 9.72 -15.89
N VAL D 19 19.70 10.50 -14.96
CA VAL D 19 20.50 10.84 -13.75
C VAL D 19 19.73 10.51 -12.49
N LEU D 20 20.34 9.72 -11.61
CA LEU D 20 19.81 9.38 -10.30
C LEU D 20 20.54 10.36 -9.37
N VAL D 21 19.84 11.36 -8.83
CA VAL D 21 20.46 12.30 -7.90
C VAL D 21 20.39 11.72 -6.48
N VAL D 22 21.52 11.78 -5.77
CA VAL D 22 21.56 11.22 -4.42
C VAL D 22 21.99 12.22 -3.35
N ASP D 23 21.18 12.39 -2.32
CA ASP D 23 21.58 13.20 -1.14
C ASP D 23 20.91 12.33 -0.06
N VAL D 24 21.63 11.26 0.32
CA VAL D 24 21.02 10.29 1.19
C VAL D 24 20.75 10.79 2.60
N ILE D 25 21.64 11.63 3.14
CA ILE D 25 21.34 12.25 4.44
C ILE D 25 21.28 13.75 4.07
N ARG D 26 20.11 14.32 3.78
CA ARG D 26 18.81 13.63 3.83
C ARG D 26 17.88 13.90 2.67
N ALA D 27 18.12 14.97 1.92
CA ALA D 27 17.15 15.40 0.93
C ALA D 27 16.49 14.38 0.03
N THR D 28 17.25 13.49 -0.61
CA THR D 28 16.51 12.56 -1.47
C THR D 28 15.78 11.49 -0.69
N THR D 29 16.25 11.13 0.49
CA THR D 29 15.52 10.17 1.34
C THR D 29 14.21 10.88 1.76
N THR D 30 14.33 12.13 2.17
CA THR D 30 13.13 12.88 2.54
C THR D 30 12.13 13.01 1.39
N ALA D 31 12.62 13.33 0.20
CA ALA D 31 11.70 13.39 -0.97
C ALA D 31 10.90 12.06 -1.12
N ALA D 32 11.55 10.91 -1.05
CA ALA D 32 10.82 9.64 -1.18
C ALA D 32 9.83 9.44 -0.03
N ALA D 33 10.19 9.87 1.15
CA ALA D 33 9.32 9.73 2.32
C ALA D 33 8.08 10.58 2.12
N PHE D 34 8.20 11.81 1.59
CA PHE D 34 6.99 12.63 1.36
C PHE D 34 6.09 11.96 0.32
N LEU D 35 6.67 11.31 -0.69
CA LEU D 35 5.83 10.65 -1.69
C LEU D 35 5.21 9.41 -1.02
N GLU D 36 5.97 8.69 -0.19
CA GLU D 36 5.36 7.55 0.53
C GLU D 36 4.14 8.03 1.32
N ALA D 37 4.26 9.21 1.94
CA ALA D 37 3.21 9.80 2.78
C ALA D 37 2.06 10.31 1.95
N GLY D 38 2.17 10.18 0.63
CA GLY D 38 1.08 10.58 -0.24
C GLY D 38 1.13 11.94 -0.88
N ALA D 39 2.21 12.69 -0.69
CA ALA D 39 2.25 14.02 -1.36
C ALA D 39 2.00 13.87 -2.87
N GLU D 40 1.32 14.85 -3.44
CA GLU D 40 1.01 14.85 -4.87
C GLU D 40 2.23 15.25 -5.68
N ALA D 41 3.00 16.20 -5.17
CA ALA D 41 4.19 16.65 -5.90
C ALA D 41 5.18 17.31 -4.97
N LEU D 42 6.44 17.32 -5.39
CA LEU D 42 7.49 18.00 -4.65
C LEU D 42 8.04 19.07 -5.56
N TYR D 43 8.14 20.29 -5.05
CA TYR D 43 8.71 21.42 -5.79
C TYR D 43 10.08 21.65 -5.20
N TRP D 44 11.14 21.37 -5.96
CA TRP D 44 12.48 21.56 -5.42
C TRP D 44 13.01 22.87 -5.93
N THR D 45 13.24 23.83 -5.03
CA THR D 45 13.74 25.15 -5.41
C THR D 45 15.22 25.20 -5.14
N PRO D 46 15.91 26.13 -5.79
CA PRO D 46 17.36 26.28 -5.65
C PRO D 46 17.84 27.18 -4.52
N SER D 47 16.91 27.79 -3.79
CA SER D 47 17.32 28.67 -2.71
C SER D 47 16.20 28.80 -1.72
N LEU D 48 16.56 29.19 -0.51
CA LEU D 48 15.60 29.40 0.54
C LEU D 48 14.59 30.49 0.11
N GLU D 49 15.11 31.56 -0.49
CA GLU D 49 14.28 32.66 -0.94
C GLU D 49 13.19 32.22 -1.92
N SER D 50 13.61 31.45 -2.93
CA SER D 50 12.65 30.99 -3.92
C SER D 50 11.62 30.07 -3.29
N ALA D 51 12.00 29.34 -2.24
CA ALA D 51 11.01 28.49 -1.58
C ALA D 51 10.02 29.37 -0.79
N LEU D 52 10.51 30.34 -0.02
CA LEU D 52 9.63 31.22 0.75
C LEU D 52 8.67 31.98 -0.18
N ALA D 53 9.04 32.09 -1.45
CA ALA D 53 8.18 32.79 -2.40
C ALA D 53 6.82 32.09 -2.54
N PHE D 54 6.77 30.79 -2.24
CA PHE D 54 5.53 30.01 -2.32
C PHE D 54 4.78 30.04 -0.99
N LYS D 55 5.34 30.74 -0.02
CA LYS D 55 4.76 30.75 1.31
C LYS D 55 3.28 31.02 1.47
N ASP D 56 2.70 31.98 0.74
CA ASP D 56 1.28 32.25 0.93
C ASP D 56 0.46 31.40 -0.02
N GLU D 57 1.11 30.44 -0.66
CA GLU D 57 0.41 29.56 -1.57
C GLU D 57 -0.05 28.27 -0.90
N ASP D 58 -0.82 27.47 -1.63
CA ASP D 58 -1.35 26.21 -1.13
C ASP D 58 -0.32 25.11 -1.21
N VAL D 59 0.70 25.23 -0.37
CA VAL D 59 1.76 24.24 -0.31
C VAL D 59 2.23 24.08 1.12
N VAL D 60 2.96 23.00 1.35
CA VAL D 60 3.57 22.74 2.65
C VAL D 60 5.03 23.08 2.36
N LEU D 61 5.65 23.89 3.21
CA LEU D 61 7.05 24.29 3.04
C LEU D 61 7.93 23.44 3.93
N ALA D 62 8.88 22.72 3.31
CA ALA D 62 9.80 21.88 4.08
C ALA D 62 11.24 22.16 3.72
N GLY D 63 12.15 21.94 4.65
CA GLY D 63 13.52 22.15 4.28
C GLY D 63 14.43 22.41 5.44
N GLU D 64 15.61 22.93 5.14
CA GLU D 64 16.57 23.18 6.20
C GLU D 64 17.70 24.13 5.81
N THR D 65 18.28 24.75 6.84
CA THR D 65 19.53 25.50 6.71
C THR D 65 20.29 25.02 7.93
N GLY D 66 21.52 24.53 7.72
CA GLY D 66 22.31 24.01 8.83
C GLY D 66 21.67 22.74 9.44
N GLY D 67 20.84 22.08 8.64
CA GLY D 67 20.16 20.87 9.08
C GLY D 67 18.86 21.17 9.85
N LEU D 68 18.60 22.44 10.20
CA LEU D 68 17.42 22.72 11.00
C LEU D 68 16.32 23.42 10.22
N LYS D 69 15.08 23.17 10.60
CA LYS D 69 13.94 23.81 9.95
C LYS D 69 14.07 25.32 10.05
N PRO D 70 13.84 26.05 8.96
CA PRO D 70 13.91 27.52 8.96
C PRO D 70 12.66 27.98 9.71
N PRO D 71 12.75 29.11 10.39
CA PRO D 71 11.57 29.56 11.14
C PRO D 71 10.22 29.59 10.41
N ARG D 72 10.18 30.13 9.18
CA ARG D 72 8.92 30.22 8.44
C ARG D 72 8.44 28.97 7.74
N PHE D 73 9.20 27.88 7.84
CA PHE D 73 8.77 26.65 7.20
C PHE D 73 7.84 25.82 8.08
N ASP D 74 7.09 24.92 7.45
CA ASP D 74 6.19 24.06 8.16
C ASP D 74 6.89 22.85 8.72
N LEU D 75 7.84 22.30 7.95
CA LEU D 75 8.60 21.11 8.34
C LEU D 75 10.09 21.29 8.05
N GLY D 76 10.92 20.49 8.74
CA GLY D 76 12.36 20.49 8.52
C GLY D 76 12.65 19.49 7.40
N ASN D 77 13.83 18.88 7.47
CA ASN D 77 14.23 17.93 6.43
C ASN D 77 14.35 16.52 6.98
N SER D 78 13.68 16.22 8.10
CA SER D 78 13.71 14.82 8.60
C SER D 78 12.84 13.90 7.76
N PRO D 79 13.39 12.79 7.28
CA PRO D 79 12.55 11.88 6.47
C PRO D 79 11.57 11.15 7.34
N ARG D 80 11.89 10.97 8.63
CA ARG D 80 10.99 10.27 9.53
C ARG D 80 9.75 11.14 9.72
N GLU D 81 9.98 12.43 9.93
CA GLU D 81 8.84 13.37 10.08
C GLU D 81 8.11 13.51 8.76
N ALA D 82 8.84 13.44 7.66
CA ALA D 82 8.18 13.55 6.37
C ALA D 82 7.20 12.38 6.16
N LEU D 83 7.63 11.15 6.47
CA LEU D 83 6.83 9.95 6.31
C LEU D 83 5.50 10.01 7.10
N SER D 84 5.54 10.66 8.25
CA SER D 84 4.33 10.72 9.07
C SER D 84 3.63 12.06 8.99
N ALA D 85 4.02 12.89 8.02
CA ALA D 85 3.41 14.21 7.87
C ALA D 85 2.06 14.15 7.16
N GLN D 86 1.23 15.15 7.44
CA GLN D 86 -0.08 15.23 6.80
C GLN D 86 0.11 15.98 5.49
N VAL D 87 0.45 15.22 4.47
CA VAL D 87 0.72 15.79 3.16
C VAL D 87 -0.01 15.02 2.05
N ALA D 88 -0.89 14.09 2.40
CA ALA D 88 -1.59 13.35 1.35
C ALA D 88 -2.26 14.35 0.38
N GLY D 89 -2.04 14.17 -0.93
CA GLY D 89 -2.63 15.05 -1.91
C GLY D 89 -2.07 16.47 -1.99
N ARG D 90 -1.09 16.81 -1.16
CA ARG D 90 -0.50 18.15 -1.15
C ARG D 90 0.79 18.32 -1.99
N VAL D 91 1.11 19.58 -2.28
CA VAL D 91 2.36 19.92 -2.95
C VAL D 91 3.29 20.34 -1.81
N VAL D 92 4.50 19.78 -1.79
CA VAL D 92 5.50 20.09 -0.78
C VAL D 92 6.65 20.79 -1.48
N VAL D 93 6.92 22.02 -1.07
CA VAL D 93 8.05 22.78 -1.58
C VAL D 93 9.25 22.47 -0.66
N MET D 94 10.38 22.06 -1.23
CA MET D 94 11.56 21.77 -0.44
C MET D 94 12.75 22.59 -0.86
N SER D 95 13.46 23.13 0.14
CA SER D 95 14.68 23.87 -0.07
C SER D 95 15.72 23.24 0.88
N THR D 96 16.84 22.70 0.35
CA THR D 96 17.88 22.08 1.19
C THR D 96 19.35 22.53 0.86
N THR D 97 20.31 22.25 1.72
CA THR D 97 21.68 22.73 1.45
C THR D 97 22.42 22.18 0.20
N ASN D 98 22.26 20.90 -0.07
CA ASN D 98 23.06 20.30 -1.14
C ASN D 98 22.29 19.62 -2.24
N GLY D 99 21.25 18.90 -1.86
CA GLY D 99 20.45 18.15 -2.82
C GLY D 99 19.71 18.94 -3.87
N THR D 100 19.03 20.01 -3.47
CA THR D 100 18.26 20.72 -4.47
C THR D 100 19.13 21.38 -5.52
N LYS D 101 20.34 21.81 -5.18
CA LYS D 101 21.20 22.39 -6.21
C LYS D 101 21.76 21.29 -7.15
N ALA D 102 21.99 20.10 -6.62
CA ALA D 102 22.48 19.00 -7.43
C ALA D 102 21.41 18.65 -8.47
N ALA D 103 20.16 18.63 -8.01
CA ALA D 103 19.06 18.31 -8.93
C ALA D 103 18.97 19.35 -10.05
N HIS D 104 19.06 20.63 -9.68
CA HIS D 104 19.02 21.68 -10.67
C HIS D 104 20.19 21.54 -11.65
N ALA D 105 21.39 21.22 -11.13
CA ALA D 105 22.51 21.04 -12.05
C ALA D 105 22.27 19.91 -13.06
N ALA D 106 21.76 18.80 -12.57
CA ALA D 106 21.49 17.69 -13.48
C ALA D 106 20.41 18.05 -14.47
N ALA D 107 19.37 18.73 -13.99
CA ALA D 107 18.22 19.05 -14.86
C ALA D 107 18.55 19.93 -16.03
N ARG D 108 19.74 20.53 -16.00
CA ARG D 108 20.10 21.43 -17.06
C ARG D 108 20.28 20.66 -18.36
N THR D 109 20.69 19.40 -18.29
CA THR D 109 20.95 18.65 -19.49
C THR D 109 20.36 17.25 -19.57
N ALA D 110 20.05 16.67 -18.41
CA ALA D 110 19.58 15.30 -18.37
C ALA D 110 18.25 15.03 -19.12
N LYS D 111 18.11 13.81 -19.63
CA LYS D 111 16.84 13.41 -20.25
C LYS D 111 15.83 13.02 -19.16
N HIS D 112 16.32 12.42 -18.08
CA HIS D 112 15.45 11.99 -17.00
C HIS D 112 16.18 12.23 -15.69
N VAL D 113 15.49 12.76 -14.68
CA VAL D 113 16.12 12.96 -13.38
C VAL D 113 15.24 12.28 -12.32
N LEU D 114 15.83 11.36 -11.58
CA LEU D 114 15.18 10.62 -10.52
C LEU D 114 15.88 10.94 -9.20
N LEU D 115 15.13 10.98 -8.09
CA LEU D 115 15.72 11.23 -6.77
C LEU D 115 15.85 9.84 -6.09
N ALA D 116 17.10 9.46 -5.79
CA ALA D 116 17.39 8.12 -5.27
C ALA D 116 18.05 8.18 -3.93
N SER D 117 17.87 7.09 -3.17
CA SER D 117 18.41 7.00 -1.83
C SER D 117 18.56 5.52 -1.52
N LEU D 118 19.08 5.21 -0.33
CA LEU D 118 19.09 3.80 0.07
C LEU D 118 17.62 3.35 0.29
N TYR D 119 16.79 4.26 0.81
CA TYR D 119 15.42 3.94 1.15
C TYR D 119 14.60 3.47 -0.05
N ASN D 120 14.82 4.04 -1.22
CA ASN D 120 14.06 3.59 -2.42
C ASN D 120 14.98 3.05 -3.48
N ALA D 121 16.12 2.50 -3.06
CA ALA D 121 17.14 2.08 -4.02
C ALA D 121 16.80 1.13 -5.14
N HIS D 122 16.09 0.05 -4.82
CA HIS D 122 15.83 -0.93 -5.87
C HIS D 122 14.83 -0.40 -6.90
N ALA D 123 13.79 0.27 -6.40
CA ALA D 123 12.80 0.82 -7.28
C ALA D 123 13.43 1.93 -8.12
N ALA D 124 14.30 2.76 -7.51
CA ALA D 124 14.94 3.82 -8.28
C ALA D 124 15.85 3.25 -9.37
N ALA D 125 16.62 2.20 -9.03
CA ALA D 125 17.53 1.60 -10.03
C ALA D 125 16.71 0.92 -11.12
N ARG D 126 15.61 0.25 -10.74
CA ARG D 126 14.79 -0.40 -11.79
C ARG D 126 14.19 0.62 -12.75
N LEU D 127 13.72 1.75 -12.24
CA LEU D 127 13.16 2.78 -13.16
C LEU D 127 14.24 3.39 -14.04
N ALA D 128 15.41 3.63 -13.44
CA ALA D 128 16.49 4.18 -14.21
C ALA D 128 16.82 3.27 -15.40
N ARG D 129 16.91 1.96 -15.17
CA ARG D 129 17.23 1.04 -16.25
C ARG D 129 16.07 0.97 -17.26
N GLU D 130 14.83 1.08 -16.80
CA GLU D 130 13.69 1.07 -17.72
C GLU D 130 13.72 2.29 -18.65
N LEU D 131 14.11 3.46 -18.13
CA LEU D 131 14.11 4.68 -18.93
C LEU D 131 15.34 4.91 -19.78
N ALA D 132 16.46 4.31 -19.39
CA ALA D 132 17.70 4.57 -20.10
C ALA D 132 17.82 3.98 -21.48
N THR D 133 18.54 4.71 -22.33
CA THR D 133 18.82 4.21 -23.65
C THR D 133 20.33 4.15 -23.86
N GLU D 134 21.10 5.04 -23.23
CA GLU D 134 22.55 4.98 -23.40
C GLU D 134 23.35 5.08 -22.09
N GLU D 135 22.77 5.65 -21.04
CA GLU D 135 23.55 5.81 -19.80
C GLU D 135 22.68 6.06 -18.57
N VAL D 136 23.09 5.45 -17.45
CA VAL D 136 22.48 5.75 -16.15
C VAL D 136 23.67 6.39 -15.41
N ALA D 137 23.49 7.63 -15.01
CA ALA D 137 24.50 8.39 -14.28
C ALA D 137 23.93 8.56 -12.89
N ILE D 138 24.77 8.52 -11.87
CA ILE D 138 24.39 8.76 -10.49
C ILE D 138 25.15 9.99 -10.05
N LEU D 139 24.44 11.04 -9.59
CA LEU D 139 25.09 12.28 -9.19
C LEU D 139 24.99 12.40 -7.70
N CYS D 140 26.13 12.35 -7.02
CA CYS D 140 26.12 12.48 -5.57
C CYS D 140 26.19 13.96 -5.24
N ALA D 141 25.35 14.41 -4.32
CA ALA D 141 25.35 15.86 -4.01
C ALA D 141 26.58 16.33 -3.20
N GLY D 142 27.06 15.46 -2.30
CA GLY D 142 28.20 15.83 -1.46
C GLY D 142 27.89 17.10 -0.70
N LYS D 143 28.91 17.88 -0.39
CA LYS D 143 28.68 19.15 0.32
C LYS D 143 29.77 20.15 -0.03
N GLU D 144 29.33 21.27 -0.58
CA GLU D 144 30.19 22.39 -0.94
C GLU D 144 31.49 22.01 -1.62
N GLY D 145 31.38 21.13 -2.60
CA GLY D 145 32.54 20.79 -3.39
C GLY D 145 33.38 19.64 -2.88
N ARG D 146 32.95 19.00 -1.80
CA ARG D 146 33.68 17.83 -1.24
C ARG D 146 32.72 16.62 -1.25
N ALA D 147 33.27 15.45 -1.57
CA ALA D 147 32.41 14.27 -1.68
C ALA D 147 31.99 13.72 -0.34
N GLY D 148 30.80 13.10 -0.31
CA GLY D 148 30.34 12.48 0.91
C GLY D 148 30.43 10.98 0.88
N LEU D 149 30.89 10.38 1.98
CA LEU D 149 31.03 8.93 2.09
C LEU D 149 29.66 8.28 1.99
N ASP D 150 28.69 8.91 2.65
CA ASP D 150 27.32 8.40 2.61
C ASP D 150 26.73 8.42 1.21
N ASP D 151 26.86 9.52 0.47
CA ASP D 151 26.32 9.57 -0.90
C ASP D 151 27.07 8.56 -1.84
N LEU D 152 28.38 8.40 -1.64
CA LEU D 152 29.08 7.46 -2.51
C LEU D 152 28.73 6.03 -2.18
N TYR D 153 28.51 5.73 -0.89
CA TYR D 153 28.11 4.40 -0.52
C TYR D 153 26.80 4.08 -1.21
N THR D 154 25.91 5.07 -1.18
CA THR D 154 24.56 4.91 -1.78
C THR D 154 24.69 4.72 -3.26
N ALA D 155 25.56 5.50 -3.90
CA ALA D 155 25.80 5.36 -5.37
C ALA D 155 26.34 3.96 -5.62
N GLY D 156 27.15 3.42 -4.68
CA GLY D 156 27.71 2.07 -4.83
C GLY D 156 26.59 1.02 -4.76
N VAL D 157 25.64 1.20 -3.83
CA VAL D 157 24.51 0.26 -3.72
C VAL D 157 23.71 0.32 -5.01
N LEU D 158 23.46 1.51 -5.54
CA LEU D 158 22.71 1.64 -6.81
C LEU D 158 23.46 0.99 -7.97
N ALA D 159 24.75 1.30 -8.08
CA ALA D 159 25.58 0.72 -9.14
C ALA D 159 25.57 -0.80 -9.07
N GLU D 160 25.67 -1.37 -7.89
CA GLU D 160 25.67 -2.80 -7.78
C GLU D 160 24.34 -3.36 -8.23
N TYR D 161 23.24 -2.74 -7.80
CA TYR D 161 21.91 -3.23 -8.17
C TYR D 161 21.74 -3.14 -9.66
N LEU D 162 22.20 -2.05 -10.28
CA LEU D 162 22.07 -1.90 -11.73
C LEU D 162 22.80 -3.00 -12.49
N GLY D 163 23.93 -3.45 -11.96
CA GLY D 163 24.67 -4.53 -12.61
C GLY D 163 24.00 -5.88 -12.32
N PHE D 164 23.21 -5.95 -11.25
CA PHE D 164 22.51 -7.20 -10.95
C PHE D 164 21.36 -7.32 -11.96
N LEU D 165 20.86 -6.18 -12.42
CA LEU D 165 19.74 -6.09 -13.36
C LEU D 165 20.15 -6.31 -14.82
N GLY D 166 21.42 -6.12 -15.12
CA GLY D 166 21.88 -6.29 -16.49
C GLY D 166 23.32 -5.80 -16.65
N GLU D 167 23.89 -5.96 -17.84
CA GLU D 167 25.27 -5.53 -18.02
C GLU D 167 25.43 -4.02 -17.90
N VAL D 168 26.58 -3.59 -17.41
CA VAL D 168 26.84 -2.16 -17.28
C VAL D 168 28.29 -1.94 -17.63
N GLU D 169 28.60 -0.75 -18.10
CA GLU D 169 29.96 -0.37 -18.45
C GLU D 169 30.32 0.79 -17.52
N PRO D 170 31.03 0.53 -16.43
CA PRO D 170 31.36 1.63 -15.52
C PRO D 170 32.54 2.50 -15.91
N GLU D 171 32.49 3.75 -15.49
CA GLU D 171 33.63 4.64 -15.62
C GLU D 171 34.24 4.86 -14.22
N ASP D 172 35.15 5.81 -14.08
CA ASP D 172 35.89 5.96 -12.80
C ASP D 172 35.04 6.16 -11.57
N GLY D 173 34.11 7.11 -11.66
CA GLY D 173 33.24 7.36 -10.51
C GLY D 173 32.47 6.13 -10.05
N ALA D 174 31.95 5.34 -10.99
CA ALA D 174 31.21 4.14 -10.65
C ALA D 174 32.11 3.10 -10.01
N ARG D 175 33.36 2.98 -10.49
CA ARG D 175 34.30 2.04 -9.86
C ARG D 175 34.63 2.51 -8.43
N VAL D 176 34.76 3.82 -8.23
CA VAL D 176 34.99 4.35 -6.86
C VAL D 176 33.75 4.04 -5.95
N ALA D 177 32.54 4.28 -6.47
CA ALA D 177 31.33 3.98 -5.68
C ALA D 177 31.22 2.51 -5.30
N LEU D 178 31.50 1.64 -6.28
CA LEU D 178 31.49 0.22 -6.02
C LEU D 178 32.52 -0.18 -4.97
N ALA D 179 33.71 0.44 -4.97
CA ALA D 179 34.73 0.14 -3.95
C ALA D 179 34.25 0.55 -2.54
N VAL D 180 33.57 1.69 -2.47
CA VAL D 180 33.02 2.16 -1.18
C VAL D 180 31.94 1.20 -0.70
N LYS D 181 31.03 0.81 -1.59
CA LYS D 181 30.02 -0.18 -1.19
C LYS D 181 30.69 -1.47 -0.69
N ARG D 182 31.68 -1.95 -1.40
CA ARG D 182 32.35 -3.16 -1.00
C ARG D 182 33.06 -3.07 0.34
N ALA D 183 33.50 -1.88 0.70
CA ALA D 183 34.21 -1.67 1.98
C ALA D 183 33.32 -1.67 3.22
N TYR D 184 32.01 -1.50 3.04
CA TYR D 184 31.08 -1.46 4.17
C TYR D 184 29.87 -2.41 4.04
N PRO D 185 29.97 -3.62 4.61
CA PRO D 185 28.82 -4.54 4.52
C PRO D 185 27.57 -4.03 5.29
N ASP D 186 27.76 -3.12 6.24
CA ASP D 186 26.64 -2.60 7.03
C ASP D 186 26.35 -1.17 6.57
N PRO D 187 25.21 -0.93 5.90
CA PRO D 187 24.89 0.42 5.44
C PRO D 187 24.90 1.48 6.55
N LEU D 188 24.47 1.10 7.74
CA LEU D 188 24.47 2.07 8.81
C LEU D 188 25.88 2.47 9.24
N GLU D 189 26.85 1.55 9.08
CA GLU D 189 28.24 1.89 9.44
C GLU D 189 28.75 2.98 8.48
N ALA D 190 28.56 2.79 7.16
CA ALA D 190 29.03 3.74 6.19
C ALA D 190 28.38 5.10 6.46
N LEU D 191 27.09 5.09 6.69
CA LEU D 191 26.37 6.36 6.91
C LEU D 191 26.74 7.00 8.25
N SER D 192 26.88 6.21 9.30
CA SER D 192 27.17 6.82 10.59
C SER D 192 28.56 7.42 10.70
N LEU D 193 29.50 6.88 9.92
CA LEU D 193 30.86 7.44 9.91
C LEU D 193 30.97 8.74 9.10
N SER D 194 29.95 9.06 8.30
CA SER D 194 30.02 10.22 7.41
C SER D 194 29.88 11.54 8.08
N ALA D 195 30.43 12.55 7.45
CA ALA D 195 30.35 13.91 7.95
C ALA D 195 28.89 14.34 8.07
N ALA D 196 28.03 13.91 7.14
CA ALA D 196 26.61 14.30 7.21
C ALA D 196 25.91 13.79 8.45
N ALA D 197 26.24 12.57 8.86
CA ALA D 197 25.69 11.97 10.08
C ALA D 197 26.24 12.70 11.30
N LEU D 198 27.54 13.00 11.32
CA LEU D 198 28.12 13.73 12.45
C LEU D 198 27.46 15.14 12.54
N ALA D 199 27.20 15.79 11.42
CA ALA D 199 26.56 17.13 11.50
C ALA D 199 25.15 17.03 12.12
N LEU D 200 24.41 15.98 11.81
CA LEU D 200 23.06 15.81 12.42
C LEU D 200 23.17 15.53 13.90
N LYS D 201 24.13 14.71 14.29
CA LYS D 201 24.27 14.37 15.69
C LYS D 201 24.57 15.64 16.50
N GLN D 202 25.37 16.57 15.94
CA GLN D 202 25.72 17.80 16.65
C GLN D 202 24.49 18.68 16.92
N VAL D 203 23.46 18.59 16.10
CA VAL D 203 22.24 19.38 16.35
C VAL D 203 21.06 18.54 16.82
N GLY D 204 21.33 17.35 17.34
CA GLY D 204 20.25 16.56 17.92
C GLY D 204 19.36 15.80 17.00
N LEU D 205 19.78 15.66 15.74
CA LEU D 205 18.98 14.94 14.77
C LEU D 205 19.54 13.59 14.35
N GLU D 206 20.36 12.97 15.18
CA GLU D 206 20.98 11.67 14.83
C GLU D 206 19.95 10.56 14.56
N ALA D 207 18.72 10.68 15.07
CA ALA D 207 17.72 9.64 14.80
C ALA D 207 17.37 9.54 13.32
N ASP D 208 17.66 10.57 12.53
CA ASP D 208 17.36 10.47 11.12
C ASP D 208 18.34 9.54 10.39
N VAL D 209 19.54 9.37 10.94
CA VAL D 209 20.53 8.55 10.24
C VAL D 209 20.08 7.08 10.05
N PRO D 210 19.56 6.40 11.10
CA PRO D 210 19.13 5.00 10.79
C PRO D 210 17.96 4.97 9.81
N PHE D 211 17.10 6.00 9.79
CA PHE D 211 16.04 6.00 8.78
C PHE D 211 16.68 6.06 7.38
N CYS D 212 17.73 6.88 7.21
CA CYS D 212 18.38 6.99 5.90
C CYS D 212 19.19 5.73 5.52
N ALA D 213 19.50 4.88 6.49
CA ALA D 213 20.24 3.65 6.22
C ALA D 213 19.29 2.49 5.90
N GLN D 214 17.99 2.71 5.84
CA GLN D 214 17.02 1.67 5.44
C GLN D 214 17.29 1.41 3.94
N VAL D 215 17.24 0.13 3.53
CA VAL D 215 17.50 -0.20 2.14
C VAL D 215 16.29 -0.83 1.45
N ALA D 216 15.85 -0.16 0.40
CA ALA D 216 14.74 -0.61 -0.45
C ALA D 216 13.45 -0.87 0.29
N LYS D 217 13.14 -0.02 1.27
CA LYS D 217 11.89 -0.19 2.00
C LYS D 217 10.75 0.56 1.29
N SER D 218 11.07 1.40 0.33
CA SER D 218 10.09 2.17 -0.40
C SER D 218 10.20 2.00 -1.91
N ALA D 219 9.04 1.92 -2.57
CA ALA D 219 9.05 1.86 -4.03
C ALA D 219 8.70 3.22 -4.63
N ALA D 220 8.64 4.26 -3.80
CA ALA D 220 8.30 5.60 -4.30
C ALA D 220 9.52 6.26 -4.89
N VAL D 221 9.46 6.56 -6.19
CA VAL D 221 10.57 7.19 -6.85
C VAL D 221 10.19 8.55 -7.39
N PRO D 222 10.70 9.66 -6.79
CA PRO D 222 10.40 11.02 -7.30
C PRO D 222 11.05 11.13 -8.68
N VAL D 223 10.27 11.50 -9.70
CA VAL D 223 10.75 11.68 -11.04
C VAL D 223 10.45 13.09 -11.52
N LEU D 224 11.41 13.73 -12.15
CA LEU D 224 11.25 15.09 -12.65
C LEU D 224 10.25 15.11 -13.81
N ARG D 225 9.18 15.90 -13.68
CA ARG D 225 8.13 15.93 -14.72
C ARG D 225 7.93 17.31 -15.31
N GLY D 226 8.43 18.35 -14.66
CA GLY D 226 8.23 19.68 -15.20
C GLY D 226 8.95 20.72 -14.40
N ARG D 227 8.69 21.99 -14.70
CA ARG D 227 9.35 23.09 -13.99
C ARG D 227 8.41 24.29 -13.95
N VAL D 228 8.27 24.94 -12.80
CA VAL D 228 7.45 26.13 -12.75
C VAL D 228 8.27 27.18 -12.01
N GLY D 229 8.56 28.27 -12.70
CA GLY D 229 9.38 29.29 -12.06
C GLY D 229 10.73 28.68 -11.67
N GLU D 230 11.14 28.88 -10.42
CA GLU D 230 12.42 28.33 -9.97
C GLU D 230 12.32 26.90 -9.48
N ALA D 231 11.12 26.34 -9.46
CA ALA D 231 10.94 24.97 -8.92
C ALA D 231 10.99 23.85 -9.96
N LEU D 232 11.70 22.78 -9.62
CA LEU D 232 11.67 21.58 -10.40
C LEU D 232 10.47 20.84 -9.80
N ILE D 233 9.60 20.26 -10.65
CA ILE D 233 8.42 19.53 -10.21
C ILE D 233 8.66 18.02 -10.26
N PHE D 234 8.65 17.37 -9.10
CA PHE D 234 8.84 15.92 -9.05
C PHE D 234 7.52 15.28 -8.66
N LYS D 235 7.22 14.16 -9.30
CA LYS D 235 6.00 13.43 -8.97
C LYS D 235 6.35 11.97 -8.77
N ARG D 236 5.49 11.20 -8.13
CA ARG D 236 5.81 9.79 -7.93
C ARG D 236 5.73 9.07 -9.26
N ALA D 237 6.72 8.22 -9.55
CA ALA D 237 6.71 7.47 -10.80
C ALA D 237 5.66 6.38 -10.73
N MET E 1 -38.08 -29.47 -11.50
CA MET E 1 -37.66 -29.98 -10.14
C MET E 1 -37.93 -28.95 -9.04
N ARG E 2 -38.59 -29.40 -7.97
CA ARG E 2 -38.90 -28.45 -6.87
C ARG E 2 -37.60 -27.86 -6.31
N LEU E 3 -37.68 -26.58 -6.03
CA LEU E 3 -36.59 -25.80 -5.46
C LEU E 3 -37.11 -25.15 -4.20
N ARG E 4 -36.45 -25.44 -3.09
CA ARG E 4 -36.88 -24.98 -1.77
C ARG E 4 -35.73 -24.33 -1.01
N VAL E 5 -35.99 -23.23 -0.30
CA VAL E 5 -34.99 -22.74 0.61
C VAL E 5 -35.65 -22.61 2.00
N ASP E 6 -34.98 -23.16 3.03
CA ASP E 6 -35.40 -22.98 4.42
C ASP E 6 -34.41 -21.92 4.96
N VAL E 7 -34.98 -20.79 5.40
CA VAL E 7 -34.15 -19.66 5.82
C VAL E 7 -33.43 -19.90 7.15
N ILE E 8 -33.87 -20.87 7.94
CA ILE E 8 -33.17 -21.30 9.17
C ILE E 8 -33.59 -22.76 9.41
N PRO E 9 -32.81 -23.51 10.17
CA PRO E 9 -33.20 -24.88 10.45
C PRO E 9 -34.35 -24.88 11.46
N GLY E 10 -35.02 -26.01 11.55
CA GLY E 10 -36.08 -26.17 12.52
C GLY E 10 -36.05 -27.62 12.98
N GLU E 11 -36.33 -27.82 14.26
CA GLU E 11 -36.29 -29.18 14.84
C GLU E 11 -37.09 -30.23 14.07
N HIS E 12 -38.26 -29.84 13.53
CA HIS E 12 -39.19 -30.74 12.84
C HIS E 12 -39.25 -30.65 11.32
N LEU E 13 -38.40 -29.84 10.71
CA LEU E 13 -38.42 -29.73 9.28
C LEU E 13 -37.76 -30.96 8.69
N ALA E 14 -38.33 -31.45 7.59
CA ALA E 14 -37.83 -32.63 6.92
C ALA E 14 -37.50 -32.31 5.47
N TYR E 15 -36.60 -33.09 4.91
CA TYR E 15 -36.09 -32.92 3.54
C TYR E 15 -36.21 -34.27 2.83
N PRO E 16 -36.99 -34.30 1.76
CA PRO E 16 -37.17 -35.57 1.06
C PRO E 16 -36.07 -36.02 0.16
N ASP E 17 -35.20 -35.10 -0.26
CA ASP E 17 -34.22 -35.46 -1.24
C ASP E 17 -32.85 -34.80 -1.00
N VAL E 18 -32.46 -33.85 -1.82
CA VAL E 18 -31.14 -33.22 -1.70
C VAL E 18 -31.16 -31.96 -0.86
N VAL E 19 -30.16 -31.79 -0.01
CA VAL E 19 -30.01 -30.54 0.74
C VAL E 19 -28.63 -29.95 0.55
N LEU E 20 -28.61 -28.67 0.18
CA LEU E 20 -27.39 -27.88 0.07
C LEU E 20 -27.38 -27.10 1.38
N VAL E 21 -26.46 -27.44 2.29
CA VAL E 21 -26.38 -26.75 3.60
C VAL E 21 -25.44 -25.57 3.42
N VAL E 22 -25.89 -24.41 3.94
CA VAL E 22 -25.11 -23.19 3.77
C VAL E 22 -24.76 -22.48 5.08
N ASP E 23 -23.45 -22.31 5.35
CA ASP E 23 -23.01 -21.47 6.51
C ASP E 23 -21.82 -20.77 5.85
N VAL E 24 -22.09 -19.69 5.11
CA VAL E 24 -21.11 -19.08 4.25
C VAL E 24 -19.98 -18.39 4.96
N ILE E 25 -20.32 -17.73 6.05
CA ILE E 25 -19.29 -17.15 6.92
C ILE E 25 -19.38 -17.93 8.25
N ARG E 26 -18.57 -18.98 8.46
CA ARG E 26 -17.55 -19.45 7.52
C ARG E 26 -17.57 -20.96 7.25
N ALA E 27 -18.27 -21.71 8.10
CA ALA E 27 -18.13 -23.17 8.05
C ALA E 27 -18.17 -23.88 6.74
N THR E 28 -19.19 -23.62 5.92
CA THR E 28 -19.19 -24.37 4.68
C THR E 28 -18.14 -23.90 3.69
N THR E 29 -17.74 -22.63 3.75
CA THR E 29 -16.69 -22.16 2.89
C THR E 29 -15.41 -22.87 3.32
N THR E 30 -15.17 -22.88 4.64
CA THR E 30 -13.95 -23.55 5.16
C THR E 30 -13.92 -25.04 4.83
N ALA E 31 -15.07 -25.70 4.92
CA ALA E 31 -15.13 -27.13 4.57
C ALA E 31 -14.71 -27.32 3.10
N ALA E 32 -15.24 -26.52 2.18
CA ALA E 32 -14.84 -26.65 0.80
C ALA E 32 -13.34 -26.38 0.60
N ALA E 33 -12.78 -25.38 1.30
CA ALA E 33 -11.35 -25.09 1.17
C ALA E 33 -10.52 -26.29 1.70
N PHE E 34 -10.95 -26.98 2.75
CA PHE E 34 -10.14 -28.13 3.22
C PHE E 34 -10.12 -29.20 2.18
N LEU E 35 -11.27 -29.41 1.52
CA LEU E 35 -11.30 -30.44 0.49
C LEU E 35 -10.56 -29.99 -0.78
N GLU E 36 -10.57 -28.69 -1.08
CA GLU E 36 -9.84 -28.13 -2.22
C GLU E 36 -8.34 -28.38 -1.94
N ALA E 37 -7.93 -28.26 -0.67
CA ALA E 37 -6.55 -28.50 -0.26
C ALA E 37 -6.18 -30.00 -0.25
N GLY E 38 -7.14 -30.86 -0.56
CA GLY E 38 -6.82 -32.29 -0.62
C GLY E 38 -7.10 -33.17 0.58
N ALA E 39 -7.78 -32.64 1.59
CA ALA E 39 -8.08 -33.48 2.78
C ALA E 39 -8.82 -34.71 2.35
N GLU E 40 -8.49 -35.84 2.96
CA GLU E 40 -9.17 -37.09 2.62
C GLU E 40 -10.60 -37.13 3.16
N ALA E 41 -10.78 -36.56 4.35
CA ALA E 41 -12.11 -36.56 4.91
C ALA E 41 -12.20 -35.43 5.87
N LEU E 42 -13.39 -34.90 6.03
CA LEU E 42 -13.60 -33.83 6.98
C LEU E 42 -14.68 -34.25 7.97
N TYR E 43 -14.37 -34.24 9.26
CA TYR E 43 -15.37 -34.59 10.29
C TYR E 43 -15.87 -33.29 10.88
N TRP E 44 -17.19 -33.11 10.99
CA TRP E 44 -17.75 -31.94 11.66
C TRP E 44 -18.28 -32.42 13.01
N THR E 45 -17.87 -31.73 14.06
CA THR E 45 -18.30 -32.05 15.40
C THR E 45 -18.97 -30.79 15.96
N PRO E 46 -19.84 -31.01 16.95
CA PRO E 46 -20.56 -29.87 17.54
C PRO E 46 -19.83 -29.02 18.55
N SER E 47 -18.68 -29.47 19.00
CA SER E 47 -17.97 -28.73 20.04
C SER E 47 -16.48 -29.02 20.05
N LEU E 48 -15.73 -28.19 20.77
CA LEU E 48 -14.30 -28.39 20.88
C LEU E 48 -14.06 -29.68 21.62
N GLU E 49 -14.83 -29.92 22.68
CA GLU E 49 -14.62 -31.15 23.43
C GLU E 49 -14.80 -32.37 22.54
N SER E 50 -15.82 -32.36 21.69
CA SER E 50 -16.02 -33.54 20.83
C SER E 50 -14.94 -33.64 19.76
N ALA E 51 -14.42 -32.50 19.29
CA ALA E 51 -13.36 -32.59 18.31
C ALA E 51 -12.10 -33.17 18.99
N LEU E 52 -11.84 -32.76 20.24
CA LEU E 52 -10.70 -33.26 21.01
C LEU E 52 -10.79 -34.76 21.26
N ALA E 53 -11.98 -35.32 21.17
CA ALA E 53 -12.15 -36.76 21.40
C ALA E 53 -11.38 -37.54 20.33
N PHE E 54 -10.97 -36.82 19.29
CA PHE E 54 -10.22 -37.41 18.18
C PHE E 54 -8.72 -37.06 18.25
N LYS E 55 -8.32 -36.28 19.25
CA LYS E 55 -6.94 -35.80 19.42
C LYS E 55 -5.81 -36.81 19.36
N ASP E 56 -6.06 -38.05 19.76
CA ASP E 56 -4.99 -39.03 19.72
C ASP E 56 -5.02 -39.90 18.48
N GLU E 57 -5.90 -39.52 17.55
CA GLU E 57 -6.02 -40.22 16.29
C GLU E 57 -5.16 -39.45 15.29
N ASP E 58 -4.97 -40.05 14.12
CA ASP E 58 -4.15 -39.39 13.12
C ASP E 58 -5.02 -38.35 12.42
N VAL E 59 -5.16 -37.18 13.06
CA VAL E 59 -6.01 -36.13 12.49
C VAL E 59 -5.49 -34.71 12.69
N VAL E 60 -6.03 -33.79 11.89
CA VAL E 60 -5.75 -32.36 12.01
C VAL E 60 -6.96 -31.78 12.75
N LEU E 61 -6.76 -30.95 13.77
CA LEU E 61 -7.91 -30.39 14.51
C LEU E 61 -8.10 -28.91 14.19
N ALA E 62 -9.33 -28.51 13.81
CA ALA E 62 -9.60 -27.14 13.52
C ALA E 62 -10.74 -26.65 14.41
N GLY E 63 -10.60 -25.47 15.01
CA GLY E 63 -11.69 -24.95 15.84
C GLY E 63 -11.29 -23.64 16.47
N GLU E 64 -12.29 -22.92 16.96
CA GLU E 64 -12.05 -21.64 17.65
C GLU E 64 -13.11 -21.42 18.72
N THR E 65 -12.82 -20.48 19.60
CA THR E 65 -13.77 -20.02 20.61
C THR E 65 -13.45 -18.53 20.75
N GLY E 66 -14.46 -17.68 20.53
CA GLY E 66 -14.26 -16.25 20.66
C GLY E 66 -13.25 -15.72 19.66
N GLY E 67 -13.18 -16.35 18.49
CA GLY E 67 -12.24 -15.92 17.47
C GLY E 67 -10.81 -16.38 17.72
N LEU E 68 -10.63 -17.31 18.65
CA LEU E 68 -9.29 -17.78 19.00
C LEU E 68 -9.15 -19.28 18.98
N LYS E 69 -8.11 -19.77 18.31
CA LYS E 69 -7.83 -21.20 18.24
C LYS E 69 -7.30 -21.71 19.61
N PRO E 70 -7.83 -22.81 20.16
CA PRO E 70 -7.27 -23.27 21.45
C PRO E 70 -5.85 -23.77 21.19
N PRO E 71 -4.98 -23.72 22.20
CA PRO E 71 -3.60 -24.17 22.01
C PRO E 71 -3.44 -25.57 21.43
N ARG E 72 -4.32 -26.50 21.86
CA ARG E 72 -4.25 -27.89 21.38
C ARG E 72 -4.72 -28.14 19.94
N PHE E 73 -5.34 -27.15 19.32
CA PHE E 73 -5.81 -27.33 17.96
C PHE E 73 -4.75 -26.90 16.98
N ASP E 74 -4.78 -27.47 15.77
CA ASP E 74 -3.81 -27.12 14.73
C ASP E 74 -4.18 -25.87 13.94
N LEU E 75 -5.47 -25.66 13.70
CA LEU E 75 -5.94 -24.51 12.92
C LEU E 75 -7.23 -23.98 13.54
N GLY E 76 -7.60 -22.75 13.17
CA GLY E 76 -8.88 -22.18 13.54
C GLY E 76 -9.84 -22.49 12.39
N ASN E 77 -10.84 -21.64 12.17
CA ASN E 77 -11.80 -21.91 11.11
C ASN E 77 -11.79 -20.96 9.93
N SER E 78 -10.65 -20.33 9.71
CA SER E 78 -10.49 -19.44 8.58
C SER E 78 -10.35 -20.25 7.30
N PRO E 79 -11.13 -19.92 6.25
CA PRO E 79 -10.98 -20.68 5.02
C PRO E 79 -9.67 -20.42 4.28
N ARG E 80 -9.08 -19.25 4.52
CA ARG E 80 -7.81 -18.89 3.88
C ARG E 80 -6.73 -19.83 4.45
N GLU E 81 -6.78 -19.99 5.76
CA GLU E 81 -5.81 -20.88 6.40
C GLU E 81 -6.04 -22.33 6.02
N ALA E 82 -7.29 -22.75 5.90
CA ALA E 82 -7.60 -24.12 5.55
C ALA E 82 -7.08 -24.44 4.14
N LEU E 83 -7.23 -23.49 3.20
CA LEU E 83 -6.81 -23.75 1.83
C LEU E 83 -5.29 -23.93 1.68
N SER E 84 -4.54 -23.19 2.49
CA SER E 84 -3.07 -23.23 2.44
C SER E 84 -2.51 -24.41 3.21
N ALA E 85 -3.22 -24.85 4.23
CA ALA E 85 -2.67 -25.89 5.14
C ALA E 85 -2.34 -27.17 4.41
N GLN E 86 -1.29 -27.82 4.90
CA GLN E 86 -0.78 -29.06 4.32
C GLN E 86 -1.55 -30.25 4.85
N VAL E 87 -2.79 -30.36 4.36
CA VAL E 87 -3.71 -31.38 4.78
C VAL E 87 -3.97 -32.41 3.69
N ALA E 88 -3.20 -32.42 2.60
CA ALA E 88 -3.45 -33.45 1.59
C ALA E 88 -3.39 -34.86 2.15
N GLY E 89 -4.45 -35.61 1.91
CA GLY E 89 -4.52 -36.99 2.37
C GLY E 89 -4.80 -37.14 3.84
N ARG E 90 -4.98 -36.04 4.57
CA ARG E 90 -5.24 -36.12 5.99
C ARG E 90 -6.74 -36.06 6.30
N VAL E 91 -7.06 -36.47 7.53
CA VAL E 91 -8.43 -36.39 8.04
C VAL E 91 -8.45 -35.12 8.89
N VAL E 92 -9.39 -34.22 8.60
CA VAL E 92 -9.50 -32.97 9.32
C VAL E 92 -10.74 -33.05 10.16
N VAL E 93 -10.61 -32.74 11.45
CA VAL E 93 -11.74 -32.78 12.38
C VAL E 93 -11.95 -31.30 12.73
N MET E 94 -13.12 -30.81 12.35
CA MET E 94 -13.49 -29.44 12.52
C MET E 94 -14.65 -29.26 13.51
N SER E 95 -14.43 -28.41 14.51
CA SER E 95 -15.49 -28.14 15.47
C SER E 95 -16.26 -26.95 14.96
N THR E 96 -17.55 -27.13 14.69
CA THR E 96 -18.37 -26.05 14.26
C THR E 96 -19.75 -26.28 14.86
N THR E 97 -20.01 -25.56 15.96
CA THR E 97 -21.30 -25.77 16.60
C THR E 97 -22.51 -25.49 15.70
N ASN E 98 -22.54 -24.34 15.06
CA ASN E 98 -23.66 -24.01 14.20
C ASN E 98 -23.66 -24.75 12.85
N GLY E 99 -22.49 -24.92 12.25
CA GLY E 99 -22.48 -25.65 10.99
C GLY E 99 -22.96 -27.06 11.27
N THR E 100 -22.53 -27.64 12.38
CA THR E 100 -22.96 -29.02 12.67
C THR E 100 -24.44 -29.06 12.95
N LYS E 101 -24.98 -28.02 13.60
CA LYS E 101 -26.43 -28.00 13.87
C LYS E 101 -27.23 -28.03 12.56
N ALA E 102 -26.81 -27.22 11.58
CA ALA E 102 -27.54 -27.22 10.32
C ALA E 102 -27.37 -28.51 9.54
N ALA E 103 -26.14 -29.00 9.47
CA ALA E 103 -25.91 -30.23 8.71
C ALA E 103 -26.62 -31.41 9.36
N HIS E 104 -26.64 -31.44 10.70
CA HIS E 104 -27.32 -32.49 11.42
C HIS E 104 -28.81 -32.46 11.11
N ALA E 105 -29.39 -31.25 11.10
CA ALA E 105 -30.81 -31.13 10.79
C ALA E 105 -31.08 -31.70 9.40
N ALA E 106 -30.26 -31.35 8.41
CA ALA E 106 -30.48 -31.92 7.09
C ALA E 106 -30.34 -33.46 7.10
N ALA E 107 -29.30 -33.92 7.78
CA ALA E 107 -28.95 -35.35 7.81
C ALA E 107 -30.01 -36.24 8.46
N ARG E 108 -30.94 -35.65 9.22
CA ARG E 108 -31.97 -36.49 9.84
C ARG E 108 -32.81 -37.17 8.80
N THR E 109 -33.07 -36.49 7.69
CA THR E 109 -34.00 -37.03 6.69
C THR E 109 -33.56 -37.04 5.24
N ALA E 110 -32.62 -36.17 4.89
CA ALA E 110 -32.21 -36.05 3.50
C ALA E 110 -31.59 -37.27 2.89
N LYS E 111 -31.78 -37.40 1.58
CA LYS E 111 -31.09 -38.48 0.85
C LYS E 111 -29.64 -38.12 0.54
N HIS E 112 -29.34 -36.82 0.40
CA HIS E 112 -27.98 -36.35 0.07
C HIS E 112 -27.78 -35.03 0.78
N VAL E 113 -26.65 -34.88 1.45
CA VAL E 113 -26.30 -33.63 2.15
C VAL E 113 -25.00 -33.12 1.59
N LEU E 114 -25.04 -31.91 1.01
CA LEU E 114 -23.90 -31.30 0.37
C LEU E 114 -23.59 -29.99 1.09
N LEU E 115 -22.32 -29.69 1.29
CA LEU E 115 -21.96 -28.40 1.93
C LEU E 115 -21.68 -27.41 0.80
N ALA E 116 -22.48 -26.32 0.79
CA ALA E 116 -22.41 -25.32 -0.31
C ALA E 116 -22.07 -23.94 0.22
N SER E 117 -21.42 -23.18 -0.63
CA SER E 117 -20.98 -21.82 -0.25
C SER E 117 -20.87 -21.02 -1.54
N LEU E 118 -20.59 -19.72 -1.44
CA LEU E 118 -20.38 -19.01 -2.71
C LEU E 118 -19.12 -19.60 -3.39
N TYR E 119 -18.06 -19.87 -2.61
CA TYR E 119 -16.78 -20.42 -3.06
C TYR E 119 -16.91 -21.64 -3.99
N ASN E 120 -17.83 -22.56 -3.67
CA ASN E 120 -18.04 -23.72 -4.58
C ASN E 120 -19.43 -23.75 -5.15
N ALA E 121 -20.06 -22.58 -5.23
CA ALA E 121 -21.47 -22.55 -5.61
C ALA E 121 -21.91 -23.26 -6.87
N HIS E 122 -21.20 -23.03 -7.97
CA HIS E 122 -21.66 -23.63 -9.23
C HIS E 122 -21.52 -25.13 -9.24
N ALA E 123 -20.42 -25.63 -8.69
CA ALA E 123 -20.19 -27.07 -8.60
C ALA E 123 -21.19 -27.70 -7.65
N ALA E 124 -21.45 -27.06 -6.51
CA ALA E 124 -22.38 -27.62 -5.57
C ALA E 124 -23.81 -27.70 -6.16
N ALA E 125 -24.22 -26.63 -6.84
CA ALA E 125 -25.53 -26.63 -7.51
C ALA E 125 -25.56 -27.70 -8.62
N ARG E 126 -24.49 -27.81 -9.40
CA ARG E 126 -24.50 -28.83 -10.48
C ARG E 126 -24.69 -30.23 -9.88
N LEU E 127 -23.90 -30.56 -8.86
CA LEU E 127 -24.05 -31.88 -8.22
C LEU E 127 -25.46 -32.06 -7.64
N ALA E 128 -26.01 -31.01 -7.03
CA ALA E 128 -27.36 -31.15 -6.46
C ALA E 128 -28.39 -31.50 -7.55
N ARG E 129 -28.32 -30.81 -8.71
CA ARG E 129 -29.24 -31.10 -9.81
C ARG E 129 -29.07 -32.54 -10.29
N GLU E 130 -27.81 -32.97 -10.37
CA GLU E 130 -27.49 -34.31 -10.85
C GLU E 130 -28.06 -35.39 -9.93
N LEU E 131 -28.00 -35.15 -8.63
CA LEU E 131 -28.47 -36.14 -7.66
C LEU E 131 -29.96 -36.16 -7.44
N ALA E 132 -30.59 -35.01 -7.60
CA ALA E 132 -32.00 -34.93 -7.29
C ALA E 132 -32.98 -35.67 -8.19
N THR E 133 -34.03 -36.17 -7.55
CA THR E 133 -35.15 -36.81 -8.25
C THR E 133 -36.49 -36.14 -7.94
N GLU E 134 -36.62 -35.47 -6.80
CA GLU E 134 -37.85 -34.78 -6.51
C GLU E 134 -37.63 -33.39 -5.93
N GLU E 135 -36.47 -33.12 -5.34
CA GLU E 135 -36.30 -31.77 -4.77
C GLU E 135 -34.89 -31.38 -4.43
N VAL E 136 -34.56 -30.12 -4.70
CA VAL E 136 -33.30 -29.58 -4.20
C VAL E 136 -33.71 -28.55 -3.17
N ALA E 137 -33.29 -28.75 -1.93
CA ALA E 137 -33.53 -27.80 -0.85
C ALA E 137 -32.20 -27.17 -0.44
N ILE E 138 -32.24 -25.90 -0.09
CA ILE E 138 -31.08 -25.19 0.43
C ILE E 138 -31.44 -24.83 1.87
N LEU E 139 -30.61 -25.25 2.81
CA LEU E 139 -30.87 -24.98 4.21
C LEU E 139 -29.81 -23.97 4.66
N CYS E 140 -30.27 -22.79 5.07
CA CYS E 140 -29.41 -21.70 5.60
C CYS E 140 -29.24 -21.88 7.09
N ALA E 141 -28.01 -21.91 7.59
CA ALA E 141 -27.83 -22.13 9.00
C ALA E 141 -28.28 -20.94 9.87
N GLY E 142 -28.11 -19.71 9.35
CA GLY E 142 -28.43 -18.50 10.13
C GLY E 142 -27.69 -18.57 11.47
N LYS E 143 -28.29 -17.99 12.50
CA LYS E 143 -27.65 -18.05 13.84
C LYS E 143 -28.71 -17.97 14.93
N GLU E 144 -28.75 -19.01 15.74
CA GLU E 144 -29.66 -19.09 16.86
C GLU E 144 -31.09 -18.69 16.62
N GLY E 145 -31.63 -19.27 15.55
CA GLY E 145 -33.03 -19.06 15.28
C GLY E 145 -33.36 -17.84 14.44
N ARG E 146 -32.35 -17.09 14.03
CA ARG E 146 -32.57 -15.91 13.15
C ARG E 146 -31.84 -16.06 11.84
N ALA E 147 -32.43 -15.57 10.76
CA ALA E 147 -31.78 -15.73 9.46
C ALA E 147 -30.55 -14.84 9.24
N GLY E 148 -29.62 -15.36 8.46
CA GLY E 148 -28.43 -14.60 8.13
C GLY E 148 -28.56 -14.07 6.71
N LEU E 149 -28.28 -12.77 6.54
CA LEU E 149 -28.31 -12.17 5.20
C LEU E 149 -27.32 -12.83 4.23
N ASP E 150 -26.15 -13.16 4.78
CA ASP E 150 -25.10 -13.81 4.01
C ASP E 150 -25.51 -15.19 3.54
N ASP E 151 -26.09 -15.97 4.43
CA ASP E 151 -26.54 -17.32 4.05
C ASP E 151 -27.68 -17.24 3.03
N LEU E 152 -28.61 -16.32 3.23
CA LEU E 152 -29.73 -16.23 2.31
C LEU E 152 -29.26 -15.67 0.98
N TYR E 153 -28.31 -14.74 0.97
CA TYR E 153 -27.79 -14.29 -0.31
C TYR E 153 -27.15 -15.48 -1.07
N THR E 154 -26.40 -16.28 -0.35
CA THR E 154 -25.76 -17.48 -0.95
C THR E 154 -26.82 -18.42 -1.48
N ALA E 155 -27.87 -18.64 -0.70
CA ALA E 155 -28.98 -19.47 -1.17
C ALA E 155 -29.58 -18.86 -2.43
N GLY E 156 -29.63 -17.52 -2.54
CA GLY E 156 -30.16 -16.89 -3.73
C GLY E 156 -29.28 -17.11 -4.95
N VAL E 157 -27.96 -17.08 -4.74
CA VAL E 157 -27.02 -17.34 -5.85
C VAL E 157 -27.22 -18.79 -6.30
N LEU E 158 -27.33 -19.70 -5.36
CA LEU E 158 -27.54 -21.15 -5.70
C LEU E 158 -28.87 -21.30 -6.42
N ALA E 159 -29.95 -20.65 -5.92
CA ALA E 159 -31.26 -20.77 -6.52
C ALA E 159 -31.31 -20.23 -7.94
N GLU E 160 -30.67 -19.08 -8.14
CA GLU E 160 -30.69 -18.49 -9.48
C GLU E 160 -29.92 -19.39 -10.44
N TYR E 161 -28.78 -19.91 -9.97
CA TYR E 161 -27.98 -20.76 -10.86
C TYR E 161 -28.68 -22.09 -11.12
N LEU E 162 -29.31 -22.68 -10.11
CA LEU E 162 -30.08 -23.92 -10.32
C LEU E 162 -31.15 -23.71 -11.39
N GLY E 163 -31.74 -22.51 -11.40
CA GLY E 163 -32.79 -22.23 -12.37
C GLY E 163 -32.30 -22.01 -13.78
N PHE E 164 -30.99 -21.88 -13.93
CA PHE E 164 -30.34 -21.75 -15.23
C PHE E 164 -29.89 -23.19 -15.61
N LEU E 165 -29.44 -23.97 -14.63
CA LEU E 165 -28.98 -25.34 -14.97
C LEU E 165 -30.08 -26.27 -15.42
N GLY E 166 -31.31 -25.97 -15.04
CA GLY E 166 -32.46 -26.80 -15.39
C GLY E 166 -33.75 -26.15 -14.95
N GLU E 167 -34.86 -26.82 -15.24
CA GLU E 167 -36.16 -26.28 -14.82
C GLU E 167 -36.36 -26.40 -13.32
N VAL E 168 -36.81 -25.33 -12.67
CA VAL E 168 -37.09 -25.41 -11.25
C VAL E 168 -38.42 -24.75 -10.93
N GLU E 169 -39.03 -25.24 -9.86
CA GLU E 169 -40.30 -24.70 -9.33
C GLU E 169 -40.03 -24.28 -7.89
N PRO E 170 -39.91 -22.97 -7.70
CA PRO E 170 -39.61 -22.45 -6.38
C PRO E 170 -40.78 -22.32 -5.42
N GLU E 171 -40.47 -22.42 -4.14
CA GLU E 171 -41.49 -22.12 -3.16
C GLU E 171 -41.12 -20.77 -2.47
N ASP E 172 -41.77 -20.47 -1.35
CA ASP E 172 -41.53 -19.15 -0.71
C ASP E 172 -40.12 -18.80 -0.36
N GLY E 173 -39.44 -19.70 0.32
CA GLY E 173 -38.06 -19.42 0.69
C GLY E 173 -37.16 -19.15 -0.48
N ALA E 174 -37.33 -19.90 -1.57
CA ALA E 174 -36.48 -19.73 -2.75
C ALA E 174 -36.81 -18.35 -3.34
N ARG E 175 -38.08 -17.94 -3.36
CA ARG E 175 -38.38 -16.60 -3.90
C ARG E 175 -37.73 -15.53 -3.00
N VAL E 176 -37.77 -15.72 -1.68
CA VAL E 176 -37.11 -14.78 -0.77
C VAL E 176 -35.62 -14.72 -1.09
N ALA E 177 -35.01 -15.89 -1.24
CA ALA E 177 -33.58 -15.90 -1.49
C ALA E 177 -33.23 -15.21 -2.82
N LEU E 178 -34.05 -15.42 -3.86
CA LEU E 178 -33.80 -14.81 -5.16
C LEU E 178 -33.90 -13.28 -5.05
N ALA E 179 -34.83 -12.83 -4.22
CA ALA E 179 -34.96 -11.36 -4.03
C ALA E 179 -33.72 -10.82 -3.31
N VAL E 180 -33.18 -11.59 -2.36
CA VAL E 180 -31.95 -11.14 -1.70
C VAL E 180 -30.78 -11.07 -2.69
N LYS E 181 -30.64 -12.10 -3.56
CA LYS E 181 -29.56 -12.05 -4.54
C LYS E 181 -29.73 -10.84 -5.45
N ARG E 182 -30.97 -10.58 -5.86
CA ARG E 182 -31.27 -9.44 -6.75
C ARG E 182 -30.88 -8.10 -6.12
N ALA E 183 -30.97 -8.01 -4.81
CA ALA E 183 -30.65 -6.77 -4.09
C ALA E 183 -29.17 -6.42 -4.00
N TYR E 184 -28.29 -7.40 -4.24
CA TYR E 184 -26.87 -7.16 -4.09
C TYR E 184 -26.07 -7.73 -5.23
N PRO E 185 -25.90 -6.95 -6.29
CA PRO E 185 -25.11 -7.38 -7.45
C PRO E 185 -23.68 -7.80 -7.03
N ASP E 186 -23.13 -7.17 -5.98
CA ASP E 186 -21.79 -7.50 -5.50
C ASP E 186 -21.86 -8.40 -4.28
N PRO E 187 -21.40 -9.67 -4.40
CA PRO E 187 -21.46 -10.56 -3.23
C PRO E 187 -20.76 -10.02 -2.00
N LEU E 188 -19.71 -9.22 -2.19
CA LEU E 188 -18.97 -8.69 -1.06
C LEU E 188 -19.82 -7.73 -0.27
N GLU E 189 -20.74 -7.00 -0.92
CA GLU E 189 -21.58 -6.10 -0.16
C GLU E 189 -22.56 -6.86 0.73
N ALA E 190 -23.23 -7.86 0.15
CA ALA E 190 -24.16 -8.64 0.94
C ALA E 190 -23.48 -9.26 2.13
N LEU E 191 -22.29 -9.85 1.88
CA LEU E 191 -21.62 -10.49 2.98
C LEU E 191 -21.07 -9.48 3.99
N SER E 192 -20.55 -8.36 3.51
CA SER E 192 -19.92 -7.42 4.44
C SER E 192 -20.92 -6.73 5.34
N LEU E 193 -22.17 -6.65 4.89
CA LEU E 193 -23.22 -6.03 5.72
C LEU E 193 -23.82 -6.99 6.73
N SER E 194 -23.50 -8.28 6.63
CA SER E 194 -24.14 -9.23 7.51
C SER E 194 -23.66 -9.29 8.95
N ALA E 195 -24.52 -9.73 9.84
CA ALA E 195 -24.13 -9.90 11.23
C ALA E 195 -22.89 -10.79 11.35
N ALA E 196 -22.79 -11.81 10.53
CA ALA E 196 -21.63 -12.72 10.62
C ALA E 196 -20.33 -12.00 10.36
N ALA E 197 -20.32 -11.09 9.37
CA ALA E 197 -19.12 -10.35 9.00
C ALA E 197 -18.79 -9.38 10.13
N LEU E 198 -19.83 -8.75 10.67
CA LEU E 198 -19.64 -7.83 11.78
C LEU E 198 -19.08 -8.55 12.99
N ALA E 199 -19.50 -9.78 13.23
CA ALA E 199 -18.98 -10.53 14.38
C ALA E 199 -17.51 -10.87 14.13
N LEU E 200 -17.12 -11.15 12.90
CA LEU E 200 -15.69 -11.42 12.65
C LEU E 200 -14.86 -10.15 12.87
N LYS E 201 -15.42 -9.00 12.51
CA LYS E 201 -14.70 -7.73 12.68
C LYS E 201 -14.44 -7.45 14.17
N GLN E 202 -15.41 -7.80 15.01
CA GLN E 202 -15.29 -7.61 16.45
C GLN E 202 -14.08 -8.35 17.02
N VAL E 203 -13.77 -9.52 16.46
CA VAL E 203 -12.62 -10.30 16.92
C VAL E 203 -11.40 -10.27 15.96
N GLY E 204 -11.35 -9.30 15.06
CA GLY E 204 -10.22 -9.13 14.16
C GLY E 204 -10.01 -10.13 13.06
N LEU E 205 -11.07 -10.84 12.70
CA LEU E 205 -11.00 -11.88 11.67
C LEU E 205 -11.71 -11.47 10.36
N GLU E 206 -11.99 -10.19 10.20
CA GLU E 206 -12.72 -9.73 9.02
C GLU E 206 -12.05 -10.02 7.68
N ALA E 207 -10.75 -10.28 7.67
CA ALA E 207 -10.09 -10.62 6.42
C ALA E 207 -10.61 -11.93 5.79
N ASP E 208 -11.33 -12.70 6.58
CA ASP E 208 -11.90 -13.92 6.02
C ASP E 208 -13.09 -13.61 5.08
N VAL E 209 -13.73 -12.45 5.25
CA VAL E 209 -14.93 -12.17 4.47
C VAL E 209 -14.72 -12.12 2.96
N PRO E 210 -13.67 -11.45 2.45
CA PRO E 210 -13.50 -11.45 1.01
C PRO E 210 -13.28 -12.86 0.45
N PHE E 211 -12.63 -13.76 1.21
CA PHE E 211 -12.48 -15.12 0.72
C PHE E 211 -13.87 -15.77 0.53
N CYS E 212 -14.71 -15.59 1.53
CA CYS E 212 -16.08 -16.14 1.54
C CYS E 212 -16.96 -15.52 0.45
N ALA E 213 -16.60 -14.34 -0.02
CA ALA E 213 -17.38 -13.68 -1.08
C ALA E 213 -16.96 -14.12 -2.50
N GLN E 214 -15.93 -14.97 -2.61
CA GLN E 214 -15.58 -15.49 -3.93
C GLN E 214 -16.67 -16.44 -4.44
N VAL E 215 -16.96 -16.36 -5.74
CA VAL E 215 -17.99 -17.19 -6.35
C VAL E 215 -17.46 -18.19 -7.35
N ALA E 216 -17.73 -19.46 -7.08
CA ALA E 216 -17.39 -20.55 -8.01
C ALA E 216 -15.91 -20.70 -8.33
N LYS E 217 -15.09 -20.48 -7.31
CA LYS E 217 -13.65 -20.62 -7.45
C LYS E 217 -13.22 -22.08 -7.34
N SER E 218 -13.99 -22.86 -6.57
CA SER E 218 -13.66 -24.28 -6.32
C SER E 218 -14.76 -25.22 -6.78
N ALA E 219 -14.38 -26.38 -7.29
CA ALA E 219 -15.36 -27.39 -7.68
C ALA E 219 -15.43 -28.48 -6.61
N ALA E 220 -14.77 -28.28 -5.47
CA ALA E 220 -14.81 -29.27 -4.40
C ALA E 220 -16.14 -29.19 -3.65
N VAL E 221 -16.87 -30.31 -3.63
CA VAL E 221 -18.17 -30.33 -2.94
C VAL E 221 -18.18 -31.36 -1.84
N PRO E 222 -18.15 -30.92 -0.55
CA PRO E 222 -18.20 -31.88 0.57
C PRO E 222 -19.58 -32.54 0.56
N VAL E 223 -19.57 -33.87 0.62
CA VAL E 223 -20.83 -34.64 0.69
C VAL E 223 -20.82 -35.55 1.88
N LEU E 224 -21.96 -35.65 2.57
CA LEU E 224 -22.04 -36.49 3.77
C LEU E 224 -21.96 -37.98 3.39
N ARG E 225 -21.01 -38.68 4.03
CA ARG E 225 -20.77 -40.11 3.75
C ARG E 225 -20.87 -40.98 4.98
N GLY E 226 -20.82 -40.43 6.18
CA GLY E 226 -20.91 -41.30 7.35
C GLY E 226 -21.15 -40.51 8.61
N ARG E 227 -21.35 -41.24 9.72
CA ARG E 227 -21.65 -40.61 11.00
C ARG E 227 -21.01 -41.41 12.13
N VAL E 228 -20.68 -40.70 13.21
CA VAL E 228 -20.12 -41.29 14.40
C VAL E 228 -20.63 -40.43 15.53
N GLY E 229 -21.51 -41.00 16.36
CA GLY E 229 -22.05 -40.23 17.46
C GLY E 229 -22.64 -38.93 16.96
N GLU E 230 -22.11 -37.81 17.47
CA GLU E 230 -22.60 -36.49 17.08
C GLU E 230 -21.82 -35.93 15.87
N ALA E 231 -20.75 -36.62 15.43
CA ALA E 231 -19.92 -36.18 14.29
C ALA E 231 -20.42 -36.64 12.90
N LEU E 232 -20.23 -35.77 11.92
CA LEU E 232 -20.66 -36.02 10.54
C LEU E 232 -19.44 -36.14 9.68
N ILE E 233 -19.35 -37.17 8.85
CA ILE E 233 -18.16 -37.37 8.02
C ILE E 233 -18.42 -36.96 6.58
N PHE E 234 -17.69 -35.98 6.06
CA PHE E 234 -17.81 -35.55 4.68
C PHE E 234 -16.59 -35.91 3.86
N LYS E 235 -16.82 -36.22 2.58
CA LYS E 235 -15.72 -36.49 1.66
C LYS E 235 -15.97 -35.70 0.38
N ARG E 236 -14.94 -35.55 -0.46
CA ARG E 236 -15.12 -34.75 -1.69
C ARG E 236 -15.88 -35.56 -2.71
N ALA E 237 -16.95 -35.01 -3.27
CA ALA E 237 -17.73 -35.75 -4.26
C ALA E 237 -16.90 -35.98 -5.53
N MET F 1 -32.12 4.41 15.00
CA MET F 1 -32.87 3.44 15.90
C MET F 1 -32.74 2.07 15.25
N ARG F 2 -32.55 1.03 16.04
CA ARG F 2 -32.43 -0.30 15.47
C ARG F 2 -33.72 -0.72 14.77
N LEU F 3 -33.56 -1.37 13.61
CA LEU F 3 -34.70 -1.87 12.82
C LEU F 3 -34.37 -3.36 12.61
N ARG F 4 -35.29 -4.18 13.11
CA ARG F 4 -35.07 -5.65 13.10
C ARG F 4 -36.24 -6.38 12.52
N VAL F 5 -35.96 -7.41 11.70
CA VAL F 5 -37.03 -8.30 11.28
C VAL F 5 -36.63 -9.73 11.66
N ASP F 6 -37.56 -10.40 12.35
CA ASP F 6 -37.38 -11.86 12.64
C ASP F 6 -38.30 -12.53 11.62
N VAL F 7 -37.64 -13.28 10.75
CA VAL F 7 -38.37 -13.92 9.63
C VAL F 7 -39.30 -15.00 10.02
N ILE F 8 -39.07 -15.58 11.18
CA ILE F 8 -40.01 -16.52 11.80
C ILE F 8 -39.85 -16.38 13.30
N PRO F 9 -40.83 -16.81 14.07
CA PRO F 9 -40.69 -16.71 15.52
C PRO F 9 -39.77 -17.79 16.07
N GLY F 10 -39.35 -17.59 17.32
CA GLY F 10 -38.51 -18.59 17.99
C GLY F 10 -38.84 -18.48 19.47
N GLU F 11 -38.95 -19.65 20.14
CA GLU F 11 -39.28 -19.70 21.57
C GLU F 11 -38.35 -18.87 22.44
N HIS F 12 -37.09 -18.88 22.07
CA HIS F 12 -36.09 -18.16 22.86
C HIS F 12 -35.82 -16.71 22.48
N LEU F 13 -36.40 -16.24 21.39
CA LEU F 13 -36.14 -14.86 20.98
C LEU F 13 -36.76 -13.80 21.86
N ALA F 14 -36.01 -12.75 22.13
CA ALA F 14 -36.53 -11.66 22.97
C ALA F 14 -36.60 -10.38 22.17
N TYR F 15 -37.45 -9.47 22.65
CA TYR F 15 -37.68 -8.16 22.00
C TYR F 15 -37.56 -7.08 23.08
N PRO F 16 -36.58 -6.16 22.93
CA PRO F 16 -36.42 -5.14 23.99
C PRO F 16 -37.35 -3.97 23.93
N ASP F 17 -38.07 -3.79 22.81
CA ASP F 17 -38.89 -2.59 22.68
C ASP F 17 -40.19 -2.86 21.93
N VAL F 18 -40.36 -2.33 20.72
CA VAL F 18 -41.61 -2.48 20.00
C VAL F 18 -41.56 -3.66 19.06
N VAL F 19 -42.67 -4.38 18.98
CA VAL F 19 -42.78 -5.48 18.00
C VAL F 19 -44.08 -5.31 17.20
N LEU F 20 -43.92 -5.32 15.87
CA LEU F 20 -45.03 -5.32 14.94
C LEU F 20 -45.14 -6.82 14.53
N VAL F 21 -46.27 -7.44 14.90
CA VAL F 21 -46.50 -8.87 14.52
C VAL F 21 -47.24 -8.93 13.19
N VAL F 22 -46.75 -9.75 12.28
CA VAL F 22 -47.34 -9.86 10.92
C VAL F 22 -47.79 -11.23 10.54
N ASP F 23 -49.05 -11.39 10.14
CA ASP F 23 -49.60 -12.67 9.58
C ASP F 23 -50.56 -12.03 8.58
N VAL F 24 -50.04 -11.69 7.42
CA VAL F 24 -50.82 -10.85 6.48
C VAL F 24 -51.94 -11.61 5.80
N ILE F 25 -51.70 -12.89 5.53
CA ILE F 25 -52.79 -13.73 4.99
C ILE F 25 -52.99 -14.77 6.09
N ARG F 26 -53.91 -14.56 7.03
CA ARG F 26 -54.80 -13.41 7.08
C ARG F 26 -54.94 -12.78 8.45
N ALA F 27 -54.54 -13.47 9.51
CA ALA F 27 -54.87 -12.97 10.83
C ALA F 27 -54.66 -11.51 11.21
N THR F 28 -53.49 -10.90 10.94
CA THR F 28 -53.37 -9.49 11.35
C THR F 28 -54.15 -8.61 10.42
N THR F 29 -54.36 -9.00 9.16
CA THR F 29 -55.25 -8.19 8.30
C THR F 29 -56.69 -8.23 8.89
N THR F 30 -57.19 -9.44 9.19
CA THR F 30 -58.49 -9.59 9.77
C THR F 30 -58.67 -8.84 11.08
N ALA F 31 -57.63 -8.86 11.90
CA ALA F 31 -57.65 -8.13 13.17
C ALA F 31 -57.88 -6.63 12.91
N ALA F 32 -57.13 -6.04 11.96
CA ALA F 32 -57.34 -4.62 11.68
C ALA F 32 -58.72 -4.40 11.12
N ALA F 33 -59.19 -5.30 10.25
CA ALA F 33 -60.55 -5.15 9.70
C ALA F 33 -61.62 -5.17 10.81
N PHE F 34 -61.51 -6.05 11.82
CA PHE F 34 -62.51 -6.03 12.90
C PHE F 34 -62.48 -4.69 13.66
N LEU F 35 -61.30 -4.11 13.86
CA LEU F 35 -61.24 -2.83 14.56
C LEU F 35 -61.69 -1.67 13.67
N GLU F 36 -61.42 -1.74 12.37
CA GLU F 36 -61.86 -0.73 11.42
C GLU F 36 -63.40 -0.73 11.44
N ALA F 37 -64.01 -1.90 11.64
CA ALA F 37 -65.47 -2.05 11.73
C ALA F 37 -66.03 -1.60 13.09
N GLY F 38 -65.14 -1.17 13.98
CA GLY F 38 -65.57 -0.64 15.28
C GLY F 38 -65.68 -1.59 16.46
N ALA F 39 -65.12 -2.78 16.35
CA ALA F 39 -65.19 -3.70 17.48
C ALA F 39 -64.54 -2.98 18.65
N GLU F 40 -65.13 -3.17 19.82
CA GLU F 40 -64.60 -2.57 21.03
C GLU F 40 -63.25 -3.19 21.43
N ALA F 41 -63.07 -4.51 21.26
CA ALA F 41 -61.83 -5.20 21.57
C ALA F 41 -61.72 -6.50 20.78
N LEU F 42 -60.52 -7.02 20.67
CA LEU F 42 -60.25 -8.27 19.97
C LEU F 42 -59.53 -9.21 20.95
N TYR F 43 -60.09 -10.38 21.21
CA TYR F 43 -59.42 -11.32 22.08
C TYR F 43 -58.82 -12.35 21.14
N TRP F 44 -57.51 -12.55 21.21
CA TRP F 44 -56.83 -13.54 20.37
C TRP F 44 -56.67 -14.79 21.24
N THR F 45 -57.29 -15.90 20.82
CA THR F 45 -57.20 -17.17 21.57
C THR F 45 -56.53 -18.18 20.68
N PRO F 46 -55.82 -19.16 21.27
CA PRO F 46 -55.13 -20.17 20.47
C PRO F 46 -55.96 -21.28 19.83
N SER F 47 -57.22 -21.44 20.21
CA SER F 47 -58.02 -22.49 19.58
C SER F 47 -59.50 -22.17 19.52
N LEU F 48 -60.24 -23.00 18.80
CA LEU F 48 -61.68 -22.84 18.70
C LEU F 48 -62.32 -23.05 20.07
N GLU F 49 -61.81 -24.02 20.81
CA GLU F 49 -62.38 -24.29 22.13
C GLU F 49 -62.01 -23.24 23.17
N SER F 50 -60.81 -22.68 23.06
CA SER F 50 -60.35 -21.63 23.98
C SER F 50 -61.28 -20.45 23.70
N ALA F 51 -61.61 -20.26 22.43
CA ALA F 51 -62.50 -19.18 22.02
C ALA F 51 -63.94 -19.42 22.46
N LEU F 52 -64.43 -20.65 22.29
CA LEU F 52 -65.82 -20.98 22.69
C LEU F 52 -66.07 -20.79 24.18
N ALA F 53 -65.01 -20.86 24.98
CA ALA F 53 -65.13 -20.67 26.42
C ALA F 53 -65.66 -19.27 26.67
N PHE F 54 -65.67 -18.43 25.63
CA PHE F 54 -66.17 -17.07 25.77
C PHE F 54 -67.58 -16.95 25.19
N LYS F 55 -68.08 -18.07 24.66
CA LYS F 55 -69.41 -18.13 24.02
C LYS F 55 -70.64 -17.69 24.80
N ASP F 56 -70.66 -17.99 26.11
CA ASP F 56 -71.79 -17.62 26.94
C ASP F 56 -71.64 -16.16 27.30
N GLU F 57 -70.48 -15.61 26.93
CA GLU F 57 -70.15 -14.23 27.17
C GLU F 57 -70.76 -13.35 26.06
N ASP F 58 -70.85 -12.05 26.33
CA ASP F 58 -71.39 -11.13 25.35
C ASP F 58 -70.32 -10.83 24.32
N VAL F 59 -70.17 -11.73 23.33
CA VAL F 59 -69.19 -11.56 22.27
C VAL F 59 -69.63 -12.13 20.93
N VAL F 60 -68.75 -11.97 19.95
CA VAL F 60 -68.92 -12.46 18.59
C VAL F 60 -67.72 -13.36 18.38
N LEU F 61 -67.95 -14.61 17.97
CA LEU F 61 -66.86 -15.56 17.78
C LEU F 61 -66.39 -15.76 16.34
N ALA F 62 -65.07 -15.65 16.13
CA ALA F 62 -64.39 -15.86 14.78
C ALA F 62 -63.19 -16.81 14.83
N GLY F 63 -62.84 -17.50 13.71
CA GLY F 63 -61.69 -18.41 13.67
C GLY F 63 -61.44 -19.26 12.42
N GLU F 64 -60.41 -20.13 12.46
CA GLU F 64 -60.14 -20.98 11.32
C GLU F 64 -59.36 -22.26 11.64
N THR F 65 -59.54 -23.28 10.81
CA THR F 65 -58.87 -24.59 10.94
C THR F 65 -58.59 -25.00 9.48
N GLY F 66 -57.31 -25.04 9.09
CA GLY F 66 -56.92 -25.33 7.69
C GLY F 66 -57.56 -24.19 6.83
N GLY F 67 -57.69 -22.98 7.40
CA GLY F 67 -58.27 -21.81 6.67
C GLY F 67 -59.79 -21.64 6.65
N LEU F 68 -60.47 -22.72 7.00
CA LEU F 68 -61.89 -22.80 7.00
C LEU F 68 -62.52 -22.48 8.38
N LYS F 69 -63.65 -21.82 8.34
CA LYS F 69 -64.37 -21.52 9.59
C LYS F 69 -65.03 -22.68 10.19
N PRO F 70 -64.73 -22.89 11.51
CA PRO F 70 -65.23 -23.95 12.40
C PRO F 70 -66.75 -23.89 12.60
N PRO F 71 -67.34 -25.10 12.86
CA PRO F 71 -68.77 -25.34 13.08
C PRO F 71 -69.65 -24.42 13.90
N ARG F 72 -69.23 -24.15 15.14
CA ARG F 72 -69.94 -23.32 16.14
C ARG F 72 -69.49 -21.85 16.21
N PHE F 73 -68.76 -21.40 15.18
CA PHE F 73 -68.26 -20.00 15.13
C PHE F 73 -69.10 -19.11 14.32
N ASP F 74 -69.11 -17.81 14.69
CA ASP F 74 -69.89 -16.82 14.01
C ASP F 74 -69.20 -16.47 12.67
N LEU F 75 -67.86 -16.41 12.67
CA LEU F 75 -67.16 -16.01 11.47
C LEU F 75 -65.90 -16.83 11.24
N GLY F 76 -65.43 -16.76 10.00
CA GLY F 76 -64.21 -17.42 9.58
C GLY F 76 -63.08 -16.40 9.73
N ASN F 77 -62.03 -16.50 8.91
CA ASN F 77 -60.90 -15.56 9.12
C ASN F 77 -60.82 -14.59 7.91
N SER F 78 -61.92 -14.42 7.15
CA SER F 78 -61.84 -13.54 5.97
C SER F 78 -61.90 -12.07 6.39
N PRO F 79 -60.90 -11.27 5.96
CA PRO F 79 -60.95 -9.85 6.37
C PRO F 79 -62.11 -9.05 5.80
N ARG F 80 -62.53 -9.40 4.58
CA ARG F 80 -63.66 -8.68 4.00
C ARG F 80 -64.92 -8.94 4.82
N GLU F 81 -65.06 -10.18 5.28
CA GLU F 81 -66.23 -10.56 6.07
C GLU F 81 -66.18 -9.83 7.41
N ALA F 82 -64.99 -9.72 7.98
CA ALA F 82 -64.86 -9.02 9.27
C ALA F 82 -65.25 -7.56 9.15
N LEU F 83 -64.77 -6.93 8.07
CA LEU F 83 -65.01 -5.52 7.85
C LEU F 83 -66.51 -5.18 7.78
N SER F 84 -67.30 -6.10 7.23
CA SER F 84 -68.72 -5.84 7.10
C SER F 84 -69.56 -6.50 8.20
N ALA F 85 -68.92 -7.17 9.15
CA ALA F 85 -69.66 -7.85 10.21
C ALA F 85 -70.29 -6.87 11.19
N GLN F 86 -71.35 -7.32 11.88
CA GLN F 86 -72.02 -6.45 12.86
C GLN F 86 -71.27 -6.60 14.18
N VAL F 87 -70.14 -5.89 14.29
CA VAL F 87 -69.29 -5.95 15.49
C VAL F 87 -69.06 -4.60 16.18
N ALA F 88 -69.69 -3.53 15.72
CA ALA F 88 -69.43 -2.26 16.37
C ALA F 88 -69.80 -2.28 17.84
N GLY F 89 -68.87 -1.84 18.68
CA GLY F 89 -69.13 -1.81 20.10
C GLY F 89 -69.11 -3.19 20.72
N ARG F 90 -68.75 -4.20 19.95
CA ARG F 90 -68.71 -5.56 20.48
C ARG F 90 -67.31 -6.09 20.69
N VAL F 91 -67.20 -7.16 21.48
CA VAL F 91 -65.92 -7.80 21.72
C VAL F 91 -65.85 -8.97 20.75
N VAL F 92 -64.78 -9.01 19.98
CA VAL F 92 -64.65 -10.11 19.04
C VAL F 92 -63.57 -11.07 19.51
N VAL F 93 -63.93 -12.34 19.62
CA VAL F 93 -63.03 -13.34 20.05
C VAL F 93 -62.54 -14.07 18.80
N MET F 94 -61.26 -13.96 18.53
CA MET F 94 -60.64 -14.57 17.35
C MET F 94 -59.77 -15.77 17.59
N SER F 95 -60.21 -16.92 17.10
CA SER F 95 -59.34 -18.05 17.22
C SER F 95 -58.42 -17.99 16.03
N THR F 96 -57.15 -17.84 16.31
CA THR F 96 -56.13 -17.85 15.28
C THR F 96 -54.95 -18.43 16.02
N THR F 97 -54.64 -19.68 15.69
CA THR F 97 -53.58 -20.40 16.36
C THR F 97 -52.20 -19.84 16.11
N ASN F 98 -51.93 -19.56 14.84
CA ASN F 98 -50.62 -19.08 14.46
C ASN F 98 -50.40 -17.63 14.89
N GLY F 99 -51.46 -16.83 14.75
CA GLY F 99 -51.33 -15.43 15.12
C GLY F 99 -51.09 -15.29 16.59
N THR F 100 -51.89 -15.98 17.37
CA THR F 100 -51.76 -15.93 18.83
C THR F 100 -50.37 -16.45 19.22
N LYS F 101 -49.87 -17.49 18.53
CA LYS F 101 -48.52 -18.05 18.80
C LYS F 101 -47.39 -17.01 18.62
N ALA F 102 -47.47 -16.26 17.53
CA ALA F 102 -46.44 -15.27 17.28
C ALA F 102 -46.58 -14.12 18.27
N ALA F 103 -47.81 -13.65 18.44
CA ALA F 103 -48.08 -12.54 19.37
C ALA F 103 -47.73 -12.93 20.79
N HIS F 104 -48.09 -14.16 21.19
CA HIS F 104 -47.72 -14.63 22.54
C HIS F 104 -46.23 -14.66 22.74
N ALA F 105 -45.51 -15.17 21.75
CA ALA F 105 -44.06 -15.27 21.82
C ALA F 105 -43.45 -13.89 22.05
N ALA F 106 -43.87 -12.92 21.24
CA ALA F 106 -43.35 -11.56 21.37
C ALA F 106 -43.74 -10.89 22.68
N ALA F 107 -44.98 -11.12 23.12
CA ALA F 107 -45.51 -10.49 24.33
C ALA F 107 -44.79 -10.89 25.58
N ARG F 108 -44.01 -11.95 25.51
CA ARG F 108 -43.29 -12.36 26.71
C ARG F 108 -42.28 -11.30 27.14
N THR F 109 -41.71 -10.59 26.15
CA THR F 109 -40.68 -9.62 26.45
C THR F 109 -40.88 -8.19 25.92
N ALA F 110 -41.65 -8.03 24.84
CA ALA F 110 -41.76 -6.69 24.26
C ALA F 110 -42.40 -5.65 25.16
N LYS F 111 -42.00 -4.39 24.92
CA LYS F 111 -42.65 -3.30 25.63
C LYS F 111 -44.01 -3.00 24.99
N HIS F 112 -44.10 -3.20 23.66
CA HIS F 112 -45.33 -2.86 22.93
C HIS F 112 -45.52 -3.91 21.84
N VAL F 113 -46.77 -4.38 21.68
CA VAL F 113 -47.07 -5.35 20.62
C VAL F 113 -48.20 -4.80 19.74
N LEU F 114 -47.89 -4.59 18.46
CA LEU F 114 -48.84 -4.02 17.49
C LEU F 114 -49.09 -5.10 16.42
N LEU F 115 -50.33 -5.23 15.96
CA LEU F 115 -50.63 -6.18 14.89
C LEU F 115 -50.61 -5.40 13.56
N ALA F 116 -49.71 -5.81 12.67
CA ALA F 116 -49.50 -5.07 11.42
C ALA F 116 -49.78 -5.93 10.20
N SER F 117 -50.21 -5.23 9.15
CA SER F 117 -50.54 -5.91 7.88
C SER F 117 -50.32 -4.90 6.76
N LEU F 118 -50.45 -5.32 5.49
CA LEU F 118 -50.32 -4.28 4.48
C LEU F 118 -51.51 -3.31 4.65
N TYR F 119 -52.69 -3.84 5.00
CA TYR F 119 -53.92 -3.07 5.09
C TYR F 119 -53.78 -1.87 6.00
N ASN F 120 -53.06 -2.03 7.13
CA ASN F 120 -52.87 -0.89 8.04
C ASN F 120 -51.41 -0.49 8.15
N ALA F 121 -50.62 -0.80 7.12
CA ALA F 121 -49.18 -0.67 7.29
C ALA F 121 -48.61 0.70 7.65
N HIS F 122 -49.14 1.73 7.00
CA HIS F 122 -48.56 3.04 7.30
C HIS F 122 -48.89 3.52 8.72
N ALA F 123 -50.10 3.36 9.17
CA ALA F 123 -50.47 3.73 10.54
C ALA F 123 -49.68 2.85 11.52
N ALA F 124 -49.49 1.57 11.19
CA ALA F 124 -48.75 0.73 12.13
C ALA F 124 -47.30 1.17 12.26
N ALA F 125 -46.70 1.55 11.12
CA ALA F 125 -45.31 1.98 11.14
C ALA F 125 -45.22 3.30 11.89
N ARG F 126 -46.15 4.23 11.62
CA ARG F 126 -46.08 5.54 12.30
C ARG F 126 -46.21 5.37 13.80
N LEU F 127 -47.09 4.49 14.25
CA LEU F 127 -47.26 4.27 15.69
C LEU F 127 -46.02 3.59 16.28
N ALA F 128 -45.42 2.63 15.54
CA ALA F 128 -44.23 1.98 16.06
C ALA F 128 -43.12 3.01 16.28
N ARG F 129 -42.97 3.92 15.32
CA ARG F 129 -41.93 4.95 15.46
C ARG F 129 -42.24 5.84 16.65
N GLU F 130 -43.51 6.24 16.82
CA GLU F 130 -43.90 7.10 17.96
C GLU F 130 -43.53 6.42 19.29
N LEU F 131 -43.78 5.11 19.38
CA LEU F 131 -43.53 4.43 20.65
C LEU F 131 -42.10 4.02 20.97
N ALA F 132 -41.32 3.73 19.94
CA ALA F 132 -40.00 3.17 20.15
C ALA F 132 -38.92 4.09 20.65
N THR F 133 -37.96 3.53 21.37
CA THR F 133 -36.81 4.29 21.84
C THR F 133 -35.50 3.65 21.49
N GLU F 134 -35.45 2.32 21.44
CA GLU F 134 -34.22 1.67 21.04
C GLU F 134 -34.41 0.76 19.84
N GLU F 135 -35.64 0.25 19.63
CA GLU F 135 -35.79 -0.67 18.53
C GLU F 135 -37.21 -0.89 18.06
N VAL F 136 -37.38 -1.05 16.75
CA VAL F 136 -38.66 -1.51 16.20
C VAL F 136 -38.31 -2.85 15.50
N ALA F 137 -38.90 -3.90 16.05
CA ALA F 137 -38.76 -5.24 15.50
C ALA F 137 -40.08 -5.61 14.81
N ILE F 138 -39.98 -6.35 13.72
CA ILE F 138 -41.14 -6.85 12.98
C ILE F 138 -40.99 -8.40 13.03
N LEU F 139 -41.99 -9.02 13.61
CA LEU F 139 -42.02 -10.51 13.72
C LEU F 139 -42.99 -11.13 12.68
N CYS F 140 -42.41 -11.89 11.76
CA CYS F 140 -43.22 -12.54 10.72
C CYS F 140 -43.67 -13.88 11.25
N ALA F 141 -44.95 -14.15 11.22
CA ALA F 141 -45.40 -15.45 11.74
C ALA F 141 -44.94 -16.65 10.92
N GLY F 142 -44.95 -16.50 9.60
CA GLY F 142 -44.58 -17.61 8.74
C GLY F 142 -45.53 -18.76 8.98
N LYS F 143 -45.01 -19.97 8.80
CA LYS F 143 -45.87 -21.15 9.01
C LYS F 143 -45.00 -22.35 9.39
N GLU F 144 -45.23 -22.85 10.62
CA GLU F 144 -44.54 -24.04 11.13
C GLU F 144 -43.04 -24.06 10.93
N GLY F 145 -42.39 -22.96 11.28
CA GLY F 145 -40.95 -22.87 11.19
C GLY F 145 -40.35 -22.44 9.88
N ARG F 146 -41.16 -22.14 8.85
CA ARG F 146 -40.62 -21.72 7.55
C ARG F 146 -41.18 -20.33 7.26
N ALA F 147 -40.35 -19.51 6.63
CA ALA F 147 -40.72 -18.13 6.36
C ALA F 147 -41.72 -18.00 5.24
N GLY F 148 -42.58 -16.99 5.35
CA GLY F 148 -43.56 -16.83 4.30
C GLY F 148 -43.20 -15.60 3.46
N LEU F 149 -43.27 -15.73 2.14
CA LEU F 149 -42.99 -14.60 1.23
C LEU F 149 -43.91 -13.41 1.50
N ASP F 150 -45.19 -13.69 1.73
CA ASP F 150 -46.18 -12.67 2.03
C ASP F 150 -45.85 -11.90 3.30
N ASP F 151 -45.53 -12.60 4.38
CA ASP F 151 -45.19 -11.88 5.64
C ASP F 151 -43.89 -11.11 5.49
N LEU F 152 -42.91 -11.68 4.81
CA LEU F 152 -41.64 -10.94 4.63
C LEU F 152 -41.84 -9.71 3.74
N TYR F 153 -42.68 -9.81 2.70
CA TYR F 153 -42.94 -8.64 1.83
C TYR F 153 -43.56 -7.51 2.69
N THR F 154 -44.50 -7.92 3.55
CA THR F 154 -45.20 -6.97 4.46
C THR F 154 -44.17 -6.34 5.41
N ALA F 155 -43.30 -7.17 5.98
CA ALA F 155 -42.24 -6.60 6.83
C ALA F 155 -41.39 -5.64 6.06
N GLY F 156 -41.12 -5.88 4.77
CA GLY F 156 -40.32 -4.93 3.99
C GLY F 156 -41.03 -3.59 3.80
N VAL F 157 -42.33 -3.64 3.60
CA VAL F 157 -43.13 -2.41 3.47
C VAL F 157 -43.02 -1.62 4.77
N LEU F 158 -43.15 -2.30 5.91
CA LEU F 158 -43.07 -1.58 7.19
C LEU F 158 -41.67 -1.03 7.38
N ALA F 159 -40.66 -1.85 7.10
CA ALA F 159 -39.27 -1.40 7.22
C ALA F 159 -38.94 -0.23 6.32
N GLU F 160 -39.49 -0.22 5.10
CA GLU F 160 -39.23 0.89 4.17
C GLU F 160 -39.86 2.15 4.73
N TYR F 161 -41.07 2.08 5.25
CA TYR F 161 -41.64 3.31 5.80
C TYR F 161 -40.76 3.80 6.95
N LEU F 162 -40.37 2.90 7.85
CA LEU F 162 -39.56 3.35 8.99
C LEU F 162 -38.25 4.01 8.61
N GLY F 163 -37.61 3.49 7.57
CA GLY F 163 -36.36 4.06 7.12
C GLY F 163 -36.57 5.35 6.36
N PHE F 164 -37.76 5.69 5.88
CA PHE F 164 -37.96 6.99 5.26
C PHE F 164 -38.31 8.00 6.34
N LEU F 165 -38.95 7.55 7.42
CA LEU F 165 -39.39 8.48 8.49
C LEU F 165 -38.33 8.83 9.52
N GLY F 166 -37.27 8.04 9.61
CA GLY F 166 -36.23 8.31 10.59
C GLY F 166 -34.95 7.58 10.29
N GLU F 167 -33.91 7.82 11.07
CA GLU F 167 -32.64 7.14 10.86
C GLU F 167 -32.80 5.72 11.43
N VAL F 168 -32.43 4.70 10.66
CA VAL F 168 -32.57 3.35 11.16
C VAL F 168 -31.28 2.58 10.96
N GLU F 169 -31.03 1.59 11.84
CA GLU F 169 -29.86 0.70 11.67
C GLU F 169 -30.43 -0.69 11.48
N PRO F 170 -30.59 -1.08 10.22
CA PRO F 170 -31.16 -2.41 10.00
C PRO F 170 -30.23 -3.56 10.28
N GLU F 171 -30.81 -4.65 10.73
CA GLU F 171 -30.00 -5.86 10.87
C GLU F 171 -30.34 -6.82 9.71
N ASP F 172 -29.83 -8.05 9.75
CA ASP F 172 -30.00 -8.96 8.62
C ASP F 172 -31.43 -9.19 8.16
N GLY F 173 -32.31 -9.52 9.11
CA GLY F 173 -33.69 -9.80 8.74
C GLY F 173 -34.32 -8.58 8.06
N ALA F 174 -34.00 -7.38 8.54
CA ALA F 174 -34.58 -6.15 7.93
C ALA F 174 -34.07 -5.96 6.51
N ARG F 175 -32.79 -6.27 6.26
CA ARG F 175 -32.24 -6.16 4.92
C ARG F 175 -32.88 -7.18 3.99
N VAL F 176 -33.09 -8.39 4.52
CA VAL F 176 -33.79 -9.43 3.75
C VAL F 176 -35.25 -8.96 3.41
N ALA F 177 -35.98 -8.44 4.41
CA ALA F 177 -37.38 -8.02 4.18
C ALA F 177 -37.39 -6.86 3.15
N LEU F 178 -36.45 -5.92 3.29
CA LEU F 178 -36.43 -4.84 2.31
C LEU F 178 -36.16 -5.36 0.90
N ALA F 179 -35.25 -6.35 0.79
CA ALA F 179 -34.98 -6.92 -0.52
C ALA F 179 -36.28 -7.55 -1.10
N VAL F 180 -37.09 -8.22 -0.25
CA VAL F 180 -38.33 -8.80 -0.76
C VAL F 180 -39.28 -7.73 -1.23
N LYS F 181 -39.47 -6.69 -0.44
CA LYS F 181 -40.40 -5.64 -0.84
C LYS F 181 -39.94 -4.97 -2.13
N ARG F 182 -38.65 -4.73 -2.27
CA ARG F 182 -38.17 -4.03 -3.46
C ARG F 182 -38.20 -4.90 -4.70
N ALA F 183 -38.30 -6.21 -4.50
CA ALA F 183 -38.35 -7.10 -5.65
C ALA F 183 -39.74 -7.19 -6.27
N TYR F 184 -40.77 -6.77 -5.54
CA TYR F 184 -42.16 -6.88 -6.04
C TYR F 184 -42.88 -5.57 -5.95
N PRO F 185 -42.83 -4.78 -7.03
CA PRO F 185 -43.52 -3.49 -7.00
C PRO F 185 -45.03 -3.61 -6.75
N ASP F 186 -45.64 -4.75 -7.17
CA ASP F 186 -47.05 -4.98 -6.96
C ASP F 186 -47.22 -5.94 -5.78
N PRO F 187 -47.74 -5.46 -4.66
CA PRO F 187 -47.94 -6.33 -3.48
C PRO F 187 -48.74 -7.58 -3.80
N LEU F 188 -49.72 -7.45 -4.70
CA LEU F 188 -50.54 -8.62 -5.05
C LEU F 188 -49.73 -9.71 -5.75
N GLU F 189 -48.63 -9.35 -6.44
CA GLU F 189 -47.80 -10.41 -7.06
C GLU F 189 -47.10 -11.20 -5.93
N ALA F 190 -46.44 -10.52 -4.99
CA ALA F 190 -45.80 -11.23 -3.92
C ALA F 190 -46.80 -12.06 -3.13
N LEU F 191 -47.95 -11.50 -2.79
CA LEU F 191 -48.91 -12.27 -2.01
C LEU F 191 -49.52 -13.43 -2.77
N SER F 192 -49.88 -13.23 -4.05
CA SER F 192 -50.50 -14.31 -4.82
C SER F 192 -49.58 -15.49 -5.08
N LEU F 193 -48.27 -15.26 -5.07
CA LEU F 193 -47.30 -16.32 -5.30
C LEU F 193 -47.03 -17.08 -4.02
N SER F 194 -47.46 -16.55 -2.86
CA SER F 194 -47.11 -17.17 -1.58
C SER F 194 -47.88 -18.42 -1.25
N ALA F 195 -47.23 -19.26 -0.46
CA ALA F 195 -47.86 -20.53 0.00
C ALA F 195 -49.17 -20.20 0.69
N ALA F 196 -49.23 -19.11 1.46
CA ALA F 196 -50.48 -18.80 2.12
C ALA F 196 -51.63 -18.52 1.18
N ALA F 197 -51.36 -17.84 0.07
CA ALA F 197 -52.41 -17.56 -0.91
C ALA F 197 -52.79 -18.86 -1.59
N LEU F 198 -51.82 -19.73 -1.86
CA LEU F 198 -52.15 -21.00 -2.55
C LEU F 198 -53.03 -21.84 -1.64
N ALA F 199 -52.78 -21.80 -0.34
CA ALA F 199 -53.56 -22.58 0.59
C ALA F 199 -55.01 -22.07 0.64
N LEU F 200 -55.21 -20.78 0.46
CA LEU F 200 -56.56 -20.26 0.45
C LEU F 200 -57.24 -20.68 -0.85
N LYS F 201 -56.48 -20.72 -1.95
CA LYS F 201 -57.09 -21.09 -3.20
C LYS F 201 -57.61 -22.51 -3.08
N GLN F 202 -56.85 -23.36 -2.38
CA GLN F 202 -57.25 -24.76 -2.21
C GLN F 202 -58.66 -24.91 -1.62
N VAL F 203 -59.03 -24.01 -0.73
CA VAL F 203 -60.33 -24.06 -0.08
C VAL F 203 -61.35 -23.02 -0.54
N GLY F 204 -61.14 -22.50 -1.75
CA GLY F 204 -62.06 -21.53 -2.31
C GLY F 204 -62.08 -20.13 -1.70
N LEU F 205 -61.04 -19.77 -0.94
CA LEU F 205 -61.02 -18.45 -0.32
C LEU F 205 -60.06 -17.46 -0.97
N GLU F 206 -59.73 -17.69 -2.24
CA GLU F 206 -58.81 -16.82 -2.96
C GLU F 206 -59.20 -15.37 -3.02
N ALA F 207 -60.50 -15.04 -2.94
CA ALA F 207 -60.89 -13.63 -3.04
C ALA F 207 -60.42 -12.84 -1.83
N ASP F 208 -59.94 -13.53 -0.80
CA ASP F 208 -59.44 -12.80 0.36
C ASP F 208 -58.07 -12.19 0.04
N VAL F 209 -57.33 -12.75 -0.92
CA VAL F 209 -55.97 -12.25 -1.16
C VAL F 209 -55.91 -10.82 -1.65
N PRO F 210 -56.73 -10.40 -2.64
CA PRO F 210 -56.68 -9.00 -3.10
C PRO F 210 -56.97 -8.01 -1.93
N PHE F 211 -57.90 -8.38 -1.02
CA PHE F 211 -58.12 -7.52 0.13
C PHE F 211 -56.84 -7.35 0.93
N CYS F 212 -56.13 -8.46 1.13
CA CYS F 212 -54.88 -8.43 1.94
C CYS F 212 -53.75 -7.68 1.30
N ALA F 213 -53.83 -7.49 -0.01
CA ALA F 213 -52.74 -6.79 -0.72
C ALA F 213 -52.94 -5.30 -0.73
N GLN F 214 -54.06 -4.82 -0.21
CA GLN F 214 -54.26 -3.36 -0.12
C GLN F 214 -53.25 -2.75 0.83
N VAL F 215 -52.68 -1.60 0.46
CA VAL F 215 -51.68 -1.00 1.32
C VAL F 215 -52.13 0.31 1.94
N ALA F 216 -52.14 0.33 3.28
CA ALA F 216 -52.40 1.52 4.05
C ALA F 216 -53.73 2.14 3.80
N LYS F 217 -54.76 1.29 3.78
CA LYS F 217 -56.12 1.77 3.58
C LYS F 217 -56.79 2.05 4.93
N SER F 218 -56.32 1.38 6.01
CA SER F 218 -56.87 1.56 7.35
C SER F 218 -55.88 2.15 8.33
N ALA F 219 -56.37 3.01 9.25
CA ALA F 219 -55.50 3.51 10.29
C ALA F 219 -55.67 2.78 11.60
N ALA F 220 -56.47 1.72 11.59
CA ALA F 220 -56.73 0.96 12.82
C ALA F 220 -55.55 0.04 13.14
N VAL F 221 -54.94 0.27 14.30
CA VAL F 221 -53.80 -0.55 14.70
C VAL F 221 -54.10 -1.29 16.00
N PRO F 222 -54.27 -2.60 15.93
CA PRO F 222 -54.54 -3.36 17.16
C PRO F 222 -53.30 -3.35 18.03
N VAL F 223 -53.45 -2.99 19.31
CA VAL F 223 -52.32 -2.96 20.25
C VAL F 223 -52.64 -3.85 21.45
N LEU F 224 -51.65 -4.58 21.96
CA LEU F 224 -51.83 -5.47 23.10
C LEU F 224 -52.09 -4.62 24.35
N ARG F 225 -53.16 -4.93 25.05
CA ARG F 225 -53.53 -4.14 26.25
C ARG F 225 -53.66 -4.99 27.48
N GLY F 226 -53.50 -6.29 27.34
CA GLY F 226 -53.62 -7.13 28.53
C GLY F 226 -53.97 -8.56 28.16
N ARG F 227 -54.46 -9.32 29.14
CA ARG F 227 -54.79 -10.71 28.91
C ARG F 227 -56.06 -11.02 29.67
N VAL F 228 -56.81 -11.99 29.20
CA VAL F 228 -57.99 -12.42 29.92
C VAL F 228 -58.03 -13.92 29.71
N GLY F 229 -57.99 -14.70 30.79
CA GLY F 229 -57.93 -16.14 30.60
C GLY F 229 -56.76 -16.48 29.69
N GLU F 230 -57.07 -17.25 28.66
CA GLU F 230 -56.12 -17.70 27.66
C GLU F 230 -56.05 -16.67 26.49
N ALA F 231 -56.78 -15.58 26.59
CA ALA F 231 -56.79 -14.59 25.50
C ALA F 231 -55.79 -13.44 25.64
N LEU F 232 -55.39 -12.90 24.48
CA LEU F 232 -54.52 -11.71 24.45
C LEU F 232 -55.53 -10.67 24.09
N ILE F 233 -55.57 -9.54 24.79
CA ILE F 233 -56.57 -8.52 24.49
C ILE F 233 -55.97 -7.38 23.64
N PHE F 234 -56.55 -7.16 22.46
CA PHE F 234 -56.12 -6.05 21.61
C PHE F 234 -57.20 -5.01 21.55
N LYS F 235 -56.77 -3.75 21.52
CA LYS F 235 -57.71 -2.62 21.38
C LYS F 235 -57.15 -1.73 20.25
N ARG F 236 -58.02 -0.85 19.74
CA ARG F 236 -57.65 0.04 18.61
C ARG F 236 -56.79 1.18 19.12
N ALA F 237 -55.56 1.32 18.64
CA ALA F 237 -54.74 2.38 19.24
C ALA F 237 -55.21 3.79 18.95
N MET G 1 7.21 -21.06 -0.16
CA MET G 1 7.74 -19.81 0.49
C MET G 1 9.08 -20.06 1.18
N ARG G 2 10.07 -19.21 0.94
CA ARG G 2 11.37 -19.44 1.63
C ARG G 2 11.19 -19.35 3.12
N LEU G 3 11.90 -20.25 3.80
CA LEU G 3 11.91 -20.30 5.26
C LEU G 3 13.37 -20.20 5.66
N ARG G 4 13.65 -19.18 6.47
CA ARG G 4 15.02 -18.89 6.93
C ARG G 4 15.10 -18.71 8.43
N VAL G 5 16.17 -19.21 9.02
CA VAL G 5 16.45 -18.92 10.41
C VAL G 5 17.89 -18.40 10.50
N ASP G 6 18.02 -17.23 11.13
CA ASP G 6 19.38 -16.67 11.42
C ASP G 6 19.51 -17.03 12.91
N VAL G 7 20.51 -17.87 13.20
CA VAL G 7 20.64 -18.39 14.54
C VAL G 7 21.24 -17.44 15.52
N ILE G 8 21.75 -16.32 15.01
CA ILE G 8 22.29 -15.26 15.85
C ILE G 8 22.17 -13.99 15.01
N PRO G 9 22.09 -12.81 15.63
CA PRO G 9 21.98 -11.59 14.82
C PRO G 9 23.32 -11.20 14.17
N GLY G 10 23.21 -10.35 13.15
CA GLY G 10 24.40 -9.78 12.49
C GLY G 10 23.94 -8.39 12.06
N GLU G 11 24.64 -7.33 12.48
CA GLU G 11 24.19 -5.98 12.09
C GLU G 11 24.03 -5.81 10.59
N HIS G 12 24.93 -6.43 9.83
CA HIS G 12 24.93 -6.35 8.37
C HIS G 12 23.92 -7.22 7.63
N LEU G 13 23.27 -8.16 8.32
CA LEU G 13 22.31 -9.07 7.68
C LEU G 13 21.07 -8.34 7.20
N ALA G 14 20.67 -8.68 5.98
CA ALA G 14 19.50 -8.08 5.32
C ALA G 14 18.37 -9.10 5.26
N TYR G 15 17.15 -8.62 5.35
CA TYR G 15 15.92 -9.44 5.34
C TYR G 15 15.03 -8.87 4.27
N PRO G 16 14.68 -9.67 3.27
CA PRO G 16 13.85 -9.08 2.23
C PRO G 16 12.38 -8.98 2.47
N ASP G 17 11.90 -9.71 3.47
CA ASP G 17 10.46 -9.74 3.64
C ASP G 17 10.05 -9.74 5.11
N VAL G 18 9.51 -10.85 5.61
CA VAL G 18 9.07 -10.89 7.01
C VAL G 18 10.16 -11.41 7.95
N VAL G 19 10.22 -10.85 9.15
CA VAL G 19 11.16 -11.36 10.16
C VAL G 19 10.43 -11.49 11.50
N LEU G 20 10.55 -12.69 12.09
CA LEU G 20 10.04 -13.05 13.39
C LEU G 20 11.26 -12.98 14.33
N VAL G 21 11.32 -12.00 15.24
CA VAL G 21 12.42 -11.88 16.20
C VAL G 21 12.08 -12.70 17.42
N VAL G 22 13.02 -13.52 17.88
CA VAL G 22 12.79 -14.40 19.01
C VAL G 22 13.79 -14.21 20.17
N ASP G 23 13.29 -13.93 21.37
CA ASP G 23 14.14 -13.85 22.58
C ASP G 23 13.13 -14.51 23.56
N VAL G 24 13.15 -15.84 23.59
CA VAL G 24 12.09 -16.51 24.32
C VAL G 24 12.15 -16.45 25.82
N ILE G 25 13.36 -16.40 26.38
CA ILE G 25 13.54 -16.21 27.82
C ILE G 25 14.34 -14.89 27.88
N ARG G 26 13.70 -13.72 28.03
CA ARG G 26 12.26 -13.58 28.21
C ARG G 26 11.65 -12.47 27.34
N ALA G 27 12.46 -11.61 26.75
CA ALA G 27 11.95 -10.41 26.06
C ALA G 27 10.77 -10.52 25.11
N THR G 28 10.81 -11.43 24.15
CA THR G 28 9.66 -11.48 23.29
C THR G 28 8.44 -12.11 23.92
N THR G 29 8.63 -13.03 24.85
CA THR G 29 7.52 -13.62 25.58
C THR G 29 6.85 -12.50 26.40
N THR G 30 7.69 -11.72 27.10
CA THR G 30 7.16 -10.62 27.91
C THR G 30 6.48 -9.61 27.05
N ALA G 31 7.05 -9.31 25.86
CA ALA G 31 6.37 -8.34 24.97
C ALA G 31 4.98 -8.81 24.63
N ALA G 32 4.82 -10.08 24.28
CA ALA G 32 3.51 -10.61 23.94
C ALA G 32 2.57 -10.58 25.13
N ALA G 33 3.09 -10.88 26.33
CA ALA G 33 2.25 -10.88 27.52
C ALA G 33 1.74 -9.46 27.77
N PHE G 34 2.58 -8.43 27.60
CA PHE G 34 2.05 -7.09 27.83
C PHE G 34 0.93 -6.75 26.87
N LEU G 35 1.06 -7.14 25.61
CA LEU G 35 -0.02 -6.85 24.68
C LEU G 35 -1.25 -7.70 25.00
N GLU G 36 -1.04 -8.93 25.48
CA GLU G 36 -2.14 -9.78 25.86
C GLU G 36 -2.91 -9.13 27.02
N ALA G 37 -2.18 -8.43 27.90
CA ALA G 37 -2.74 -7.71 29.05
C ALA G 37 -3.43 -6.43 28.59
N GLY G 38 -3.35 -6.12 27.29
CA GLY G 38 -4.06 -4.94 26.77
C GLY G 38 -3.29 -3.66 26.59
N ALA G 39 -1.96 -3.67 26.75
CA ALA G 39 -1.21 -2.45 26.56
C ALA G 39 -1.47 -1.90 25.17
N GLU G 40 -1.53 -0.59 25.09
CA GLU G 40 -1.80 0.08 23.83
C GLU G 40 -0.61 -0.02 22.91
N ALA G 41 0.58 0.10 23.51
CA ALA G 41 1.83 0.01 22.78
C ALA G 41 2.95 -0.49 23.66
N LEU G 42 3.95 -1.06 23.00
CA LEU G 42 5.08 -1.58 23.73
C LEU G 42 6.34 -1.00 23.09
N TYR G 43 7.13 -0.27 23.86
CA TYR G 43 8.35 0.29 23.34
C TYR G 43 9.53 -0.58 23.77
N TRP G 44 10.52 -0.71 22.90
CA TRP G 44 11.73 -1.42 23.23
C TRP G 44 12.86 -0.38 23.16
N THR G 45 13.52 -0.18 24.31
CA THR G 45 14.61 0.76 24.39
C THR G 45 15.88 0.00 24.66
N PRO G 46 17.00 0.60 24.28
CA PRO G 46 18.25 -0.13 24.52
C PRO G 46 18.84 -0.13 25.93
N SER G 47 18.37 0.72 26.82
CA SER G 47 19.00 0.69 28.15
C SER G 47 18.01 1.16 29.20
N LEU G 48 18.36 0.95 30.47
CA LEU G 48 17.49 1.37 31.54
C LEU G 48 17.47 2.90 31.47
N GLU G 49 18.61 3.48 31.11
CA GLU G 49 18.67 4.93 30.98
C GLU G 49 17.75 5.48 29.89
N SER G 50 17.66 4.80 28.75
CA SER G 50 16.80 5.29 27.67
C SER G 50 15.35 5.07 28.04
N ALA G 51 15.09 4.01 28.81
CA ALA G 51 13.72 3.75 29.23
C ALA G 51 13.30 4.86 30.19
N LEU G 52 14.22 5.25 31.08
CA LEU G 52 13.93 6.29 32.05
C LEU G 52 13.59 7.65 31.43
N ALA G 53 14.12 7.92 30.25
CA ALA G 53 13.84 9.19 29.57
C ALA G 53 12.34 9.36 29.42
N PHE G 54 11.64 8.22 29.38
CA PHE G 54 10.21 8.23 29.25
C PHE G 54 9.53 8.30 30.62
N LYS G 55 10.33 8.25 31.69
CA LYS G 55 9.84 8.24 33.07
C LYS G 55 8.93 9.40 33.45
N ASP G 56 8.93 10.44 32.63
CA ASP G 56 8.10 11.59 32.93
C ASP G 56 6.87 11.57 32.07
N GLU G 57 6.85 10.65 31.13
CA GLU G 57 5.69 10.53 30.27
C GLU G 57 4.66 9.61 30.91
N ASP G 58 3.49 9.53 30.30
CA ASP G 58 2.44 8.66 30.81
C ASP G 58 2.82 7.26 30.32
N VAL G 59 3.65 6.55 31.09
CA VAL G 59 4.10 5.19 30.70
C VAL G 59 4.45 4.31 31.86
N VAL G 60 4.48 3.01 31.58
CA VAL G 60 4.84 1.96 32.52
C VAL G 60 6.26 1.56 32.13
N LEU G 61 7.20 1.50 33.08
CA LEU G 61 8.60 1.13 32.81
C LEU G 61 8.92 -0.27 33.32
N ALA G 62 9.48 -1.11 32.44
CA ALA G 62 9.80 -2.48 32.78
C ALA G 62 11.29 -2.71 32.46
N GLY G 63 12.02 -3.27 33.41
CA GLY G 63 13.45 -3.50 33.21
C GLY G 63 14.12 -4.13 34.40
N GLU G 64 15.30 -4.74 34.19
CA GLU G 64 16.03 -5.39 35.28
C GLU G 64 17.52 -5.27 35.09
N THR G 65 18.24 -5.41 36.18
CA THR G 65 19.68 -5.40 36.15
C THR G 65 20.01 -6.43 37.19
N GLY G 66 20.80 -7.44 36.83
CA GLY G 66 21.14 -8.46 37.80
C GLY G 66 19.98 -9.19 38.47
N GLY G 67 18.86 -9.32 37.75
CA GLY G 67 17.71 -10.03 38.29
C GLY G 67 16.79 -9.19 39.16
N LEU G 68 17.00 -7.87 39.17
CA LEU G 68 16.21 -6.96 40.02
C LEU G 68 15.80 -5.71 39.27
N LYS G 69 14.52 -5.31 39.34
CA LYS G 69 14.17 -4.08 38.63
C LYS G 69 14.67 -2.91 39.46
N PRO G 70 15.06 -1.82 38.79
CA PRO G 70 15.54 -0.61 39.47
C PRO G 70 14.37 -0.12 40.31
N PRO G 71 14.66 0.53 41.46
CA PRO G 71 13.56 1.00 42.30
C PRO G 71 12.56 1.89 41.59
N ARG G 72 13.04 2.68 40.64
CA ARG G 72 12.16 3.61 39.92
C ARG G 72 11.33 3.00 38.83
N PHE G 73 11.65 1.76 38.46
CA PHE G 73 10.85 1.10 37.44
C PHE G 73 9.61 0.50 38.06
N ASP G 74 8.60 0.28 37.25
CA ASP G 74 7.33 -0.30 37.72
C ASP G 74 7.34 -1.84 37.76
N LEU G 75 8.05 -2.43 36.83
CA LEU G 75 8.10 -3.90 36.73
C LEU G 75 9.47 -4.34 36.24
N GLY G 76 9.74 -5.65 36.42
CA GLY G 76 10.95 -6.29 35.92
C GLY G 76 10.59 -6.86 34.54
N ASN G 77 11.30 -7.92 34.13
CA ASN G 77 11.14 -8.53 32.81
C ASN G 77 10.32 -9.80 32.82
N SER G 78 9.68 -10.11 33.94
CA SER G 78 8.89 -11.35 34.00
C SER G 78 7.63 -11.30 33.16
N PRO G 79 7.40 -12.32 32.31
CA PRO G 79 6.18 -12.33 31.52
C PRO G 79 4.96 -12.63 32.41
N ARG G 80 5.18 -13.29 33.57
CA ARG G 80 4.07 -13.55 34.49
C ARG G 80 3.58 -12.24 35.10
N GLU G 81 4.50 -11.42 35.56
CA GLU G 81 4.09 -10.11 36.10
C GLU G 81 3.46 -9.27 34.98
N ALA G 82 3.99 -9.35 33.75
CA ALA G 82 3.45 -8.55 32.67
C ALA G 82 2.02 -8.92 32.37
N LEU G 83 1.71 -10.21 32.31
CA LEU G 83 0.36 -10.65 31.97
C LEU G 83 -0.66 -10.15 32.98
N SER G 84 -0.26 -10.15 34.25
CA SER G 84 -1.16 -9.74 35.32
C SER G 84 -1.29 -8.21 35.46
N ALA G 85 -0.25 -7.46 35.11
CA ALA G 85 -0.25 -5.99 35.30
C ALA G 85 -1.43 -5.27 34.66
N GLN G 86 -1.88 -4.22 35.33
CA GLN G 86 -3.05 -3.48 34.82
C GLN G 86 -2.58 -2.41 33.83
N VAL G 87 -2.19 -2.88 32.65
CA VAL G 87 -1.66 -2.01 31.63
C VAL G 87 -2.60 -1.74 30.49
N ALA G 88 -3.85 -2.12 30.63
CA ALA G 88 -4.79 -1.88 29.52
C ALA G 88 -4.80 -0.43 29.09
N GLY G 89 -4.58 -0.24 27.79
CA GLY G 89 -4.58 1.10 27.23
C GLY G 89 -3.36 1.94 27.53
N ARG G 90 -2.37 1.36 28.23
CA ARG G 90 -1.17 2.11 28.61
C ARG G 90 -0.02 1.82 27.68
N VAL G 91 0.96 2.72 27.68
CA VAL G 91 2.17 2.52 26.91
C VAL G 91 3.17 1.88 27.88
N VAL G 92 3.76 0.77 27.48
CA VAL G 92 4.75 0.08 28.34
C VAL G 92 6.10 0.19 27.67
N VAL G 93 7.14 0.59 28.39
CA VAL G 93 8.48 0.74 27.82
C VAL G 93 9.36 -0.32 28.44
N MET G 94 9.92 -1.21 27.62
CA MET G 94 10.80 -2.31 28.10
C MET G 94 12.23 -1.99 27.73
N SER G 95 13.15 -2.16 28.67
CA SER G 95 14.56 -1.98 28.39
C SER G 95 15.13 -3.34 27.99
N THR G 96 15.64 -3.44 26.76
CA THR G 96 16.28 -4.66 26.28
C THR G 96 17.35 -4.21 25.28
N THR G 97 18.58 -4.13 25.78
CA THR G 97 19.75 -3.69 25.00
C THR G 97 19.85 -4.53 23.75
N ASN G 98 19.87 -5.84 24.01
CA ASN G 98 19.92 -6.97 23.10
C ASN G 98 18.80 -6.86 22.02
N GLY G 99 17.57 -7.04 22.50
CA GLY G 99 16.42 -7.01 21.62
C GLY G 99 16.30 -5.79 20.75
N THR G 100 16.53 -4.61 21.31
CA THR G 100 16.38 -3.39 20.54
C THR G 100 17.38 -3.29 19.37
N LYS G 101 18.66 -3.52 19.62
CA LYS G 101 19.65 -3.42 18.56
C LYS G 101 19.34 -4.42 17.45
N ALA G 102 19.08 -5.69 17.85
CA ALA G 102 18.78 -6.71 16.85
C ALA G 102 17.49 -6.45 16.04
N ALA G 103 16.40 -6.07 16.70
CA ALA G 103 15.20 -5.80 15.94
C ALA G 103 15.39 -4.56 15.10
N HIS G 104 16.14 -3.58 15.60
CA HIS G 104 16.32 -2.35 14.83
C HIS G 104 17.10 -2.68 13.55
N ALA G 105 18.12 -3.51 13.66
CA ALA G 105 18.95 -3.81 12.47
C ALA G 105 18.07 -4.56 11.47
N ALA G 106 17.31 -5.55 11.94
CA ALA G 106 16.45 -6.27 10.99
C ALA G 106 15.45 -5.33 10.31
N ALA G 107 14.92 -4.38 11.09
CA ALA G 107 13.94 -3.41 10.60
C ALA G 107 14.44 -2.52 9.48
N ARG G 108 15.76 -2.37 9.36
CA ARG G 108 16.29 -1.49 8.31
C ARG G 108 16.16 -2.07 6.94
N THR G 109 15.86 -3.38 6.86
CA THR G 109 15.58 -4.00 5.56
C THR G 109 14.27 -4.74 5.48
N ALA G 110 13.83 -5.32 6.60
CA ALA G 110 12.61 -6.10 6.55
C ALA G 110 11.35 -5.31 6.25
N LYS G 111 10.42 -5.97 5.57
CA LYS G 111 9.11 -5.36 5.26
C LYS G 111 8.22 -5.40 6.49
N HIS G 112 8.41 -6.42 7.33
CA HIS G 112 7.59 -6.57 8.54
C HIS G 112 8.43 -7.19 9.64
N VAL G 113 8.32 -6.67 10.87
CA VAL G 113 9.07 -7.23 12.01
C VAL G 113 8.06 -7.58 13.10
N LEU G 114 8.02 -8.87 13.45
CA LEU G 114 7.07 -9.39 14.43
C LEU G 114 7.85 -9.95 15.63
N LEU G 115 7.33 -9.84 16.86
CA LEU G 115 8.04 -10.42 18.03
C LEU G 115 7.36 -11.77 18.30
N ALA G 116 8.16 -12.82 18.24
CA ALA G 116 7.63 -14.19 18.37
C ALA G 116 8.22 -14.95 19.54
N SER G 117 7.46 -15.92 20.05
CA SER G 117 7.89 -16.73 21.21
C SER G 117 7.08 -18.02 21.18
N LEU G 118 7.40 -18.95 22.07
CA LEU G 118 6.54 -20.13 22.11
C LEU G 118 5.12 -19.70 22.53
N TYR G 119 5.03 -18.77 23.48
CA TYR G 119 3.76 -18.29 24.00
C TYR G 119 2.78 -17.80 22.94
N ASN G 120 3.25 -17.14 21.88
CA ASN G 120 2.36 -16.72 20.80
C ASN G 120 2.72 -17.38 19.48
N ALA G 121 3.34 -18.55 19.54
CA ALA G 121 3.89 -19.12 18.33
C ALA G 121 3.00 -19.30 17.14
N HIS G 122 1.84 -19.90 17.37
CA HIS G 122 0.96 -20.15 16.23
C HIS G 122 0.40 -18.91 15.56
N ALA G 123 0.07 -17.93 16.37
CA ALA G 123 -0.47 -16.66 15.87
C ALA G 123 0.64 -15.91 15.15
N ALA G 124 1.85 -15.91 15.72
CA ALA G 124 2.96 -15.22 15.10
C ALA G 124 3.25 -15.85 13.74
N ALA G 125 3.30 -17.19 13.69
CA ALA G 125 3.53 -17.86 12.42
C ALA G 125 2.39 -17.61 11.43
N ARG G 126 1.15 -17.64 11.89
CA ARG G 126 0.06 -17.38 10.94
C ARG G 126 0.13 -15.99 10.37
N LEU G 127 0.38 -14.99 11.21
CA LEU G 127 0.51 -13.64 10.68
C LEU G 127 1.68 -13.53 9.71
N ALA G 128 2.82 -14.16 10.06
CA ALA G 128 3.97 -14.13 9.18
C ALA G 128 3.63 -14.63 7.75
N ARG G 129 2.98 -15.78 7.69
CA ARG G 129 2.58 -16.37 6.42
C ARG G 129 1.70 -15.40 5.66
N GLU G 130 0.73 -14.85 6.36
CA GLU G 130 -0.22 -13.91 5.76
C GLU G 130 0.45 -12.72 5.15
N LEU G 131 1.43 -12.19 5.86
CA LEU G 131 2.12 -11.02 5.35
C LEU G 131 3.13 -11.27 4.29
N ALA G 132 3.77 -12.45 4.32
CA ALA G 132 4.84 -12.71 3.40
C ALA G 132 4.45 -12.95 1.96
N THR G 133 5.38 -12.56 1.09
CA THR G 133 5.24 -12.77 -0.34
C THR G 133 6.42 -13.54 -0.88
N GLU G 134 7.58 -13.51 -0.20
CA GLU G 134 8.73 -14.28 -0.65
C GLU G 134 9.52 -14.97 0.43
N GLU G 135 9.47 -14.49 1.66
CA GLU G 135 10.25 -15.14 2.71
C GLU G 135 9.79 -14.85 4.12
N VAL G 136 9.79 -15.90 4.94
CA VAL G 136 9.60 -15.71 6.37
C VAL G 136 10.95 -16.07 6.98
N ALA G 137 11.57 -15.11 7.66
CA ALA G 137 12.82 -15.30 8.39
C ALA G 137 12.57 -15.26 9.87
N ILE G 138 13.31 -16.06 10.62
CA ILE G 138 13.21 -16.07 12.08
C ILE G 138 14.60 -15.69 12.58
N LEU G 139 14.68 -14.65 13.40
CA LEU G 139 15.98 -14.15 13.95
C LEU G 139 16.04 -14.48 15.43
N CYS G 140 16.98 -15.34 15.78
CA CYS G 140 17.19 -15.77 17.17
C CYS G 140 18.19 -14.82 17.84
N ALA G 141 17.78 -14.18 18.91
CA ALA G 141 18.64 -13.18 19.55
C ALA G 141 19.85 -13.75 20.24
N GLY G 142 19.73 -14.93 20.82
CA GLY G 142 20.87 -15.49 21.54
C GLY G 142 21.37 -14.50 22.59
N LYS G 143 22.67 -14.56 22.88
CA LYS G 143 23.23 -13.65 23.89
C LYS G 143 24.67 -13.35 23.57
N GLU G 144 24.93 -12.05 23.34
CA GLU G 144 26.26 -11.52 23.05
C GLU G 144 27.05 -12.32 22.02
N GLY G 145 26.39 -12.59 20.90
CA GLY G 145 27.02 -13.25 19.79
C GLY G 145 27.05 -14.79 19.80
N ARG G 146 26.47 -15.38 20.83
CA ARG G 146 26.41 -16.87 20.88
C ARG G 146 24.93 -17.27 20.87
N ALA G 147 24.65 -18.39 20.18
CA ALA G 147 23.27 -18.88 20.02
C ALA G 147 22.69 -19.49 21.30
N GLY G 148 21.40 -19.28 21.47
CA GLY G 148 20.71 -19.86 22.61
C GLY G 148 19.89 -21.06 22.17
N LEU G 149 20.02 -22.12 22.94
CA LEU G 149 19.31 -23.36 22.70
C LEU G 149 17.80 -23.10 22.75
N ASP G 150 17.39 -22.27 23.73
CA ASP G 150 15.94 -21.91 23.87
C ASP G 150 15.42 -21.12 22.65
N ASP G 151 16.16 -20.16 22.16
CA ASP G 151 15.71 -19.38 20.99
C ASP G 151 15.69 -20.29 19.75
N LEU G 152 16.69 -21.19 19.61
CA LEU G 152 16.69 -22.05 18.43
C LEU G 152 15.57 -23.07 18.47
N TYR G 153 15.31 -23.62 19.68
CA TYR G 153 14.20 -24.54 19.85
C TYR G 153 12.90 -23.82 19.43
N THR G 154 12.75 -22.59 19.87
CA THR G 154 11.55 -21.82 19.53
C THR G 154 11.48 -21.62 18.02
N ALA G 155 12.61 -21.30 17.41
CA ALA G 155 12.61 -21.14 15.96
C ALA G 155 12.20 -22.47 15.28
N GLY G 156 12.60 -23.60 15.86
CA GLY G 156 12.26 -24.88 15.28
C GLY G 156 10.75 -25.15 15.40
N VAL G 157 10.17 -24.79 16.55
CA VAL G 157 8.71 -24.88 16.68
C VAL G 157 8.01 -24.02 15.59
N LEU G 158 8.45 -22.77 15.42
CA LEU G 158 7.86 -21.88 14.43
C LEU G 158 8.07 -22.48 13.02
N ALA G 159 9.29 -22.98 12.72
CA ALA G 159 9.56 -23.51 11.39
C ALA G 159 8.67 -24.72 11.10
N GLU G 160 8.54 -25.62 12.06
CA GLU G 160 7.72 -26.82 11.87
C GLU G 160 6.26 -26.42 11.60
N TYR G 161 5.75 -25.48 12.37
CA TYR G 161 4.36 -25.04 12.22
C TYR G 161 4.17 -24.30 10.90
N LEU G 162 5.13 -23.46 10.50
CA LEU G 162 5.07 -22.76 9.20
C LEU G 162 5.01 -23.76 8.06
N GLY G 163 5.66 -24.91 8.23
CA GLY G 163 5.66 -25.92 7.17
C GLY G 163 4.36 -26.72 7.11
N PHE G 164 3.57 -26.59 8.16
CA PHE G 164 2.21 -27.19 8.14
C PHE G 164 1.20 -26.12 7.60
N LEU G 165 1.41 -24.84 7.90
CA LEU G 165 0.52 -23.77 7.44
C LEU G 165 0.59 -23.59 5.94
N GLY G 166 1.71 -23.98 5.34
CA GLY G 166 1.83 -23.85 3.88
C GLY G 166 3.13 -24.50 3.43
N GLU G 167 3.44 -24.37 2.14
CA GLU G 167 4.67 -24.94 1.62
C GLU G 167 5.84 -24.09 2.02
N VAL G 168 6.97 -24.70 2.37
CA VAL G 168 8.16 -23.91 2.73
C VAL G 168 9.41 -24.52 2.10
N GLU G 169 10.41 -23.68 1.86
CA GLU G 169 11.70 -24.14 1.29
C GLU G 169 12.73 -23.63 2.32
N PRO G 170 13.20 -24.52 3.16
CA PRO G 170 14.16 -24.15 4.21
C PRO G 170 15.60 -24.00 3.79
N GLU G 171 16.30 -23.09 4.47
CA GLU G 171 17.74 -22.98 4.26
C GLU G 171 18.47 -23.54 5.49
N ASP G 172 19.77 -23.30 5.61
CA ASP G 172 20.50 -23.98 6.71
C ASP G 172 20.02 -23.79 8.13
N GLY G 173 19.82 -22.53 8.48
CA GLY G 173 19.38 -22.25 9.83
C GLY G 173 18.07 -22.93 10.16
N ALA G 174 17.15 -22.90 9.22
CA ALA G 174 15.86 -23.52 9.41
C ALA G 174 16.06 -25.03 9.64
N ARG G 175 16.96 -25.67 8.87
CA ARG G 175 17.18 -27.10 9.11
C ARG G 175 17.82 -27.30 10.50
N VAL G 176 18.72 -26.44 10.93
CA VAL G 176 19.31 -26.55 12.25
C VAL G 176 18.20 -26.41 13.29
N ALA G 177 17.33 -25.43 13.11
CA ALA G 177 16.28 -25.22 14.08
C ALA G 177 15.32 -26.38 14.18
N LEU G 178 15.01 -26.99 13.03
CA LEU G 178 14.12 -28.13 13.00
C LEU G 178 14.80 -29.30 13.70
N ALA G 179 16.11 -29.46 13.56
CA ALA G 179 16.77 -30.58 14.24
C ALA G 179 16.72 -30.36 15.76
N VAL G 180 16.86 -29.11 16.22
CA VAL G 180 16.80 -28.82 17.64
C VAL G 180 15.41 -29.12 18.18
N LYS G 181 14.38 -28.71 17.44
CA LYS G 181 13.02 -29.00 17.91
C LYS G 181 12.78 -30.50 17.97
N ARG G 182 13.26 -31.21 16.98
CA ARG G 182 13.02 -32.65 16.96
C ARG G 182 13.80 -33.39 18.04
N ALA G 183 14.86 -32.79 18.61
CA ALA G 183 15.68 -33.40 19.67
C ALA G 183 14.99 -33.30 21.05
N TYR G 184 13.99 -32.43 21.17
CA TYR G 184 13.33 -32.21 22.47
C TYR G 184 11.84 -32.17 22.34
N PRO G 185 11.21 -33.29 22.63
CA PRO G 185 9.75 -33.42 22.56
C PRO G 185 9.02 -32.49 23.54
N ASP G 186 9.65 -32.18 24.65
CA ASP G 186 9.03 -31.30 25.66
C ASP G 186 9.66 -29.92 25.65
N PRO G 187 8.88 -28.85 25.33
CA PRO G 187 9.47 -27.50 25.34
C PRO G 187 10.12 -27.11 26.64
N LEU G 188 9.55 -27.57 27.74
CA LEU G 188 10.14 -27.21 29.00
C LEU G 188 11.53 -27.80 29.19
N GLU G 189 11.78 -28.98 28.60
CA GLU G 189 13.11 -29.56 28.72
C GLU G 189 14.13 -28.75 27.95
N ALA G 190 13.79 -28.38 26.71
CA ALA G 190 14.73 -27.62 25.94
C ALA G 190 15.02 -26.31 26.64
N LEU G 191 13.95 -25.61 27.07
CA LEU G 191 14.22 -24.35 27.71
C LEU G 191 14.96 -24.44 29.03
N SER G 192 14.60 -25.44 29.82
CA SER G 192 15.25 -25.59 31.14
C SER G 192 16.75 -25.90 31.08
N LEU G 193 17.17 -26.55 30.01
CA LEU G 193 18.60 -26.82 29.85
C LEU G 193 19.40 -25.65 29.31
N SER G 194 18.73 -24.60 28.86
CA SER G 194 19.41 -23.49 28.23
C SER G 194 20.15 -22.54 29.16
N ALA G 195 21.15 -21.86 28.62
CA ALA G 195 21.94 -20.90 29.41
C ALA G 195 20.99 -19.85 29.99
N ALA G 196 19.99 -19.43 29.22
CA ALA G 196 19.07 -18.39 29.70
C ALA G 196 18.31 -18.84 30.94
N ALA G 197 17.82 -20.08 30.95
CA ALA G 197 17.10 -20.61 32.11
C ALA G 197 18.06 -20.72 33.32
N LEU G 198 19.27 -21.23 33.07
CA LEU G 198 20.24 -21.34 34.16
C LEU G 198 20.57 -19.94 34.76
N ALA G 199 20.63 -18.92 33.92
CA ALA G 199 20.91 -17.57 34.39
C ALA G 199 19.77 -17.08 35.28
N LEU G 200 18.52 -17.42 34.93
CA LEU G 200 17.40 -17.01 35.79
C LEU G 200 17.44 -17.76 37.11
N LYS G 201 17.89 -19.02 37.08
CA LYS G 201 17.93 -19.78 38.31
C LYS G 201 18.96 -19.17 39.24
N GLN G 202 20.06 -18.66 38.68
CA GLN G 202 21.13 -18.04 39.48
C GLN G 202 20.63 -16.83 40.27
N VAL G 203 19.64 -16.10 39.74
CA VAL G 203 19.10 -14.95 40.48
C VAL G 203 17.68 -15.19 41.04
N GLY G 204 17.27 -16.46 41.12
CA GLY G 204 15.99 -16.84 41.69
C GLY G 204 14.72 -16.57 40.91
N LEU G 205 14.87 -16.33 39.61
CA LEU G 205 13.74 -16.03 38.73
C LEU G 205 13.31 -17.22 37.85
N GLU G 206 13.67 -18.44 38.22
CA GLU G 206 13.38 -19.59 37.38
C GLU G 206 11.91 -19.93 37.16
N ALA G 207 11.00 -19.44 38.01
CA ALA G 207 9.58 -19.68 37.80
C ALA G 207 9.07 -19.01 36.51
N ASP G 208 9.87 -18.12 35.93
CA ASP G 208 9.49 -17.52 34.65
C ASP G 208 9.64 -18.53 33.50
N VAL G 209 10.47 -19.55 33.67
CA VAL G 209 10.72 -20.50 32.56
C VAL G 209 9.48 -21.29 32.16
N PRO G 210 8.71 -21.84 33.10
CA PRO G 210 7.53 -22.58 32.64
C PRO G 210 6.55 -21.67 31.86
N PHE G 211 6.45 -20.39 32.24
CA PHE G 211 5.58 -19.54 31.45
C PHE G 211 6.09 -19.44 30.00
N CYS G 212 7.42 -19.27 29.87
CA CYS G 212 8.04 -19.14 28.54
C CYS G 212 7.91 -20.42 27.73
N ALA G 213 7.74 -21.56 28.41
CA ALA G 213 7.55 -22.84 27.69
C ALA G 213 6.16 -23.12 27.19
N GLN G 214 5.18 -22.27 27.54
CA GLN G 214 3.83 -22.46 27.03
C GLN G 214 3.80 -22.25 25.54
N VAL G 215 3.03 -23.07 24.83
CA VAL G 215 2.94 -22.97 23.37
C VAL G 215 1.56 -22.56 22.88
N ALA G 216 1.54 -21.41 22.17
CA ALA G 216 0.34 -20.91 21.48
C ALA G 216 -0.81 -20.59 22.43
N LYS G 217 -0.46 -20.04 23.56
CA LYS G 217 -1.43 -19.67 24.56
C LYS G 217 -2.05 -18.31 24.27
N SER G 218 -1.30 -17.46 23.57
CA SER G 218 -1.74 -16.08 23.25
C SER G 218 -1.74 -15.83 21.77
N ALA G 219 -2.75 -15.09 21.33
CA ALA G 219 -2.81 -14.69 19.93
C ALA G 219 -2.22 -13.29 19.72
N ALA G 220 -1.70 -12.67 20.79
CA ALA G 220 -1.14 -11.32 20.65
C ALA G 220 0.22 -11.31 19.94
N VAL G 221 0.31 -10.62 18.83
CA VAL G 221 1.58 -10.57 18.12
C VAL G 221 2.08 -9.12 17.99
N PRO G 222 3.12 -8.75 18.75
CA PRO G 222 3.66 -7.39 18.62
C PRO G 222 4.24 -7.23 17.21
N VAL G 223 3.90 -6.12 16.56
CA VAL G 223 4.43 -5.82 15.24
C VAL G 223 5.07 -4.43 15.27
N LEU G 224 6.22 -4.29 14.63
CA LEU G 224 6.90 -2.98 14.63
C LEU G 224 6.12 -1.95 13.80
N ARG G 225 5.85 -0.79 14.43
CA ARG G 225 5.08 0.27 13.76
C ARG G 225 5.83 1.58 13.61
N GLY G 226 6.92 1.75 14.34
CA GLY G 226 7.64 3.01 14.21
C GLY G 226 8.78 3.09 15.21
N ARG G 227 9.33 4.29 15.40
CA ARG G 227 10.46 4.46 16.29
C ARG G 227 10.43 5.89 16.78
N VAL G 228 10.65 6.09 18.07
CA VAL G 228 10.66 7.43 18.64
C VAL G 228 11.97 7.48 19.46
N GLY G 229 12.87 8.40 19.09
CA GLY G 229 14.14 8.45 19.76
C GLY G 229 14.81 7.11 19.48
N GLU G 230 15.30 6.47 20.54
CA GLU G 230 15.98 5.18 20.45
C GLU G 230 15.02 4.00 20.70
N ALA G 231 13.75 4.33 20.89
CA ALA G 231 12.76 3.32 21.16
C ALA G 231 12.01 2.83 19.96
N LEU G 232 11.99 1.52 19.78
CA LEU G 232 11.17 0.91 18.70
C LEU G 232 9.74 0.84 19.23
N ILE G 233 8.77 1.11 18.38
CA ILE G 233 7.38 1.07 18.80
C ILE G 233 6.65 -0.14 18.24
N PHE G 234 6.14 -0.98 19.15
CA PHE G 234 5.37 -2.15 18.73
C PHE G 234 3.93 -2.03 19.16
N LYS G 235 3.05 -2.50 18.32
CA LYS G 235 1.64 -2.52 18.63
C LYS G 235 1.12 -3.91 18.38
N ARG G 236 -0.10 -4.18 18.83
CA ARG G 236 -0.65 -5.52 18.63
C ARG G 236 -1.23 -5.60 17.24
N ALA G 237 -0.85 -6.63 16.48
CA ALA G 237 -1.40 -6.78 15.15
C ALA G 237 -2.91 -7.04 15.21
N MET H 1 34.74 -32.22 31.52
CA MET H 1 35.41 -31.09 30.84
C MET H 1 34.33 -30.29 30.11
N ARG H 2 34.39 -28.95 30.13
CA ARG H 2 33.35 -28.19 29.41
C ARG H 2 33.45 -28.47 27.91
N LEU H 3 32.30 -28.56 27.26
CA LEU H 3 32.19 -28.81 25.82
C LEU H 3 31.35 -27.65 25.26
N ARG H 4 31.94 -26.89 24.35
CA ARG H 4 31.29 -25.70 23.82
C ARG H 4 31.31 -25.69 22.32
N VAL H 5 30.24 -25.19 21.71
CA VAL H 5 30.29 -24.99 20.27
C VAL H 5 29.82 -23.56 20.04
N ASP H 6 30.57 -22.79 19.23
CA ASP H 6 30.16 -21.44 18.83
C ASP H 6 29.72 -21.60 17.38
N VAL H 7 28.45 -21.23 17.12
CA VAL H 7 27.88 -21.41 15.76
C VAL H 7 28.49 -20.54 14.69
N ILE H 8 29.04 -19.40 15.08
CA ILE H 8 29.80 -18.54 14.15
C ILE H 8 30.79 -17.78 15.03
N PRO H 9 31.83 -17.17 14.41
CA PRO H 9 32.82 -16.40 15.16
C PRO H 9 32.18 -15.09 15.60
N GLY H 10 32.82 -14.45 16.57
CA GLY H 10 32.34 -13.19 17.10
C GLY H 10 33.59 -12.45 17.53
N GLU H 11 33.69 -11.19 17.15
CA GLU H 11 34.82 -10.34 17.47
C GLU H 11 35.27 -10.41 18.94
N HIS H 12 34.29 -10.36 19.84
CA HIS H 12 34.57 -10.31 21.26
C HIS H 12 34.56 -11.64 22.01
N LEU H 13 34.27 -12.73 21.32
CA LEU H 13 34.20 -14.03 22.01
C LEU H 13 35.62 -14.48 22.41
N ALA H 14 35.76 -15.08 23.59
CA ALA H 14 37.06 -15.53 24.08
C ALA H 14 37.00 -17.04 24.31
N TYR H 15 38.15 -17.68 24.22
CA TYR H 15 38.28 -19.11 24.42
C TYR H 15 39.36 -19.37 25.44
N PRO H 16 39.01 -19.97 26.58
CA PRO H 16 40.02 -20.24 27.60
C PRO H 16 40.98 -21.39 27.40
N ASP H 17 40.66 -22.31 26.49
CA ASP H 17 41.50 -23.48 26.36
C ASP H 17 41.67 -23.93 24.91
N VAL H 18 41.13 -25.09 24.57
CA VAL H 18 41.29 -25.60 23.20
C VAL H 18 40.16 -25.18 22.24
N VAL H 19 40.54 -24.86 21.01
CA VAL H 19 39.53 -24.57 19.99
C VAL H 19 39.76 -25.42 18.74
N LEU H 20 38.69 -26.09 18.31
CA LEU H 20 38.69 -26.86 17.07
C LEU H 20 37.95 -25.95 16.08
N VAL H 21 38.63 -25.44 15.05
CA VAL H 21 37.96 -24.60 14.06
C VAL H 21 37.45 -25.48 12.92
N VAL H 22 36.19 -25.25 12.54
CA VAL H 22 35.57 -26.06 11.51
C VAL H 22 35.07 -25.24 10.30
N ASP H 23 35.55 -25.58 9.10
CA ASP H 23 35.00 -24.98 7.84
C ASP H 23 35.02 -26.25 6.99
N VAL H 24 34.01 -27.11 7.15
CA VAL H 24 34.07 -28.43 6.54
C VAL H 24 33.93 -28.46 5.01
N ILE H 25 33.14 -27.56 4.46
CA ILE H 25 33.10 -27.43 3.00
C ILE H 25 33.65 -26.01 2.77
N ARG H 26 34.94 -25.84 2.49
CA ARG H 26 35.92 -26.91 2.36
C ARG H 26 37.23 -26.66 3.10
N ALA H 27 37.47 -25.42 3.50
CA ALA H 27 38.76 -25.06 4.07
C ALA H 27 39.45 -25.98 5.07
N THR H 28 38.78 -26.39 6.14
CA THR H 28 39.52 -27.26 7.06
C THR H 28 39.70 -28.65 6.52
N THR H 29 38.79 -29.12 5.66
CA THR H 29 39.00 -30.43 5.06
C THR H 29 40.22 -30.37 4.12
N THR H 30 40.30 -29.33 3.30
CA THR H 30 41.42 -29.15 2.36
C THR H 30 42.73 -29.03 3.15
N ALA H 31 42.67 -28.35 4.28
CA ALA H 31 43.84 -28.19 5.12
C ALA H 31 44.37 -29.53 5.57
N ALA H 32 43.49 -30.40 6.07
CA ALA H 32 43.90 -31.74 6.47
C ALA H 32 44.43 -32.55 5.28
N ALA H 33 43.78 -32.41 4.12
CA ALA H 33 44.21 -33.12 2.93
C ALA H 33 45.63 -32.74 2.52
N PHE H 34 45.99 -31.46 2.58
CA PHE H 34 47.35 -31.00 2.22
C PHE H 34 48.38 -31.61 3.16
N LEU H 35 48.08 -31.61 4.46
CA LEU H 35 49.01 -32.21 5.41
C LEU H 35 49.07 -33.73 5.27
N GLU H 36 47.96 -34.35 4.92
CA GLU H 36 47.93 -35.78 4.74
C GLU H 36 48.84 -36.11 3.53
N ALA H 37 48.94 -35.19 2.60
CA ALA H 37 49.75 -35.35 1.39
C ALA H 37 51.21 -35.00 1.66
N GLY H 38 51.59 -34.94 2.93
CA GLY H 38 52.97 -34.64 3.28
C GLY H 38 53.47 -33.22 3.25
N ALA H 39 52.60 -32.23 3.06
CA ALA H 39 53.05 -30.85 3.03
C ALA H 39 53.79 -30.47 4.33
N GLU H 40 54.82 -29.66 4.18
CA GLU H 40 55.65 -29.22 5.30
C GLU H 40 54.85 -28.38 6.26
N ALA H 41 54.19 -27.39 5.69
CA ALA H 41 53.41 -26.45 6.44
C ALA H 41 52.28 -25.97 5.57
N LEU H 42 51.34 -25.31 6.23
CA LEU H 42 50.17 -24.76 5.60
C LEU H 42 50.08 -23.32 6.08
N TYR H 43 49.96 -22.37 5.15
CA TYR H 43 49.80 -20.95 5.49
C TYR H 43 48.43 -20.49 5.05
N TRP H 44 47.61 -20.05 6.01
CA TRP H 44 46.26 -19.55 5.76
C TRP H 44 46.16 -18.03 5.66
N THR H 45 45.60 -17.53 4.56
CA THR H 45 45.44 -16.08 4.35
C THR H 45 43.97 -15.73 4.17
N PRO H 46 43.58 -14.49 4.50
CA PRO H 46 42.19 -14.02 4.39
C PRO H 46 41.73 -13.54 3.01
N SER H 47 42.62 -13.55 2.05
CA SER H 47 42.27 -13.07 0.70
C SER H 47 43.26 -13.53 -0.34
N LEU H 48 42.85 -13.53 -1.60
CA LEU H 48 43.75 -13.93 -2.67
C LEU H 48 44.95 -12.99 -2.67
N GLU H 49 44.70 -11.70 -2.48
CA GLU H 49 45.82 -10.77 -2.51
C GLU H 49 46.89 -11.03 -1.45
N SER H 50 46.50 -11.34 -0.21
CA SER H 50 47.51 -11.60 0.80
C SER H 50 48.24 -12.92 0.53
N ALA H 51 47.60 -13.82 -0.22
CA ALA H 51 48.26 -15.08 -0.56
C ALA H 51 49.25 -14.82 -1.70
N LEU H 52 48.86 -13.95 -2.63
CA LEU H 52 49.73 -13.65 -3.76
C LEU H 52 51.02 -13.08 -3.25
N ALA H 53 50.94 -12.42 -2.10
CA ALA H 53 52.11 -11.84 -1.50
C ALA H 53 53.22 -12.85 -1.26
N PHE H 54 52.96 -14.14 -1.52
CA PHE H 54 53.96 -15.20 -1.30
C PHE H 54 54.48 -15.88 -2.57
N LYS H 55 54.02 -15.48 -3.75
CA LYS H 55 54.47 -16.15 -4.96
C LYS H 55 55.98 -16.10 -5.22
N ASP H 56 56.59 -14.94 -4.98
CA ASP H 56 58.04 -14.81 -5.16
C ASP H 56 58.76 -15.84 -4.31
N GLU H 57 58.06 -16.36 -3.31
CA GLU H 57 58.68 -17.35 -2.46
C GLU H 57 58.39 -18.77 -2.88
N ASP H 58 59.18 -19.70 -2.34
CA ASP H 58 59.07 -21.13 -2.63
C ASP H 58 57.85 -21.77 -1.95
N VAL H 59 56.67 -21.58 -2.55
CA VAL H 59 55.44 -22.10 -1.97
C VAL H 59 54.48 -22.52 -3.07
N VAL H 60 53.49 -23.31 -2.70
CA VAL H 60 52.44 -23.73 -3.63
C VAL H 60 51.25 -22.84 -3.25
N LEU H 61 50.58 -22.25 -4.22
CA LEU H 61 49.46 -21.37 -3.92
C LEU H 61 48.11 -21.99 -4.31
N ALA H 62 47.14 -21.87 -3.41
CA ALA H 62 45.78 -22.38 -3.62
C ALA H 62 44.70 -21.31 -3.35
N GLY H 63 43.74 -21.20 -4.27
CA GLY H 63 42.65 -20.24 -4.14
C GLY H 63 41.60 -20.34 -5.23
N GLU H 64 40.48 -19.67 -5.07
CA GLU H 64 39.43 -19.76 -6.07
C GLU H 64 38.44 -18.63 -6.01
N THR H 65 37.82 -18.38 -7.15
CA THR H 65 36.82 -17.34 -7.29
C THR H 65 35.83 -17.80 -8.33
N GLY H 66 34.56 -17.86 -7.93
CA GLY H 66 33.50 -18.28 -8.83
C GLY H 66 33.77 -19.66 -9.43
N GLY H 67 34.41 -20.53 -8.64
CA GLY H 67 34.71 -21.87 -9.10
C GLY H 67 35.91 -22.03 -10.00
N LEU H 68 36.62 -20.91 -10.23
CA LEU H 68 37.79 -20.87 -11.09
C LEU H 68 39.00 -20.48 -10.26
N LYS H 69 40.11 -21.15 -10.54
CA LYS H 69 41.37 -20.87 -9.87
C LYS H 69 41.86 -19.60 -10.49
N PRO H 70 42.43 -18.68 -9.71
CA PRO H 70 42.93 -17.48 -10.38
C PRO H 70 44.31 -17.81 -10.96
N PRO H 71 44.80 -17.02 -11.95
CA PRO H 71 46.08 -17.08 -12.73
C PRO H 71 47.40 -17.37 -11.97
N ARG H 72 47.87 -16.44 -11.17
CA ARG H 72 49.11 -16.70 -10.43
C ARG H 72 48.92 -17.87 -9.45
N PHE H 73 47.74 -18.52 -9.42
CA PHE H 73 47.58 -19.65 -8.49
C PHE H 73 47.86 -21.01 -9.09
N ASP H 74 48.34 -21.91 -8.24
CA ASP H 74 48.66 -23.27 -8.62
C ASP H 74 47.53 -24.27 -8.47
N LEU H 75 46.82 -24.21 -7.34
CA LEU H 75 45.71 -25.14 -7.08
C LEU H 75 44.46 -24.36 -6.70
N GLY H 76 43.32 -25.06 -6.70
CA GLY H 76 42.07 -24.43 -6.30
C GLY H 76 41.87 -24.88 -4.86
N ASN H 77 40.61 -24.87 -4.39
CA ASN H 77 40.35 -25.27 -3.01
C ASN H 77 39.73 -26.65 -2.85
N SER H 78 39.80 -27.47 -3.88
CA SER H 78 39.24 -28.81 -3.77
C SER H 78 40.12 -29.74 -2.93
N PRO H 79 39.54 -30.44 -1.94
CA PRO H 79 40.35 -31.33 -1.12
C PRO H 79 40.91 -32.58 -1.80
N ARG H 80 40.21 -33.12 -2.82
CA ARG H 80 40.73 -34.30 -3.51
C ARG H 80 41.99 -33.87 -4.28
N GLU H 81 41.90 -32.69 -4.86
CA GLU H 81 42.99 -32.06 -5.63
C GLU H 81 44.17 -31.89 -4.66
N ALA H 82 43.89 -31.35 -3.47
CA ALA H 82 44.97 -31.17 -2.50
C ALA H 82 45.65 -32.49 -2.15
N LEU H 83 44.88 -33.53 -1.84
CA LEU H 83 45.38 -34.84 -1.45
C LEU H 83 46.25 -35.46 -2.53
N SER H 84 46.06 -35.00 -3.77
CA SER H 84 46.84 -35.51 -4.91
C SER H 84 47.88 -34.54 -5.44
N ALA H 85 48.03 -33.40 -4.81
CA ALA H 85 49.03 -32.44 -5.27
C ALA H 85 50.44 -32.88 -4.86
N GLN H 86 51.41 -32.48 -5.64
CA GLN H 86 52.78 -32.84 -5.30
C GLN H 86 53.27 -31.76 -4.35
N VAL H 87 52.89 -31.91 -3.08
CA VAL H 87 53.24 -30.94 -2.07
C VAL H 87 54.08 -31.57 -0.99
N ALA H 88 54.44 -32.83 -1.17
CA ALA H 88 55.23 -33.51 -0.16
C ALA H 88 56.51 -32.71 0.10
N GLY H 89 56.73 -32.38 1.37
CA GLY H 89 57.90 -31.60 1.77
C GLY H 89 57.80 -30.13 1.42
N ARG H 90 56.64 -29.69 0.93
CA ARG H 90 56.46 -28.29 0.51
C ARG H 90 55.56 -27.42 1.37
N VAL H 91 55.67 -26.11 1.18
CA VAL H 91 54.84 -25.18 1.92
C VAL H 91 53.67 -24.75 1.03
N VAL H 92 52.44 -24.95 1.52
CA VAL H 92 51.24 -24.59 0.76
C VAL H 92 50.57 -23.37 1.36
N VAL H 93 50.25 -22.38 0.52
CA VAL H 93 49.57 -21.18 0.93
C VAL H 93 48.11 -21.17 0.46
N MET H 94 47.18 -21.26 1.41
CA MET H 94 45.76 -21.30 1.09
C MET H 94 45.01 -20.04 1.41
N SER H 95 44.24 -19.51 0.46
CA SER H 95 43.44 -18.31 0.72
C SER H 95 42.01 -18.71 1.09
N THR H 96 41.54 -18.30 2.28
CA THR H 96 40.18 -18.58 2.77
C THR H 96 39.61 -17.48 3.69
N THR H 97 38.51 -16.87 3.28
CA THR H 97 37.95 -15.78 4.05
C THR H 97 37.26 -16.13 5.37
N ASN H 98 36.31 -17.03 5.35
CA ASN H 98 35.65 -17.31 6.60
C ASN H 98 36.54 -18.19 7.47
N GLY H 99 37.41 -19.00 6.84
CA GLY H 99 38.31 -19.89 7.57
C GLY H 99 39.35 -19.11 8.37
N THR H 100 39.94 -18.12 7.72
CA THR H 100 40.96 -17.28 8.38
C THR H 100 40.33 -16.38 9.41
N LYS H 101 39.16 -15.82 9.10
CA LYS H 101 38.49 -14.97 10.07
C LYS H 101 38.19 -15.79 11.32
N ALA H 102 37.82 -17.06 11.13
CA ALA H 102 37.53 -17.87 12.29
C ALA H 102 38.80 -18.25 13.07
N ALA H 103 39.84 -18.73 12.38
CA ALA H 103 41.07 -19.13 13.06
C ALA H 103 41.71 -17.94 13.78
N HIS H 104 41.65 -16.77 13.15
CA HIS H 104 42.21 -15.56 13.75
C HIS H 104 41.45 -15.20 15.04
N ALA H 105 40.12 -15.28 14.98
CA ALA H 105 39.28 -14.97 16.12
C ALA H 105 39.63 -15.91 17.29
N ALA H 106 39.76 -17.19 16.99
CA ALA H 106 40.12 -18.16 18.03
C ALA H 106 41.52 -17.90 18.63
N ALA H 107 42.44 -17.58 17.74
CA ALA H 107 43.83 -17.37 18.15
C ALA H 107 44.06 -16.19 19.06
N ARG H 108 43.15 -15.22 19.11
CA ARG H 108 43.33 -14.06 19.99
C ARG H 108 43.39 -14.48 21.45
N THR H 109 42.75 -15.59 21.79
CA THR H 109 42.71 -16.01 23.17
C THR H 109 42.96 -17.48 23.49
N ALA H 110 42.79 -18.36 22.51
CA ALA H 110 42.93 -19.80 22.76
C ALA H 110 44.32 -20.29 23.15
N LYS H 111 44.38 -21.36 23.93
CA LYS H 111 45.68 -21.96 24.26
C LYS H 111 46.14 -22.80 23.05
N HIS H 112 45.18 -23.41 22.36
CA HIS H 112 45.53 -24.26 21.21
C HIS H 112 44.45 -24.09 20.15
N VAL H 113 44.87 -24.06 18.90
CA VAL H 113 43.93 -23.93 17.77
C VAL H 113 44.20 -25.08 16.77
N LEU H 114 43.20 -25.95 16.58
CA LEU H 114 43.26 -27.14 15.72
C LEU H 114 42.28 -26.99 14.59
N LEU H 115 42.63 -27.48 13.40
CA LEU H 115 41.66 -27.37 12.27
C LEU H 115 40.99 -28.72 12.14
N ALA H 116 39.68 -28.73 12.31
CA ALA H 116 38.90 -29.98 12.31
C ALA H 116 37.89 -30.07 11.19
N SER H 117 37.66 -31.29 10.74
CA SER H 117 36.70 -31.58 9.65
C SER H 117 36.12 -32.96 9.91
N LEU H 118 35.14 -33.41 9.11
CA LEU H 118 34.70 -34.79 9.29
C LEU H 118 35.92 -35.70 8.93
N TYR H 119 36.64 -35.29 7.88
CA TYR H 119 37.78 -36.05 7.33
C TYR H 119 38.79 -36.44 8.38
N ASN H 120 39.12 -35.52 9.31
CA ASN H 120 40.08 -35.88 10.38
C ASN H 120 39.41 -35.85 11.74
N ALA H 121 38.10 -36.11 11.79
CA ALA H 121 37.43 -35.85 13.06
C ALA H 121 37.84 -36.61 14.29
N HIS H 122 38.11 -37.89 14.14
CA HIS H 122 38.44 -38.68 15.31
C HIS H 122 39.80 -38.23 15.83
N ALA H 123 40.77 -38.08 14.94
CA ALA H 123 42.11 -37.61 15.37
C ALA H 123 42.07 -36.22 16.00
N ALA H 124 41.25 -35.36 15.43
CA ALA H 124 41.12 -34.02 15.95
C ALA H 124 40.49 -34.04 17.35
N ALA H 125 39.41 -34.80 17.55
CA ALA H 125 38.77 -34.92 18.86
C ALA H 125 39.74 -35.54 19.89
N ARG H 126 40.50 -36.56 19.49
CA ARG H 126 41.45 -37.19 20.43
C ARG H 126 42.52 -36.20 20.86
N LEU H 127 43.05 -35.46 19.91
CA LEU H 127 44.08 -34.47 20.25
C LEU H 127 43.54 -33.38 21.16
N ALA H 128 42.29 -32.97 20.91
CA ALA H 128 41.71 -31.90 21.70
C ALA H 128 41.58 -32.38 23.12
N ARG H 129 41.12 -33.60 23.30
CA ARG H 129 41.01 -34.16 24.65
C ARG H 129 42.40 -34.27 25.30
N GLU H 130 43.40 -34.71 24.55
CA GLU H 130 44.75 -34.84 25.13
C GLU H 130 45.28 -33.50 25.60
N LEU H 131 44.98 -32.44 24.88
CA LEU H 131 45.49 -31.13 25.24
C LEU H 131 44.71 -30.33 26.29
N ALA H 132 43.39 -30.54 26.35
CA ALA H 132 42.55 -29.69 27.22
C ALA H 132 42.62 -29.97 28.71
N THR H 133 42.35 -28.93 29.50
CA THR H 133 42.24 -29.13 30.96
C THR H 133 40.94 -28.57 31.51
N GLU H 134 40.37 -27.62 30.82
CA GLU H 134 39.10 -27.11 31.28
C GLU H 134 38.05 -27.05 30.20
N GLU H 135 38.45 -26.97 28.92
CA GLU H 135 37.43 -26.79 27.88
C GLU H 135 37.87 -27.12 26.47
N VAL H 136 36.97 -27.81 25.76
CA VAL H 136 37.20 -27.96 24.33
C VAL H 136 36.05 -27.18 23.69
N ALA H 137 36.42 -26.16 22.89
CA ALA H 137 35.41 -25.37 22.18
C ALA H 137 35.56 -25.70 20.70
N ILE H 138 34.42 -25.77 19.99
CA ILE H 138 34.45 -25.97 18.54
C ILE H 138 33.87 -24.68 17.95
N LEU H 139 34.64 -24.03 17.08
CA LEU H 139 34.21 -22.77 16.43
C LEU H 139 33.88 -23.04 14.99
N CYS H 140 32.59 -22.88 14.66
CA CYS H 140 32.13 -23.08 13.28
C CYS H 140 32.36 -21.80 12.50
N ALA H 141 32.93 -21.88 11.32
CA ALA H 141 33.22 -20.66 10.55
C ALA H 141 31.98 -20.03 9.96
N GLY H 142 31.05 -20.89 9.56
CA GLY H 142 29.86 -20.38 8.92
C GLY H 142 30.19 -19.58 7.66
N LYS H 143 29.35 -18.59 7.35
CA LYS H 143 29.59 -17.79 6.16
C LYS H 143 28.97 -16.41 6.38
N GLU H 144 29.85 -15.41 6.45
CA GLU H 144 29.42 -14.04 6.63
C GLU H 144 28.36 -13.80 7.69
N GLY H 145 28.58 -14.39 8.86
CA GLY H 145 27.68 -14.13 9.97
C GLY H 145 26.48 -15.04 10.08
N ARG H 146 26.34 -16.03 9.18
CA ARG H 146 25.23 -16.98 9.29
C ARG H 146 25.84 -18.38 9.45
N ALA H 147 25.20 -19.21 10.26
CA ALA H 147 25.70 -20.55 10.54
C ALA H 147 25.44 -21.51 9.40
N GLY H 148 26.31 -22.51 9.32
CA GLY H 148 26.15 -23.49 8.25
C GLY H 148 25.73 -24.85 8.82
N LEU H 149 24.76 -25.48 8.17
CA LEU H 149 24.29 -26.82 8.60
C LEU H 149 25.45 -27.82 8.59
N ASP H 150 26.30 -27.71 7.57
CA ASP H 150 27.45 -28.61 7.44
C ASP H 150 28.47 -28.44 8.58
N ASP H 151 28.79 -27.20 8.93
CA ASP H 151 29.76 -26.97 10.01
C ASP H 151 29.14 -27.44 11.33
N LEU H 152 27.84 -27.15 11.57
CA LEU H 152 27.24 -27.60 12.84
C LEU H 152 27.14 -29.12 12.91
N TYR H 153 26.84 -29.77 11.77
CA TYR H 153 26.80 -31.21 11.79
C TYR H 153 28.16 -31.73 12.21
N THR H 154 29.21 -31.12 11.66
CA THR H 154 30.59 -31.56 11.95
C THR H 154 30.93 -31.33 13.41
N ALA H 155 30.52 -30.17 13.92
CA ALA H 155 30.74 -29.90 15.36
C ALA H 155 30.01 -30.93 16.18
N GLY H 156 28.85 -31.40 15.73
CA GLY H 156 28.12 -32.43 16.49
C GLY H 156 28.84 -33.78 16.50
N VAL H 157 29.46 -34.14 15.37
CA VAL H 157 30.26 -35.38 15.31
C VAL H 157 31.43 -35.26 16.28
N LEU H 158 32.10 -34.10 16.27
CA LEU H 158 33.21 -33.93 17.22
C LEU H 158 32.74 -34.01 18.64
N ALA H 159 31.64 -33.29 18.93
CA ALA H 159 31.08 -33.33 20.28
C ALA H 159 30.67 -34.71 20.71
N GLU H 160 30.11 -35.51 19.80
CA GLU H 160 29.69 -36.85 20.17
C GLU H 160 30.93 -37.69 20.51
N TYR H 161 31.98 -37.58 19.69
CA TYR H 161 33.21 -38.34 20.03
C TYR H 161 33.70 -37.97 21.42
N LEU H 162 33.79 -36.67 21.64
CA LEU H 162 34.33 -36.19 22.94
C LEU H 162 33.53 -36.72 24.11
N GLY H 163 32.19 -36.84 23.99
CA GLY H 163 31.40 -37.35 25.09
C GLY H 163 31.41 -38.86 25.22
N PHE H 164 31.86 -39.55 24.19
CA PHE H 164 32.04 -41.00 24.36
C PHE H 164 33.39 -41.27 25.00
N LEU H 165 34.37 -40.40 24.80
CA LEU H 165 35.74 -40.63 25.31
C LEU H 165 35.95 -40.12 26.69
N GLY H 166 35.04 -39.27 27.17
CA GLY H 166 35.24 -38.76 28.52
C GLY H 166 34.04 -37.99 29.02
N GLU H 167 34.07 -37.47 30.26
CA GLU H 167 32.93 -36.74 30.77
C GLU H 167 32.92 -35.35 30.17
N VAL H 168 31.75 -34.88 29.73
CA VAL H 168 31.68 -33.54 29.15
C VAL H 168 30.49 -32.83 29.76
N GLU H 169 30.60 -31.52 29.85
CA GLU H 169 29.51 -30.65 30.33
C GLU H 169 29.19 -29.68 29.16
N PRO H 170 28.19 -30.03 28.35
CA PRO H 170 27.85 -29.17 27.20
C PRO H 170 27.10 -27.94 27.48
N GLU H 171 27.40 -26.91 26.72
CA GLU H 171 26.60 -25.70 26.82
C GLU H 171 25.62 -25.66 25.62
N ASP H 172 24.96 -24.52 25.41
CA ASP H 172 23.92 -24.45 24.37
C ASP H 172 24.34 -24.85 22.99
N GLY H 173 25.45 -24.28 22.56
CA GLY H 173 25.90 -24.55 21.21
C GLY H 173 26.19 -26.02 21.02
N ALA H 174 26.80 -26.65 22.01
CA ALA H 174 27.09 -28.08 21.90
C ALA H 174 25.79 -28.92 21.84
N ARG H 175 24.77 -28.54 22.59
CA ARG H 175 23.51 -29.25 22.54
C ARG H 175 22.89 -29.06 21.14
N VAL H 176 23.02 -27.87 20.56
CA VAL H 176 22.47 -27.66 19.23
C VAL H 176 23.25 -28.49 18.20
N ALA H 177 24.57 -28.55 18.34
CA ALA H 177 25.37 -29.29 17.36
C ALA H 177 25.04 -30.79 17.47
N LEU H 178 24.92 -31.29 18.70
CA LEU H 178 24.58 -32.73 18.87
C LEU H 178 23.21 -33.01 18.26
N ALA H 179 22.23 -32.09 18.42
CA ALA H 179 20.90 -32.33 17.83
C ALA H 179 21.04 -32.40 16.29
N VAL H 180 21.88 -31.55 15.71
CA VAL H 180 22.07 -31.59 14.25
C VAL H 180 22.71 -32.93 13.83
N LYS H 181 23.78 -33.35 14.49
CA LYS H 181 24.43 -34.59 14.12
C LYS H 181 23.44 -35.77 14.27
N ARG H 182 22.68 -35.81 15.37
CA ARG H 182 21.75 -36.89 15.62
C ARG H 182 20.56 -36.92 14.67
N ALA H 183 20.30 -35.81 13.97
CA ALA H 183 19.17 -35.72 13.01
C ALA H 183 19.50 -36.30 11.61
N TYR H 184 20.79 -36.48 11.31
CA TYR H 184 21.21 -36.95 9.99
C TYR H 184 22.16 -38.11 10.16
N PRO H 185 21.64 -39.32 10.02
CA PRO H 185 22.43 -40.54 10.17
C PRO H 185 23.58 -40.61 9.16
N ASP H 186 23.34 -40.10 7.95
CA ASP H 186 24.36 -40.07 6.90
C ASP H 186 24.93 -38.64 6.79
N PRO H 187 26.20 -38.47 7.09
CA PRO H 187 26.82 -37.14 7.01
C PRO H 187 26.61 -36.52 5.61
N LEU H 188 26.58 -37.35 4.55
CA LEU H 188 26.43 -36.75 3.25
C LEU H 188 25.03 -36.14 3.07
N GLU H 189 24.06 -36.64 3.80
CA GLU H 189 22.76 -35.96 3.66
C GLU H 189 22.82 -34.55 4.25
N ALA H 190 23.38 -34.41 5.46
CA ALA H 190 23.51 -33.07 6.02
C ALA H 190 24.35 -32.16 5.16
N LEU H 191 25.50 -32.64 4.70
CA LEU H 191 26.36 -31.77 3.89
C LEU H 191 25.73 -31.42 2.54
N SER H 192 25.07 -32.38 1.87
CA SER H 192 24.48 -32.13 0.54
C SER H 192 23.35 -31.13 0.57
N LEU H 193 22.65 -31.03 1.72
CA LEU H 193 21.55 -30.08 1.84
C LEU H 193 22.04 -28.69 2.18
N SER H 194 23.30 -28.59 2.62
CA SER H 194 23.81 -27.28 3.05
C SER H 194 24.06 -26.26 1.97
N ALA H 195 23.99 -24.99 2.36
CA ALA H 195 24.24 -23.89 1.45
C ALA H 195 25.63 -24.03 0.85
N ALA H 196 26.63 -24.48 1.63
CA ALA H 196 27.97 -24.58 1.06
C ALA H 196 28.01 -25.60 -0.07
N ALA H 197 27.31 -26.72 0.10
CA ALA H 197 27.26 -27.71 -0.97
C ALA H 197 26.53 -27.17 -2.19
N LEU H 198 25.45 -26.39 -1.95
CA LEU H 198 24.67 -25.86 -3.09
C LEU H 198 25.51 -24.86 -3.86
N ALA H 199 26.36 -24.10 -3.17
CA ALA H 199 27.24 -23.13 -3.80
C ALA H 199 28.27 -23.85 -4.68
N LEU H 200 28.75 -25.02 -4.26
CA LEU H 200 29.70 -25.75 -5.07
C LEU H 200 28.99 -26.33 -6.28
N LYS H 201 27.75 -26.79 -6.10
CA LYS H 201 27.05 -27.34 -7.28
C LYS H 201 26.87 -26.27 -8.29
N GLN H 202 26.67 -25.04 -7.82
CA GLN H 202 26.51 -23.94 -8.75
C GLN H 202 27.72 -23.76 -9.65
N VAL H 203 28.93 -23.97 -9.13
CA VAL H 203 30.13 -23.82 -9.96
C VAL H 203 30.77 -25.14 -10.43
N GLY H 204 29.93 -26.19 -10.44
CA GLY H 204 30.37 -27.51 -10.90
C GLY H 204 31.38 -28.26 -10.06
N LEU H 205 31.50 -27.87 -8.80
CA LEU H 205 32.43 -28.50 -7.91
C LEU H 205 31.78 -29.44 -6.87
N GLU H 206 30.55 -29.85 -7.14
CA GLU H 206 29.86 -30.74 -6.21
C GLU H 206 30.55 -32.07 -5.87
N ALA H 207 31.47 -32.54 -6.71
CA ALA H 207 32.17 -33.79 -6.37
C ALA H 207 33.05 -33.58 -5.12
N ASP H 208 33.27 -32.33 -4.72
CA ASP H 208 34.08 -32.15 -3.51
C ASP H 208 33.25 -32.55 -2.30
N VAL H 209 31.92 -32.57 -2.44
CA VAL H 209 31.11 -32.83 -1.23
C VAL H 209 31.27 -34.23 -0.64
N PRO H 210 31.23 -35.30 -1.46
CA PRO H 210 31.39 -36.65 -0.89
C PRO H 210 32.77 -36.79 -0.22
N PHE H 211 33.79 -36.09 -0.73
CA PHE H 211 35.09 -36.16 -0.08
C PHE H 211 34.97 -35.56 1.35
N CYS H 212 34.31 -34.41 1.41
CA CYS H 212 34.14 -33.76 2.73
C CYS H 212 33.25 -34.52 3.72
N ALA H 213 32.42 -35.44 3.22
CA ALA H 213 31.54 -36.23 4.09
C ALA H 213 32.22 -37.50 4.67
N GLN H 214 33.44 -37.81 4.23
CA GLN H 214 34.17 -38.95 4.79
C GLN H 214 34.44 -38.66 6.27
N VAL H 215 34.33 -39.68 7.13
CA VAL H 215 34.58 -39.44 8.55
C VAL H 215 35.76 -40.23 9.08
N ALA H 216 36.71 -39.48 9.62
CA ALA H 216 37.88 -40.08 10.30
C ALA H 216 38.72 -40.95 9.39
N LYS H 217 38.97 -40.49 8.18
CA LYS H 217 39.79 -41.23 7.24
C LYS H 217 41.23 -40.81 7.41
N SER H 218 41.45 -39.60 7.93
CA SER H 218 42.80 -39.09 8.13
C SER H 218 43.13 -38.78 9.57
N ALA H 219 44.36 -39.06 9.95
CA ALA H 219 44.79 -38.68 11.31
C ALA H 219 45.59 -37.35 11.32
N ALA H 220 45.66 -36.66 10.18
CA ALA H 220 46.38 -35.39 10.11
C ALA H 220 45.59 -34.22 10.75
N VAL H 221 46.16 -33.58 11.77
CA VAL H 221 45.47 -32.46 12.40
C VAL H 221 46.29 -31.18 12.34
N PRO H 222 45.91 -30.19 11.51
CA PRO H 222 46.63 -28.91 11.39
C PRO H 222 46.54 -28.17 12.70
N VAL H 223 47.67 -27.66 13.20
CA VAL H 223 47.66 -26.90 14.46
C VAL H 223 48.38 -25.61 14.25
N LEU H 224 47.85 -24.55 14.85
CA LEU H 224 48.41 -23.21 14.69
C LEU H 224 49.77 -23.10 15.36
N ARG H 225 50.73 -22.58 14.60
CA ARG H 225 52.12 -22.44 15.13
C ARG H 225 52.67 -21.03 15.08
N GLY H 226 51.98 -20.10 14.42
CA GLY H 226 52.52 -18.75 14.37
C GLY H 226 51.93 -17.93 13.23
N ARG H 227 52.59 -16.83 12.89
CA ARG H 227 52.16 -15.91 11.84
C ARG H 227 53.35 -15.11 11.33
N LEU H 232 48.51 -17.17 8.83
CA LEU H 232 48.65 -18.09 9.96
C LEU H 232 49.33 -19.35 9.52
N ILE H 233 50.25 -19.85 10.31
CA ILE H 233 50.99 -21.05 10.01
C ILE H 233 50.45 -22.27 10.78
N PHE H 234 50.12 -23.33 10.06
CA PHE H 234 49.67 -24.59 10.63
C PHE H 234 50.62 -25.70 10.25
N LYS H 235 50.89 -26.62 11.18
CA LYS H 235 51.75 -27.78 10.94
C LYS H 235 50.98 -29.02 11.32
N ARG H 236 51.42 -30.19 10.91
CA ARG H 236 50.75 -31.43 11.23
C ARG H 236 51.09 -31.88 12.65
N ALA H 237 50.06 -32.04 13.49
CA ALA H 237 50.34 -32.44 14.88
C ALA H 237 50.69 -33.92 15.09
#